data_3MOP
#
_entry.id   3MOP
#
_cell.length_a   101.709
_cell.length_b   307.116
_cell.length_c   187.619
_cell.angle_alpha   90.000
_cell.angle_beta   90.000
_cell.angle_gamma   90.000
#
_symmetry.space_group_name_H-M   'C 2 2 21'
#
loop_
_entity.id
_entity.type
_entity.pdbx_description
1 polymer 'Myeloid differentiation primary response protein MyD88'
2 polymer 'Interleukin-1 receptor-associated kinase 4'
3 polymer 'Interleukin-1 receptor-associated kinase-like 2'
#
loop_
_entity_poly.entity_id
_entity_poly.type
_entity_poly.pdbx_seq_one_letter_code
_entity_poly.pdbx_strand_id
1 'polypeptide(L)'
;MLPLAALNMRVRRRLSLFLNVRTQVAADWTALAEEMDFEYLEIRQLETQADPTGRLLDAWQGRPGASVGRLLELLTKLGR
DDVLLELGPSIEEDCQKYIAAALEHHHHHH
;
A,B,C,D,E,F
2 'polypeptide(L)'
;MGPITPSTYVRCLNVGLIRKLSDFIDPQEGWKKLAVAIKKPSGDDRYNQFHIRRFEALLQTGKSPTSELLFDWGTTNCTV
GDLVDLLIQNEFFAPASLLLPDAVPLEHHHHHH
;
G,H,I,J
3 'polypeptide(L)'
;ACYIYQLPSWVLDDLCRNMDALSEWDWMEFASYVITDLTQLRKIKSMEWVQGVSITRELLWWWGMRQATVQQLVDLLCRL
ELYRAAQIILNWKPAPEIRCPIPAFPDSVKP
;
K,L,M,N
#
# COMPACT_ATOMS: atom_id res chain seq x y z
N MET A 1 -42.18 -35.17 -3.80
CA MET A 1 -42.22 -36.59 -4.12
C MET A 1 -42.21 -37.48 -2.87
N LEU A 2 -41.03 -38.01 -2.54
CA LEU A 2 -40.88 -39.03 -1.50
C LEU A 2 -39.98 -38.56 -0.36
N PRO A 3 -40.08 -39.22 0.81
CA PRO A 3 -39.34 -38.77 1.98
C PRO A 3 -37.86 -38.74 1.70
N LEU A 4 -37.14 -37.90 2.43
CA LEU A 4 -35.70 -37.74 2.21
C LEU A 4 -34.98 -39.07 2.42
N ALA A 5 -35.55 -39.90 3.29
CA ALA A 5 -34.92 -41.17 3.64
C ALA A 5 -34.41 -41.92 2.41
N ALA A 6 -35.11 -41.73 1.29
CA ALA A 6 -34.76 -42.41 0.05
C ALA A 6 -33.27 -42.34 -0.23
N LEU A 7 -32.71 -41.14 -0.06
CA LEU A 7 -31.34 -40.90 -0.50
C LEU A 7 -30.30 -41.64 0.35
N ASN A 8 -29.51 -42.47 -0.33
CA ASN A 8 -28.51 -43.31 0.32
C ASN A 8 -27.40 -42.51 0.99
N MET A 9 -26.28 -43.18 1.24
CA MET A 9 -25.12 -42.57 1.85
C MET A 9 -24.41 -41.63 0.87
N ARG A 10 -23.81 -42.22 -0.16
CA ARG A 10 -23.14 -41.48 -1.22
C ARG A 10 -23.54 -40.03 -1.28
N VAL A 11 -24.74 -39.78 -1.78
CA VAL A 11 -25.15 -38.42 -2.12
C VAL A 11 -25.38 -37.51 -0.91
N ARG A 12 -25.89 -38.05 0.19
CA ARG A 12 -26.08 -37.26 1.40
C ARG A 12 -24.73 -36.73 1.88
N ARG A 13 -23.65 -37.28 1.32
CA ARG A 13 -22.32 -36.79 1.62
C ARG A 13 -21.81 -35.82 0.55
N ARG A 14 -21.87 -36.24 -0.73
CA ARG A 14 -21.58 -35.31 -1.81
C ARG A 14 -22.46 -34.07 -1.67
N LEU A 15 -23.76 -34.26 -1.48
CA LEU A 15 -24.66 -33.13 -1.24
C LEU A 15 -24.06 -32.22 -0.19
N SER A 16 -23.36 -32.79 0.78
CA SER A 16 -22.75 -31.99 1.85
C SER A 16 -21.43 -31.39 1.39
N LEU A 17 -20.58 -32.17 0.70
CA LEU A 17 -19.33 -31.60 0.20
C LEU A 17 -19.59 -30.31 -0.55
N PHE A 18 -20.70 -30.28 -1.31
CA PHE A 18 -21.08 -29.13 -2.15
C PHE A 18 -21.72 -27.98 -1.40
N LEU A 19 -22.77 -28.26 -0.64
CA LEU A 19 -23.51 -27.14 -0.08
C LEU A 19 -22.87 -26.52 1.18
N ASN A 20 -21.85 -27.16 1.75
CA ASN A 20 -21.21 -26.53 2.92
C ASN A 20 -19.76 -26.14 2.69
N VAL A 21 -19.48 -25.74 1.46
CA VAL A 21 -18.38 -24.85 1.16
C VAL A 21 -19.00 -23.47 1.40
N ARG A 22 -18.72 -22.85 2.56
CA ARG A 22 -19.39 -21.58 2.87
C ARG A 22 -18.80 -20.45 2.05
N THR A 23 -19.69 -19.76 1.32
CA THR A 23 -19.30 -18.63 0.51
C THR A 23 -20.31 -17.50 0.70
N GLN A 24 -19.83 -16.38 1.24
CA GLN A 24 -20.64 -15.21 1.64
C GLN A 24 -21.17 -14.41 0.46
N VAL A 25 -20.76 -14.78 -0.74
CA VAL A 25 -21.10 -14.02 -1.94
C VAL A 25 -22.16 -14.74 -2.76
N ALA A 26 -22.05 -16.07 -2.85
CA ALA A 26 -23.01 -16.90 -3.58
C ALA A 26 -23.90 -17.73 -2.65
N ALA A 27 -24.29 -18.93 -3.09
CA ALA A 27 -25.36 -19.65 -2.38
C ALA A 27 -24.99 -20.99 -1.66
N ASP A 28 -24.81 -20.93 -0.34
CA ASP A 28 -24.40 -22.13 0.39
C ASP A 28 -25.55 -22.74 1.19
N TRP A 29 -25.22 -23.71 2.03
CA TRP A 29 -26.24 -24.48 2.75
C TRP A 29 -27.17 -23.60 3.60
N THR A 30 -26.69 -22.40 3.98
CA THR A 30 -27.46 -21.42 4.77
C THR A 30 -28.57 -20.81 3.92
N ALA A 31 -28.18 -20.33 2.74
CA ALA A 31 -29.12 -19.77 1.79
C ALA A 31 -30.15 -20.81 1.38
N LEU A 32 -29.81 -22.10 1.57
CA LEU A 32 -30.74 -23.22 1.42
C LEU A 32 -31.60 -23.38 2.68
N ALA A 33 -30.92 -23.60 3.80
CA ALA A 33 -31.57 -23.67 5.12
C ALA A 33 -32.68 -22.64 5.28
N GLU A 34 -32.48 -21.45 4.74
CA GLU A 34 -33.48 -20.40 4.86
C GLU A 34 -34.58 -20.55 3.82
N GLU A 35 -34.34 -21.38 2.81
CA GLU A 35 -35.36 -21.72 1.82
C GLU A 35 -36.18 -22.93 2.27
N MET A 36 -35.70 -23.58 3.32
CA MET A 36 -36.42 -24.68 3.92
C MET A 36 -37.09 -24.16 5.19
N ASP A 37 -37.23 -22.84 5.24
CA ASP A 37 -38.00 -22.15 6.27
C ASP A 37 -37.41 -22.30 7.68
N PHE A 38 -36.08 -22.35 7.80
CA PHE A 38 -35.42 -22.40 9.10
C PHE A 38 -35.25 -20.98 9.65
N GLU A 39 -35.44 -20.79 10.95
CA GLU A 39 -35.26 -19.48 11.55
C GLU A 39 -33.78 -19.13 11.65
N TYR A 40 -33.48 -17.90 12.06
CA TYR A 40 -32.09 -17.52 12.20
C TYR A 40 -31.41 -18.45 13.19
N LEU A 41 -31.74 -18.34 14.47
CA LEU A 41 -30.99 -19.08 15.47
C LEU A 41 -30.94 -20.57 15.14
N GLU A 42 -31.90 -21.04 14.36
CA GLU A 42 -31.93 -22.46 13.96
C GLU A 42 -30.69 -22.77 13.13
N ILE A 43 -30.34 -21.86 12.23
CA ILE A 43 -29.15 -22.04 11.40
C ILE A 43 -27.89 -21.83 12.24
N ARG A 44 -27.90 -20.82 13.09
CA ARG A 44 -26.76 -20.56 13.96
C ARG A 44 -26.39 -21.82 14.73
N GLN A 45 -27.38 -22.67 14.94
CA GLN A 45 -27.12 -23.93 15.62
C GLN A 45 -26.48 -24.88 14.64
N LEU A 46 -27.16 -25.14 13.52
CA LEU A 46 -26.61 -26.03 12.52
C LEU A 46 -25.17 -25.63 12.23
N GLU A 47 -24.92 -24.33 12.17
CA GLU A 47 -23.58 -23.79 11.95
C GLU A 47 -22.55 -24.37 12.92
N THR A 48 -23.02 -25.22 13.84
CA THR A 48 -22.14 -25.93 14.75
C THR A 48 -21.75 -27.32 14.23
N GLN A 49 -22.54 -28.33 14.56
CA GLN A 49 -22.24 -29.70 14.15
C GLN A 49 -21.70 -29.75 12.71
N ALA A 50 -20.38 -29.76 12.52
CA ALA A 50 -19.80 -29.76 11.17
C ALA A 50 -20.53 -30.80 10.29
N ASP A 51 -20.57 -30.59 8.97
CA ASP A 51 -21.43 -31.37 8.06
C ASP A 51 -22.91 -30.95 8.15
N PRO A 52 -23.15 -29.63 8.29
CA PRO A 52 -24.47 -29.08 8.60
C PRO A 52 -25.45 -29.22 7.46
N THR A 53 -24.98 -29.47 6.25
CA THR A 53 -25.91 -29.74 5.17
C THR A 53 -26.64 -31.00 5.52
N GLY A 54 -25.89 -32.03 5.91
CA GLY A 54 -26.49 -33.25 6.42
C GLY A 54 -27.47 -32.92 7.55
N ARG A 55 -26.93 -32.41 8.66
CA ARG A 55 -27.76 -32.08 9.82
C ARG A 55 -28.93 -31.15 9.51
N LEU A 56 -28.87 -30.45 8.38
CA LEU A 56 -29.98 -29.65 7.92
C LEU A 56 -31.03 -30.58 7.34
N LEU A 57 -30.57 -31.49 6.48
CA LEU A 57 -31.45 -32.44 5.82
C LEU A 57 -32.00 -33.47 6.82
N ASP A 58 -31.46 -33.47 8.04
CA ASP A 58 -32.00 -34.28 9.13
C ASP A 58 -33.10 -33.52 9.85
N ALA A 59 -32.77 -32.35 10.38
CA ALA A 59 -33.78 -31.55 11.07
C ALA A 59 -34.90 -31.12 10.13
N TRP A 60 -34.85 -31.62 8.91
CA TRP A 60 -35.87 -31.31 7.91
C TRP A 60 -36.58 -32.58 7.44
N GLN A 61 -35.77 -33.60 7.15
CA GLN A 61 -36.24 -34.89 6.62
C GLN A 61 -37.67 -35.23 7.03
N GLY A 62 -37.97 -34.93 8.29
CA GLY A 62 -39.33 -35.05 8.77
C GLY A 62 -39.89 -33.68 9.13
N ARG A 63 -40.54 -33.05 8.16
CA ARG A 63 -41.25 -31.78 8.39
C ARG A 63 -42.34 -31.60 7.32
N PRO A 64 -43.05 -30.46 7.34
CA PRO A 64 -44.17 -30.25 6.40
C PRO A 64 -43.87 -30.57 4.93
N GLY A 65 -43.19 -29.67 4.23
CA GLY A 65 -43.01 -29.82 2.80
C GLY A 65 -41.83 -30.69 2.40
N ALA A 66 -41.09 -31.15 3.40
CA ALA A 66 -39.82 -31.84 3.20
C ALA A 66 -39.89 -33.09 2.33
N SER A 67 -39.48 -32.95 1.07
CA SER A 67 -39.40 -34.06 0.14
C SER A 67 -38.10 -33.98 -0.64
N VAL A 68 -37.80 -35.01 -1.44
CA VAL A 68 -36.71 -34.87 -2.40
C VAL A 68 -37.17 -33.95 -3.51
N GLY A 69 -38.46 -33.97 -3.79
CA GLY A 69 -39.02 -33.07 -4.78
C GLY A 69 -38.66 -31.64 -4.43
N ARG A 70 -38.84 -31.32 -3.15
CA ARG A 70 -38.55 -29.98 -2.66
C ARG A 70 -37.05 -29.69 -2.74
N LEU A 71 -36.23 -30.54 -2.13
CA LEU A 71 -34.78 -30.28 -2.12
C LEU A 71 -34.26 -30.03 -3.51
N LEU A 72 -34.86 -30.67 -4.51
CA LEU A 72 -34.42 -30.51 -5.89
C LEU A 72 -34.89 -29.18 -6.45
N GLU A 73 -36.17 -28.90 -6.27
CA GLU A 73 -36.74 -27.65 -6.75
C GLU A 73 -36.22 -26.49 -5.91
N LEU A 74 -35.56 -26.80 -4.80
CA LEU A 74 -34.98 -25.77 -3.95
C LEU A 74 -33.56 -25.39 -4.41
N LEU A 75 -32.76 -26.39 -4.79
CA LEU A 75 -31.43 -26.12 -5.35
C LEU A 75 -31.59 -25.54 -6.74
N THR A 76 -32.75 -25.80 -7.35
CA THR A 76 -33.11 -25.25 -8.66
C THR A 76 -33.35 -23.74 -8.56
N LYS A 77 -34.01 -23.32 -7.49
CA LYS A 77 -34.24 -21.90 -7.23
C LYS A 77 -32.95 -21.16 -6.96
N LEU A 78 -32.18 -21.64 -5.98
CA LEU A 78 -30.90 -21.01 -5.66
C LEU A 78 -29.92 -21.09 -6.83
N GLY A 79 -30.24 -21.94 -7.79
CA GLY A 79 -29.45 -22.04 -9.00
C GLY A 79 -28.13 -22.74 -8.80
N ARG A 80 -28.06 -23.55 -7.74
CA ARG A 80 -26.87 -24.34 -7.50
C ARG A 80 -26.85 -25.51 -8.48
N ASP A 81 -26.87 -25.19 -9.77
CA ASP A 81 -26.79 -26.20 -10.82
C ASP A 81 -25.51 -26.99 -10.69
N ASP A 82 -24.56 -26.44 -9.93
CA ASP A 82 -23.37 -27.17 -9.58
C ASP A 82 -23.83 -28.57 -9.24
N VAL A 83 -24.72 -28.66 -8.25
CA VAL A 83 -25.16 -29.93 -7.68
C VAL A 83 -26.21 -30.69 -8.52
N LEU A 84 -26.96 -29.98 -9.35
CA LEU A 84 -28.00 -30.63 -10.15
C LEU A 84 -27.43 -31.38 -11.37
N LEU A 85 -26.21 -31.01 -11.78
CA LEU A 85 -25.55 -31.68 -12.90
C LEU A 85 -24.51 -32.65 -12.36
N GLU A 86 -24.84 -33.32 -11.26
CA GLU A 86 -23.84 -34.08 -10.51
C GLU A 86 -24.47 -35.10 -9.58
N LEU A 87 -25.61 -34.73 -9.00
CA LEU A 87 -26.37 -35.60 -8.13
C LEU A 87 -27.62 -36.05 -8.87
N GLY A 88 -27.92 -35.35 -9.96
CA GLY A 88 -29.08 -35.67 -10.78
C GLY A 88 -29.18 -37.13 -11.21
N PRO A 89 -28.05 -37.72 -11.63
CA PRO A 89 -28.04 -39.16 -11.95
C PRO A 89 -28.26 -40.04 -10.71
N SER A 90 -27.41 -39.86 -9.71
CA SER A 90 -27.47 -40.65 -8.48
C SER A 90 -28.80 -40.54 -7.74
N ILE A 91 -29.56 -39.47 -8.00
CA ILE A 91 -30.82 -39.23 -7.27
C ILE A 91 -32.07 -39.82 -7.94
N GLU A 92 -32.16 -39.70 -9.26
CA GLU A 92 -33.25 -40.36 -9.98
C GLU A 92 -33.01 -41.88 -10.00
N GLU A 93 -31.83 -42.28 -9.52
CA GLU A 93 -31.50 -43.69 -9.32
C GLU A 93 -31.81 -44.10 -7.87
N ASP A 94 -31.69 -43.15 -6.96
CA ASP A 94 -31.98 -43.38 -5.53
C ASP A 94 -33.48 -43.25 -5.21
N CYS A 95 -34.25 -42.77 -6.17
CA CYS A 95 -35.71 -42.79 -6.01
C CYS A 95 -36.24 -44.17 -6.41
N GLN A 96 -35.48 -44.89 -7.23
CA GLN A 96 -35.90 -46.24 -7.66
C GLN A 96 -35.13 -47.35 -6.93
N LYS A 97 -34.59 -47.02 -5.76
CA LYS A 97 -34.15 -48.04 -4.81
C LYS A 97 -35.14 -48.04 -3.66
N TYR A 98 -35.98 -47.00 -3.60
CA TYR A 98 -37.06 -46.93 -2.63
C TYR A 98 -38.42 -47.07 -3.34
N ILE A 99 -38.45 -46.80 -4.64
CA ILE A 99 -39.65 -47.02 -5.44
C ILE A 99 -39.72 -48.45 -5.97
N ALA A 100 -38.68 -48.89 -6.67
CA ALA A 100 -38.64 -50.24 -7.24
C ALA A 100 -38.36 -51.31 -6.18
N ALA A 101 -38.54 -50.93 -4.93
CA ALA A 101 -38.40 -51.86 -3.81
C ALA A 101 -39.39 -51.48 -2.71
N ALA A 102 -40.53 -50.90 -3.12
CA ALA A 102 -41.60 -50.57 -2.20
C ALA A 102 -42.98 -50.81 -2.83
N LEU A 103 -43.11 -51.94 -3.49
CA LEU A 103 -44.39 -52.45 -3.97
C LEU A 103 -44.28 -53.96 -3.90
N GLU A 104 -43.07 -54.42 -3.58
CA GLU A 104 -42.77 -55.83 -3.37
C GLU A 104 -42.53 -56.09 -1.88
N HIS A 105 -41.32 -55.74 -1.41
CA HIS A 105 -41.00 -55.88 0.01
C HIS A 105 -41.69 -54.78 0.82
N MET B 1 4.86 -49.28 4.78
CA MET B 1 5.16 -50.03 6.01
C MET B 1 3.90 -50.51 6.77
N LEU B 2 3.63 -49.79 7.86
CA LEU B 2 2.69 -50.16 8.89
C LEU B 2 1.58 -49.12 9.05
N PRO B 3 0.43 -49.52 9.58
CA PRO B 3 -0.70 -48.60 9.70
C PRO B 3 -0.33 -47.36 10.47
N LEU B 4 -1.06 -46.28 10.20
CA LEU B 4 -0.74 -45.00 10.83
C LEU B 4 -0.85 -45.12 12.33
N ALA B 5 -1.74 -46.02 12.76
CA ALA B 5 -2.02 -46.14 14.18
C ALA B 5 -0.74 -46.19 15.01
N ALA B 6 0.33 -46.68 14.42
CA ALA B 6 1.58 -46.82 15.13
C ALA B 6 1.96 -45.53 15.87
N LEU B 7 1.78 -44.40 15.18
CA LEU B 7 2.23 -43.09 15.67
C LEU B 7 1.54 -42.64 16.92
N ASN B 8 2.31 -42.48 17.99
CA ASN B 8 1.79 -42.06 19.28
C ASN B 8 1.13 -40.68 19.25
N MET B 9 0.92 -40.10 20.43
CA MET B 9 0.36 -38.75 20.57
C MET B 9 1.38 -37.70 20.12
N ARG B 10 2.44 -37.54 20.90
CA ARG B 10 3.52 -36.61 20.60
C ARG B 10 3.52 -36.17 19.14
N VAL B 11 3.94 -37.08 18.28
CA VAL B 11 4.23 -36.76 16.90
C VAL B 11 2.99 -36.37 16.09
N ARG B 12 1.87 -37.05 16.29
CA ARG B 12 0.67 -36.69 15.54
C ARG B 12 0.25 -35.25 15.89
N ARG B 13 0.91 -34.71 16.91
CA ARG B 13 0.71 -33.34 17.34
C ARG B 13 1.76 -32.44 16.68
N ARG B 14 3.04 -32.71 16.91
CA ARG B 14 4.07 -31.94 16.23
C ARG B 14 3.86 -32.00 14.72
N LEU B 15 3.58 -33.19 14.21
CA LEU B 15 3.22 -33.34 12.82
C LEU B 15 2.21 -32.29 12.39
N SER B 16 1.28 -31.99 13.29
CA SER B 16 0.24 -31.02 13.00
C SER B 16 0.81 -29.62 13.17
N LEU B 17 1.59 -29.41 14.21
CA LEU B 17 2.19 -28.10 14.44
C LEU B 17 2.88 -27.59 13.18
N PHE B 18 3.61 -28.49 12.54
CA PHE B 18 4.36 -28.16 11.34
C PHE B 18 3.50 -28.10 10.08
N LEU B 19 2.65 -29.07 9.82
CA LEU B 19 2.00 -29.06 8.51
C LEU B 19 0.81 -28.18 8.38
N ASN B 20 0.28 -27.64 9.47
CA ASN B 20 -0.84 -26.71 9.31
C ASN B 20 -0.55 -25.28 9.75
N VAL B 21 0.70 -24.88 9.51
CA VAL B 21 1.01 -23.47 9.32
C VAL B 21 0.71 -23.26 7.85
N ARG B 22 -0.40 -22.62 7.55
CA ARG B 22 -0.80 -22.43 6.17
C ARG B 22 0.07 -21.37 5.49
N THR B 23 0.74 -21.77 4.42
CA THR B 23 1.53 -20.86 3.62
C THR B 23 1.21 -21.08 2.17
N GLN B 24 0.64 -20.06 1.54
CA GLN B 24 0.18 -20.16 0.16
C GLN B 24 1.31 -20.14 -0.91
N VAL B 25 2.56 -20.05 -0.45
CA VAL B 25 3.69 -19.97 -1.35
C VAL B 25 4.50 -21.27 -1.34
N ALA B 26 4.63 -21.91 -0.18
CA ALA B 26 5.30 -23.23 -0.07
C ALA B 26 4.34 -24.39 0.18
N ALA B 27 4.78 -25.38 0.94
CA ALA B 27 4.04 -26.65 1.03
C ALA B 27 3.36 -26.99 2.38
N ASP B 28 2.05 -26.75 2.46
CA ASP B 28 1.29 -27.02 3.70
C ASP B 28 0.47 -28.34 3.66
N TRP B 29 -0.27 -28.56 4.74
CA TRP B 29 -1.03 -29.77 4.88
C TRP B 29 -1.89 -30.03 3.66
N THR B 30 -2.26 -28.98 2.97
CA THR B 30 -3.13 -29.18 1.82
C THR B 30 -2.38 -29.76 0.65
N ALA B 31 -1.21 -29.19 0.41
CA ALA B 31 -0.36 -29.66 -0.64
C ALA B 31 -0.04 -31.14 -0.35
N LEU B 32 -0.15 -31.55 0.92
CA LEU B 32 -0.02 -32.97 1.33
C LEU B 32 -1.30 -33.71 1.04
N ALA B 33 -2.36 -33.25 1.70
CA ALA B 33 -3.70 -33.72 1.49
C ALA B 33 -3.96 -34.11 0.03
N GLU B 34 -3.37 -33.35 -0.90
CA GLU B 34 -3.59 -33.54 -2.33
C GLU B 34 -2.68 -34.65 -2.84
N GLU B 35 -1.63 -34.92 -2.09
CA GLU B 35 -0.73 -35.98 -2.48
C GLU B 35 -1.21 -37.31 -1.86
N MET B 36 -2.19 -37.20 -0.96
CA MET B 36 -2.86 -38.37 -0.40
C MET B 36 -4.17 -38.63 -1.16
N ASP B 37 -4.23 -38.02 -2.34
CA ASP B 37 -5.32 -38.14 -3.29
C ASP B 37 -6.69 -37.76 -2.74
N PHE B 38 -6.76 -36.67 -1.98
CA PHE B 38 -8.05 -36.14 -1.56
C PHE B 38 -8.60 -35.20 -2.58
N GLU B 39 -9.92 -35.16 -2.70
CA GLU B 39 -10.58 -34.33 -3.68
C GLU B 39 -10.51 -32.88 -3.21
N TYR B 40 -10.94 -31.94 -4.04
CA TYR B 40 -11.02 -30.56 -3.58
C TYR B 40 -11.95 -30.50 -2.40
N LEU B 41 -13.24 -30.73 -2.59
CA LEU B 41 -14.14 -30.43 -1.49
C LEU B 41 -13.77 -31.21 -0.27
N GLU B 42 -13.07 -32.30 -0.44
CA GLU B 42 -12.66 -33.09 0.71
C GLU B 42 -11.74 -32.26 1.61
N ILE B 43 -10.87 -31.47 0.99
CA ILE B 43 -9.93 -30.57 1.67
C ILE B 43 -10.65 -29.35 2.25
N ARG B 44 -11.48 -28.68 1.44
CA ARG B 44 -12.31 -27.60 1.96
C ARG B 44 -13.04 -28.00 3.24
N GLN B 45 -13.26 -29.30 3.43
CA GLN B 45 -13.89 -29.76 4.66
C GLN B 45 -12.85 -29.75 5.73
N LEU B 46 -11.77 -30.50 5.51
CA LEU B 46 -10.70 -30.56 6.49
C LEU B 46 -10.40 -29.16 6.93
N GLU B 47 -10.34 -28.24 5.96
CA GLU B 47 -10.07 -26.83 6.22
C GLU B 47 -10.96 -26.28 7.33
N THR B 48 -11.89 -27.09 7.81
CA THR B 48 -12.73 -26.75 8.95
C THR B 48 -12.17 -27.22 10.29
N GLN B 49 -12.48 -28.43 10.77
CA GLN B 49 -12.03 -28.79 12.12
C GLN B 49 -10.55 -28.48 12.32
N ALA B 50 -10.25 -27.39 13.03
CA ALA B 50 -8.85 -26.98 13.23
C ALA B 50 -8.02 -28.20 13.63
N ASP B 51 -6.70 -28.15 13.40
CA ASP B 51 -5.78 -29.33 13.47
C ASP B 51 -6.02 -30.37 12.36
N PRO B 52 -6.20 -29.88 11.15
CA PRO B 52 -6.63 -30.63 9.98
C PRO B 52 -5.56 -31.58 9.53
N THR B 53 -4.32 -31.31 9.90
CA THR B 53 -3.25 -32.26 9.65
C THR B 53 -3.66 -33.56 10.27
N GLY B 54 -3.99 -33.50 11.56
CA GLY B 54 -4.49 -34.66 12.30
C GLY B 54 -5.66 -35.25 11.53
N ARG B 55 -6.74 -34.48 11.44
CA ARG B 55 -7.95 -34.91 10.77
C ARG B 55 -7.71 -35.43 9.37
N LEU B 56 -6.62 -35.04 8.76
CA LEU B 56 -6.29 -35.58 7.46
C LEU B 56 -5.75 -36.98 7.67
N LEU B 57 -4.85 -37.13 8.65
CA LEU B 57 -4.25 -38.42 8.95
C LEU B 57 -5.24 -39.41 9.52
N ASP B 58 -6.42 -38.93 9.91
CA ASP B 58 -7.55 -39.76 10.33
C ASP B 58 -8.31 -40.22 9.11
N ALA B 59 -8.83 -39.28 8.35
CA ALA B 59 -9.55 -39.59 7.13
C ALA B 59 -8.71 -40.38 6.14
N TRP B 60 -7.48 -40.68 6.51
CA TRP B 60 -6.56 -41.37 5.63
C TRP B 60 -6.15 -42.69 6.30
N GLN B 61 -5.81 -42.62 7.60
CA GLN B 61 -5.20 -43.74 8.34
C GLN B 61 -5.71 -45.10 7.92
N GLY B 62 -6.99 -45.14 7.59
CA GLY B 62 -7.56 -46.29 6.95
C GLY B 62 -7.99 -45.99 5.53
N ARG B 63 -7.08 -46.24 4.57
CA ARG B 63 -7.33 -46.06 3.13
C ARG B 63 -6.40 -46.98 2.33
N PRO B 64 -6.45 -46.93 0.99
CA PRO B 64 -5.63 -47.83 0.17
C PRO B 64 -4.14 -47.82 0.49
N GLY B 65 -3.42 -46.77 0.09
CA GLY B 65 -1.97 -46.74 0.24
C GLY B 65 -1.48 -46.26 1.59
N ALA B 66 -2.40 -45.82 2.41
CA ALA B 66 -2.07 -45.16 3.68
C ALA B 66 -1.22 -45.96 4.65
N SER B 67 0.06 -45.63 4.71
CA SER B 67 0.95 -46.17 5.71
C SER B 67 1.86 -45.07 6.26
N VAL B 68 2.69 -45.41 7.21
CA VAL B 68 3.72 -44.47 7.63
C VAL B 68 4.77 -44.39 6.55
N GLY B 69 4.97 -45.50 5.84
CA GLY B 69 5.92 -45.49 4.75
C GLY B 69 5.57 -44.39 3.77
N ARG B 70 4.28 -44.32 3.45
CA ARG B 70 3.78 -43.32 2.53
C ARG B 70 3.94 -41.91 3.09
N LEU B 71 3.38 -41.68 4.29
CA LEU B 71 3.47 -40.34 4.90
C LEU B 71 4.88 -39.80 4.84
N LEU B 72 5.86 -40.68 4.96
CA LEU B 72 7.23 -40.25 5.01
C LEU B 72 7.72 -39.96 3.63
N GLU B 73 7.47 -40.87 2.72
CA GLU B 73 7.96 -40.63 1.38
C GLU B 73 7.09 -39.59 0.70
N LEU B 74 6.04 -39.16 1.39
CA LEU B 74 5.18 -38.11 0.86
C LEU B 74 5.69 -36.72 1.27
N LEU B 75 6.17 -36.61 2.52
CA LEU B 75 6.84 -35.44 3.07
C LEU B 75 8.15 -35.22 2.34
N THR B 76 8.71 -36.33 1.88
CA THR B 76 9.99 -36.37 1.19
C THR B 76 9.85 -35.77 -0.22
N LYS B 77 8.73 -36.08 -0.87
CA LYS B 77 8.37 -35.50 -2.16
C LYS B 77 8.17 -33.99 -2.04
N LEU B 78 7.22 -33.59 -1.19
CA LEU B 78 6.95 -32.18 -0.91
C LEU B 78 8.22 -31.45 -0.47
N GLY B 79 9.19 -32.22 0.01
CA GLY B 79 10.45 -31.66 0.46
C GLY B 79 10.35 -30.94 1.79
N ARG B 80 9.32 -31.28 2.55
CA ARG B 80 9.17 -30.68 3.84
C ARG B 80 10.17 -31.31 4.79
N ASP B 81 11.46 -31.20 4.45
CA ASP B 81 12.53 -31.72 5.28
C ASP B 81 12.50 -31.08 6.65
N ASP B 82 11.83 -29.94 6.70
CA ASP B 82 11.47 -29.34 7.95
C ASP B 82 11.22 -30.48 8.90
N VAL B 83 10.18 -31.25 8.61
CA VAL B 83 9.67 -32.27 9.52
C VAL B 83 10.42 -33.60 9.50
N LEU B 84 11.13 -33.92 8.42
CA LEU B 84 11.92 -35.15 8.36
C LEU B 84 13.17 -35.12 9.27
N LEU B 85 13.65 -33.92 9.58
CA LEU B 85 14.82 -33.70 10.44
C LEU B 85 14.36 -33.40 11.84
N GLU B 86 13.25 -33.99 12.25
CA GLU B 86 12.60 -33.55 13.48
C GLU B 86 11.64 -34.55 14.06
N LEU B 87 10.98 -35.30 13.19
CA LEU B 87 10.16 -36.40 13.67
C LEU B 87 10.75 -37.74 13.19
N GLY B 88 11.79 -37.66 12.36
CA GLY B 88 12.57 -38.83 11.96
C GLY B 88 13.04 -39.72 13.11
N PRO B 89 13.51 -39.12 14.22
CA PRO B 89 13.88 -39.90 15.40
C PRO B 89 12.65 -40.51 16.07
N SER B 90 11.70 -39.66 16.46
CA SER B 90 10.50 -40.10 17.16
C SER B 90 9.68 -41.12 16.36
N ILE B 91 9.87 -41.18 15.05
CA ILE B 91 9.05 -42.07 14.25
C ILE B 91 9.67 -43.45 14.01
N GLU B 92 10.97 -43.54 13.76
CA GLU B 92 11.59 -44.85 13.66
C GLU B 92 11.70 -45.47 15.06
N GLU B 93 11.27 -44.68 16.06
CA GLU B 93 11.16 -45.14 17.44
C GLU B 93 9.71 -45.57 17.70
N ASP B 94 8.79 -44.91 17.00
CA ASP B 94 7.38 -45.21 17.12
C ASP B 94 6.96 -46.40 16.24
N CYS B 95 7.86 -46.83 15.36
CA CYS B 95 7.65 -48.06 14.59
C CYS B 95 8.00 -49.28 15.46
N GLN B 96 8.87 -49.06 16.44
CA GLN B 96 9.36 -50.11 17.34
C GLN B 96 8.66 -50.10 18.68
N LYS B 97 7.51 -49.44 18.72
CA LYS B 97 6.59 -49.53 19.84
C LYS B 97 5.43 -50.41 19.39
N TYR B 98 5.31 -50.53 18.07
CA TYR B 98 4.25 -51.29 17.41
C TYR B 98 4.87 -52.55 16.87
N ILE B 99 6.16 -52.48 16.57
CA ILE B 99 6.87 -53.63 16.03
C ILE B 99 7.43 -54.52 17.16
N ALA B 100 8.19 -53.92 18.06
CA ALA B 100 8.82 -54.64 19.17
C ALA B 100 7.81 -54.94 20.28
N ALA B 101 6.54 -54.86 19.93
CA ALA B 101 5.47 -55.18 20.84
C ALA B 101 4.31 -55.77 20.05
N ALA B 102 4.64 -56.42 18.93
CA ALA B 102 3.64 -57.11 18.13
C ALA B 102 4.20 -58.40 17.55
N LEU B 103 4.85 -59.17 18.41
CA LEU B 103 5.30 -60.51 18.09
C LEU B 103 5.23 -61.25 19.40
N GLU B 104 4.99 -60.49 20.45
CA GLU B 104 4.83 -61.03 21.79
C GLU B 104 3.40 -60.87 22.24
N HIS B 105 3.01 -59.66 22.63
CA HIS B 105 1.63 -59.38 23.01
C HIS B 105 0.74 -59.36 21.77
N MET C 1 0.55 -18.52 42.91
CA MET C 1 -0.68 -18.75 43.67
C MET C 1 -1.56 -19.87 43.07
N LEU C 2 -2.80 -19.52 42.72
CA LEU C 2 -3.77 -20.46 42.20
C LEU C 2 -3.77 -20.46 40.67
N PRO C 3 -4.49 -21.40 40.06
CA PRO C 3 -4.42 -21.56 38.60
C PRO C 3 -5.45 -20.69 37.93
N LEU C 4 -5.34 -20.61 36.60
CA LEU C 4 -6.21 -19.76 35.79
C LEU C 4 -7.65 -20.08 36.11
N ALA C 5 -7.89 -21.36 36.38
CA ALA C 5 -9.23 -21.87 36.62
C ALA C 5 -9.99 -20.94 37.56
N ALA C 6 -9.24 -20.17 38.33
CA ALA C 6 -9.79 -19.23 39.29
C ALA C 6 -10.58 -18.14 38.57
N LEU C 7 -9.91 -17.43 37.68
CA LEU C 7 -10.52 -16.34 36.95
C LEU C 7 -11.30 -16.92 35.77
N ASN C 8 -12.57 -16.56 35.67
CA ASN C 8 -13.44 -17.17 34.67
C ASN C 8 -14.24 -16.17 33.84
N MET C 9 -14.62 -16.59 32.63
CA MET C 9 -15.45 -15.80 31.71
C MET C 9 -15.30 -14.29 31.85
N ARG C 10 -16.01 -13.70 32.80
CA ARG C 10 -16.00 -12.24 32.98
C ARG C 10 -14.72 -11.56 32.50
N VAL C 11 -13.62 -11.96 33.11
CA VAL C 11 -12.36 -11.33 32.83
C VAL C 11 -11.68 -11.92 31.60
N ARG C 12 -11.65 -13.25 31.51
CA ARG C 12 -11.13 -13.91 30.32
C ARG C 12 -11.60 -13.16 29.06
N ARG C 13 -12.82 -12.62 29.11
CA ARG C 13 -13.42 -11.87 28.00
C ARG C 13 -12.77 -10.51 27.81
N ARG C 14 -12.83 -9.69 28.85
CA ARG C 14 -12.11 -8.42 28.84
C ARG C 14 -10.61 -8.58 28.46
N LEU C 15 -9.85 -9.16 29.36
CA LEU C 15 -8.54 -9.69 29.08
C LEU C 15 -8.30 -10.03 27.62
N SER C 16 -9.25 -10.72 27.00
CA SER C 16 -9.10 -11.06 25.59
C SER C 16 -9.05 -9.83 24.68
N LEU C 17 -10.12 -9.06 24.65
CA LEU C 17 -10.13 -7.90 23.77
C LEU C 17 -9.21 -6.78 24.22
N PHE C 18 -8.15 -7.13 24.92
CA PHE C 18 -7.04 -6.21 25.04
C PHE C 18 -5.94 -6.83 24.21
N LEU C 19 -5.67 -8.10 24.50
CA LEU C 19 -4.47 -8.69 23.97
C LEU C 19 -4.75 -9.42 22.69
N ASN C 20 -6.00 -9.49 22.27
CA ASN C 20 -6.26 -10.18 21.02
C ASN C 20 -6.02 -9.24 19.85
N VAL C 21 -5.96 -7.98 20.20
CA VAL C 21 -5.78 -6.96 19.19
C VAL C 21 -4.30 -6.58 19.00
N ARG C 22 -3.83 -6.84 17.75
CA ARG C 22 -2.41 -6.81 17.39
C ARG C 22 -1.83 -5.41 17.28
N THR C 23 -0.73 -5.19 18.01
CA THR C 23 -0.10 -3.90 18.19
C THR C 23 1.31 -3.91 17.57
N GLN C 24 1.86 -2.71 17.33
CA GLN C 24 3.16 -2.49 16.65
C GLN C 24 4.34 -2.26 17.60
N VAL C 25 4.07 -1.67 18.75
CA VAL C 25 5.10 -1.54 19.77
C VAL C 25 4.68 -2.25 21.05
N ALA C 26 3.38 -2.28 21.31
CA ALA C 26 2.88 -2.85 22.54
C ALA C 26 2.89 -4.37 22.46
N ALA C 27 2.39 -4.98 23.51
CA ALA C 27 2.29 -6.41 23.51
C ALA C 27 0.86 -6.91 23.23
N ASP C 28 0.73 -7.58 22.10
CA ASP C 28 -0.45 -8.32 21.76
C ASP C 28 -0.30 -9.64 22.50
N TRP C 29 -1.28 -10.52 22.39
CA TRP C 29 -1.15 -11.79 23.03
C TRP C 29 0.14 -12.45 22.58
N THR C 30 0.45 -12.40 21.29
CA THR C 30 1.68 -13.04 20.81
C THR C 30 2.91 -12.77 21.69
N ALA C 31 3.03 -11.54 22.17
CA ALA C 31 4.13 -11.17 23.04
C ALA C 31 4.04 -11.96 24.33
N LEU C 32 2.85 -11.93 24.92
CA LEU C 32 2.53 -12.75 26.10
C LEU C 32 2.80 -14.27 25.89
N ALA C 33 2.10 -14.89 24.93
CA ALA C 33 2.33 -16.27 24.54
C ALA C 33 3.82 -16.61 24.55
N GLU C 34 4.61 -15.79 23.87
CA GLU C 34 6.07 -15.90 23.88
C GLU C 34 6.61 -16.12 25.29
N GLU C 35 6.27 -15.19 26.18
CA GLU C 35 6.70 -15.19 27.57
C GLU C 35 6.33 -16.46 28.34
N MET C 36 5.09 -16.91 28.16
CA MET C 36 4.66 -18.19 28.73
C MET C 36 5.32 -19.36 27.98
N ASP C 37 6.56 -19.15 27.51
CA ASP C 37 7.39 -20.20 26.92
C ASP C 37 6.64 -21.13 25.96
N PHE C 38 6.23 -20.56 24.82
CA PHE C 38 5.48 -21.28 23.80
C PHE C 38 6.31 -21.33 22.50
N GLU C 39 6.40 -22.51 21.86
CA GLU C 39 7.20 -22.67 20.62
C GLU C 39 6.75 -21.70 19.54
N TYR C 40 7.41 -21.72 18.38
CA TYR C 40 6.91 -20.86 17.34
C TYR C 40 5.58 -21.39 16.84
N LEU C 41 5.62 -22.56 16.20
CA LEU C 41 4.45 -23.17 15.58
C LEU C 41 3.25 -23.24 16.52
N GLU C 42 3.54 -23.39 17.81
CA GLU C 42 2.51 -23.44 18.85
C GLU C 42 1.74 -22.13 18.82
N ILE C 43 2.47 -21.03 18.72
CA ILE C 43 1.82 -19.73 18.71
C ILE C 43 0.99 -19.55 17.42
N ARG C 44 1.58 -19.88 16.27
CA ARG C 44 0.93 -19.69 15.00
C ARG C 44 -0.35 -20.52 14.89
N GLN C 45 -0.29 -21.80 15.28
CA GLN C 45 -1.44 -22.73 15.25
C GLN C 45 -2.40 -22.40 16.39
N LEU C 46 -2.35 -21.15 16.81
CA LEU C 46 -3.14 -20.62 17.89
C LEU C 46 -3.63 -19.28 17.41
N GLU C 47 -2.93 -18.72 16.42
CA GLU C 47 -3.30 -17.46 15.79
C GLU C 47 -4.43 -17.75 14.82
N THR C 48 -5.28 -18.69 15.21
CA THR C 48 -6.26 -19.20 14.29
C THR C 48 -7.63 -19.00 14.87
N GLN C 49 -7.96 -19.74 15.92
CA GLN C 49 -9.26 -19.56 16.55
C GLN C 49 -9.40 -18.10 16.91
N ALA C 50 -10.58 -17.51 16.74
CA ALA C 50 -10.73 -16.19 17.31
C ALA C 50 -10.71 -16.37 18.81
N ASP C 51 -10.28 -15.30 19.47
CA ASP C 51 -9.98 -15.28 20.91
C ASP C 51 -8.76 -16.07 21.35
N PRO C 52 -7.67 -15.95 20.59
CA PRO C 52 -6.44 -16.64 20.95
C PRO C 52 -6.05 -16.36 22.39
N THR C 53 -6.23 -15.14 22.91
CA THR C 53 -5.81 -14.93 24.31
C THR C 53 -6.46 -15.97 25.24
N GLY C 54 -7.76 -16.21 25.08
CA GLY C 54 -8.40 -17.27 25.85
C GLY C 54 -7.73 -18.59 25.55
N ARG C 55 -7.68 -18.94 24.27
CA ARG C 55 -7.03 -20.15 23.80
C ARG C 55 -5.57 -20.20 24.16
N LEU C 56 -5.04 -19.11 24.69
CA LEU C 56 -3.68 -19.08 25.17
C LEU C 56 -3.70 -19.49 26.63
N LEU C 57 -4.54 -18.80 27.40
CA LEU C 57 -4.73 -19.13 28.81
C LEU C 57 -4.99 -20.62 28.98
N ASP C 58 -5.93 -21.13 28.17
CA ASP C 58 -6.36 -22.53 28.20
C ASP C 58 -5.24 -23.52 27.89
N ALA C 59 -4.30 -23.09 27.08
CA ALA C 59 -3.22 -23.98 26.73
C ALA C 59 -2.09 -23.91 27.74
N TRP C 60 -1.97 -22.79 28.44
CA TRP C 60 -0.88 -22.60 29.39
C TRP C 60 -1.43 -22.70 30.78
N GLN C 61 -2.33 -23.66 30.96
CA GLN C 61 -3.03 -23.85 32.24
C GLN C 61 -2.63 -25.17 32.88
N GLY C 62 -2.88 -26.24 32.14
CA GLY C 62 -2.40 -27.55 32.51
C GLY C 62 -0.92 -27.59 32.21
N ARG C 63 -0.24 -26.49 32.50
CA ARG C 63 1.19 -26.34 32.20
C ARG C 63 1.94 -25.84 33.42
N PRO C 64 3.28 -25.96 33.42
CA PRO C 64 4.19 -25.53 34.48
C PRO C 64 3.81 -24.22 35.12
N GLY C 65 4.46 -23.14 34.67
CA GLY C 65 4.29 -21.84 35.28
C GLY C 65 2.89 -21.48 35.76
N ALA C 66 1.89 -22.15 35.17
CA ALA C 66 0.47 -21.88 35.42
C ALA C 66 0.14 -21.35 36.80
N SER C 67 0.33 -20.05 36.99
CA SER C 67 -0.19 -19.35 38.15
C SER C 67 -1.16 -18.31 37.63
N VAL C 68 -1.75 -17.51 38.51
CA VAL C 68 -2.48 -16.32 38.05
C VAL C 68 -1.63 -15.11 38.32
N GLY C 69 -1.00 -15.08 39.46
CA GLY C 69 -0.02 -14.04 39.71
C GLY C 69 1.08 -14.19 38.68
N ARG C 70 1.22 -15.39 38.13
CA ARG C 70 2.26 -15.65 37.15
C ARG C 70 1.99 -14.85 35.90
N LEU C 71 0.77 -15.01 35.40
CA LEU C 71 0.27 -14.23 34.28
C LEU C 71 0.30 -12.76 34.65
N LEU C 72 -0.14 -12.46 35.88
CA LEU C 72 -0.21 -11.09 36.37
C LEU C 72 1.16 -10.40 36.36
N GLU C 73 2.19 -11.09 36.81
CA GLU C 73 3.51 -10.50 36.88
C GLU C 73 4.06 -10.34 35.49
N LEU C 74 3.65 -11.24 34.59
CA LEU C 74 4.03 -11.15 33.19
C LEU C 74 3.47 -9.87 32.54
N LEU C 75 2.14 -9.74 32.51
CA LEU C 75 1.47 -8.50 32.06
C LEU C 75 2.18 -7.22 32.53
N THR C 76 2.56 -7.17 33.80
CA THR C 76 3.21 -5.97 34.33
C THR C 76 4.62 -5.86 33.77
N LYS C 77 5.25 -7.01 33.55
CA LYS C 77 6.58 -7.08 32.96
C LYS C 77 6.61 -6.79 31.45
N LEU C 78 5.50 -7.01 30.75
CA LEU C 78 5.45 -6.75 29.30
C LEU C 78 5.00 -5.31 29.08
N GLY C 79 4.86 -4.56 30.17
CA GLY C 79 4.50 -3.17 30.09
C GLY C 79 3.11 -3.00 29.54
N ARG C 80 2.18 -3.76 30.11
CA ARG C 80 0.77 -3.71 29.73
C ARG C 80 -0.04 -3.03 30.82
N ASP C 81 0.54 -1.98 31.41
CA ASP C 81 0.01 -1.33 32.60
C ASP C 81 -1.46 -1.00 32.46
N ASP C 82 -1.95 -0.97 31.23
CA ASP C 82 -3.33 -0.62 31.00
C ASP C 82 -4.28 -1.72 31.42
N VAL C 83 -3.89 -2.97 31.18
CA VAL C 83 -4.78 -4.11 31.49
C VAL C 83 -4.94 -4.28 33.01
N LEU C 84 -3.82 -4.30 33.72
CA LEU C 84 -3.85 -4.45 35.16
C LEU C 84 -4.34 -3.17 35.83
N LEU C 85 -5.49 -2.67 35.41
CA LEU C 85 -5.98 -1.43 35.98
C LEU C 85 -7.44 -1.31 35.69
N GLU C 86 -7.80 -1.65 34.47
CA GLU C 86 -9.21 -1.80 34.15
C GLU C 86 -9.54 -3.24 34.46
N LEU C 87 -8.57 -3.98 35.00
CA LEU C 87 -8.78 -5.40 35.22
C LEU C 87 -8.31 -5.88 36.60
N GLY C 88 -7.25 -5.27 37.13
CA GLY C 88 -6.65 -5.65 38.41
C GLY C 88 -7.63 -6.00 39.52
N PRO C 89 -8.47 -5.04 39.90
CA PRO C 89 -9.59 -5.27 40.81
C PRO C 89 -10.35 -6.53 40.46
N SER C 90 -10.88 -6.60 39.25
CA SER C 90 -11.75 -7.70 38.89
C SER C 90 -11.08 -9.08 38.97
N ILE C 91 -9.77 -9.12 39.17
CA ILE C 91 -9.05 -10.40 39.28
C ILE C 91 -8.80 -10.80 40.73
N GLU C 92 -8.27 -9.87 41.53
CA GLU C 92 -8.12 -10.09 42.96
C GLU C 92 -9.48 -10.44 43.53
N GLU C 93 -10.51 -10.27 42.69
CA GLU C 93 -11.88 -10.60 43.03
C GLU C 93 -12.18 -12.06 42.64
N ASP C 94 -12.09 -12.39 41.35
CA ASP C 94 -12.28 -13.77 40.86
C ASP C 94 -11.34 -14.76 41.56
N CYS C 95 -10.43 -14.24 42.38
CA CYS C 95 -9.51 -15.03 43.19
C CYS C 95 -10.14 -15.31 44.55
N GLN C 96 -11.04 -14.42 44.96
CA GLN C 96 -11.74 -14.54 46.24
C GLN C 96 -12.87 -15.54 46.14
N LYS C 97 -13.72 -15.34 45.14
CA LYS C 97 -14.86 -16.22 44.89
C LYS C 97 -14.41 -17.69 44.74
N TYR C 98 -13.10 -17.89 44.63
CA TYR C 98 -12.51 -19.23 44.48
C TYR C 98 -11.82 -19.65 45.76
N ILE C 99 -11.24 -18.68 46.45
CA ILE C 99 -10.54 -18.97 47.68
C ILE C 99 -11.56 -19.23 48.80
N ALA C 100 -12.47 -18.28 49.01
CA ALA C 100 -13.52 -18.47 49.99
C ALA C 100 -14.33 -19.72 49.66
N ALA C 101 -14.92 -19.73 48.47
CA ALA C 101 -15.65 -20.89 47.98
C ALA C 101 -14.67 -22.01 47.64
N ALA C 102 -15.20 -23.15 47.19
CA ALA C 102 -14.38 -24.34 46.95
C ALA C 102 -13.45 -24.63 48.12
N LEU C 103 -13.76 -23.99 49.26
CA LEU C 103 -13.02 -24.19 50.50
C LEU C 103 -14.02 -24.26 51.66
N GLU C 104 -15.08 -25.05 51.49
CA GLU C 104 -16.06 -25.26 52.54
C GLU C 104 -15.88 -26.66 53.14
N HIS C 105 -14.62 -27.12 53.15
CA HIS C 105 -14.33 -28.49 53.57
C HIS C 105 -12.96 -28.58 54.24
N MET D 1 -40.58 -3.77 19.68
CA MET D 1 -40.95 -4.77 18.69
C MET D 1 -39.90 -5.90 18.56
N LEU D 2 -39.93 -6.56 17.41
CA LEU D 2 -39.25 -7.84 17.24
C LEU D 2 -37.79 -7.66 17.13
N PRO D 3 -37.05 -8.66 17.63
CA PRO D 3 -35.61 -8.62 17.85
C PRO D 3 -34.92 -8.98 16.58
N LEU D 4 -33.60 -9.04 16.63
CA LEU D 4 -32.86 -9.30 15.42
C LEU D 4 -33.13 -10.70 14.88
N ALA D 5 -33.48 -11.67 15.76
CA ALA D 5 -33.57 -13.07 15.34
C ALA D 5 -34.54 -13.14 14.16
N ALA D 6 -35.29 -12.06 14.02
CA ALA D 6 -36.38 -11.93 13.09
C ALA D 6 -35.97 -12.15 11.67
N LEU D 7 -34.78 -11.61 11.33
CA LEU D 7 -34.25 -11.52 9.95
C LEU D 7 -33.00 -12.36 9.76
N ASN D 8 -32.91 -13.10 8.67
CA ASN D 8 -31.80 -14.04 8.61
C ASN D 8 -31.20 -14.31 7.26
N MET D 9 -30.05 -14.95 7.31
CA MET D 9 -29.17 -15.20 6.17
C MET D 9 -29.37 -14.29 4.95
N ARG D 10 -29.99 -14.78 3.86
CA ARG D 10 -30.44 -13.88 2.79
C ARG D 10 -30.20 -12.38 3.16
N VAL D 11 -31.04 -11.80 4.01
CA VAL D 11 -30.91 -10.41 4.48
C VAL D 11 -29.64 -10.06 5.27
N ARG D 12 -29.30 -10.87 6.26
CA ARG D 12 -28.05 -10.70 6.98
C ARG D 12 -26.85 -10.73 6.02
N ARG D 13 -27.04 -11.35 4.86
CA ARG D 13 -26.00 -11.42 3.83
C ARG D 13 -25.94 -10.15 2.99
N ARG D 14 -26.99 -9.87 2.22
CA ARG D 14 -27.17 -8.57 1.58
C ARG D 14 -26.81 -7.36 2.48
N LEU D 15 -27.00 -7.50 3.79
CA LEU D 15 -26.72 -6.38 4.67
C LEU D 15 -25.24 -6.31 4.91
N SER D 16 -24.57 -7.43 4.66
CA SER D 16 -23.14 -7.49 4.81
C SER D 16 -22.52 -6.75 3.63
N LEU D 17 -22.67 -7.35 2.45
CA LEU D 17 -22.32 -6.69 1.21
C LEU D 17 -22.35 -5.17 1.28
N PHE D 18 -23.34 -4.57 1.95
CA PHE D 18 -23.38 -3.11 1.96
C PHE D 18 -22.51 -2.48 3.04
N LEU D 19 -22.54 -3.00 4.26
CA LEU D 19 -21.86 -2.30 5.36
C LEU D 19 -20.46 -2.79 5.64
N ASN D 20 -20.03 -3.83 4.95
CA ASN D 20 -18.74 -4.42 5.22
C ASN D 20 -17.61 -3.72 4.51
N VAL D 21 -17.91 -3.11 3.38
CA VAL D 21 -16.89 -2.43 2.60
C VAL D 21 -16.61 -1.06 3.20
N ARG D 22 -15.38 -0.84 3.71
CA ARG D 22 -15.11 0.39 4.45
C ARG D 22 -15.07 1.57 3.52
N THR D 23 -15.70 2.67 3.94
CA THR D 23 -15.77 3.81 3.07
C THR D 23 -15.32 5.11 3.74
N GLN D 24 -15.09 6.14 2.91
CA GLN D 24 -14.34 7.34 3.27
C GLN D 24 -15.18 8.31 4.08
N VAL D 25 -16.35 8.64 3.56
CA VAL D 25 -17.24 9.57 4.25
C VAL D 25 -18.63 9.00 4.56
N ALA D 26 -19.12 8.07 3.75
CA ALA D 26 -20.38 7.43 4.10
C ALA D 26 -20.09 6.48 5.24
N ALA D 27 -21.14 6.03 5.92
CA ALA D 27 -20.96 5.16 7.08
C ALA D 27 -20.89 3.69 6.74
N ASP D 28 -19.81 3.07 7.20
CA ASP D 28 -19.59 1.65 7.06
C ASP D 28 -20.02 1.03 8.37
N TRP D 29 -19.95 -0.29 8.47
CA TRP D 29 -20.37 -0.99 9.69
C TRP D 29 -19.81 -0.46 11.00
N THR D 30 -18.59 0.08 10.94
CA THR D 30 -17.95 0.61 12.15
C THR D 30 -18.74 1.82 12.69
N ALA D 31 -19.13 2.69 11.77
CA ALA D 31 -19.91 3.86 12.10
C ALA D 31 -21.21 3.42 12.71
N LEU D 32 -21.72 2.29 12.21
CA LEU D 32 -22.91 1.65 12.79
C LEU D 32 -22.64 1.06 14.17
N ALA D 33 -21.85 0.01 14.21
CA ALA D 33 -21.42 -0.58 15.47
C ALA D 33 -21.23 0.42 16.60
N GLU D 34 -20.78 1.61 16.26
CA GLU D 34 -20.58 2.68 17.22
C GLU D 34 -21.94 3.21 17.60
N GLU D 35 -22.79 3.37 16.61
CA GLU D 35 -24.14 3.86 16.86
C GLU D 35 -24.97 2.87 17.65
N MET D 36 -24.54 1.61 17.73
CA MET D 36 -25.18 0.61 18.58
C MET D 36 -24.49 0.52 19.94
N ASP D 37 -23.69 1.53 20.24
CA ASP D 37 -23.07 1.70 21.56
C ASP D 37 -22.05 0.61 21.91
N PHE D 38 -21.08 0.41 21.01
CA PHE D 38 -19.98 -0.53 21.21
C PHE D 38 -18.70 0.26 21.48
N GLU D 39 -17.77 -0.33 22.22
CA GLU D 39 -16.56 0.39 22.61
C GLU D 39 -15.46 0.37 21.54
N TYR D 40 -14.60 1.39 21.51
CA TYR D 40 -13.47 1.37 20.60
C TYR D 40 -12.72 0.02 20.68
N LEU D 41 -12.76 -0.65 21.82
CA LEU D 41 -12.01 -1.91 21.95
C LEU D 41 -12.75 -3.10 21.34
N GLU D 42 -14.06 -3.09 21.51
CA GLU D 42 -14.93 -4.17 21.10
C GLU D 42 -14.97 -4.13 19.62
N ILE D 43 -15.03 -2.92 19.07
CA ILE D 43 -15.08 -2.78 17.63
C ILE D 43 -13.84 -3.36 16.95
N ARG D 44 -12.65 -3.13 17.48
CA ARG D 44 -11.54 -3.69 16.76
C ARG D 44 -11.63 -5.20 16.79
N GLN D 45 -11.70 -5.83 17.96
CA GLN D 45 -11.84 -7.29 17.94
C GLN D 45 -13.13 -7.75 17.24
N LEU D 46 -13.67 -6.86 16.40
CA LEU D 46 -14.72 -7.23 15.44
C LEU D 46 -14.13 -7.27 14.05
N GLU D 47 -13.58 -6.14 13.62
CA GLU D 47 -12.88 -6.00 12.33
C GLU D 47 -11.87 -7.12 12.12
N THR D 48 -12.24 -8.35 12.45
CA THR D 48 -11.26 -9.42 12.48
C THR D 48 -11.68 -10.62 11.70
N GLN D 49 -12.83 -11.21 11.99
CA GLN D 49 -13.34 -12.25 11.09
C GLN D 49 -14.13 -11.57 9.98
N ALA D 50 -14.17 -12.17 8.80
CA ALA D 50 -14.91 -11.51 7.74
C ALA D 50 -16.39 -11.49 8.11
N ASP D 51 -17.17 -10.69 7.38
CA ASP D 51 -18.57 -10.45 7.73
C ASP D 51 -18.69 -9.75 9.10
N PRO D 52 -17.99 -8.63 9.27
CA PRO D 52 -18.21 -8.13 10.62
C PRO D 52 -19.62 -7.58 10.72
N THR D 53 -20.21 -7.06 9.65
CA THR D 53 -21.58 -6.57 9.84
C THR D 53 -22.39 -7.68 10.50
N GLY D 54 -22.28 -8.88 9.93
CA GLY D 54 -23.01 -10.05 10.43
C GLY D 54 -22.70 -10.43 11.88
N ARG D 55 -21.42 -10.37 12.24
CA ARG D 55 -21.03 -10.63 13.63
C ARG D 55 -21.52 -9.52 14.52
N LEU D 56 -21.38 -8.28 14.05
CA LEU D 56 -21.94 -7.14 14.73
C LEU D 56 -23.39 -7.36 15.13
N LEU D 57 -24.22 -7.90 14.23
CA LEU D 57 -25.62 -8.23 14.57
C LEU D 57 -25.75 -9.29 15.67
N ASP D 58 -25.14 -10.44 15.43
CA ASP D 58 -25.11 -11.50 16.42
C ASP D 58 -24.71 -10.94 17.78
N ALA D 59 -23.86 -9.92 17.75
CA ALA D 59 -23.28 -9.39 18.97
C ALA D 59 -24.13 -8.31 19.61
N TRP D 60 -25.07 -7.77 18.87
CA TRP D 60 -25.89 -6.67 19.37
C TRP D 60 -27.29 -7.14 19.56
N GLN D 61 -27.51 -8.45 19.47
CA GLN D 61 -28.84 -9.06 19.63
C GLN D 61 -29.13 -9.43 21.08
N GLY D 62 -28.19 -10.12 21.69
CA GLY D 62 -28.22 -10.42 23.11
C GLY D 62 -27.78 -9.21 23.91
N ARG D 63 -28.33 -8.06 23.55
CA ARG D 63 -28.04 -6.79 24.20
C ARG D 63 -29.38 -6.07 24.34
N PRO D 64 -29.35 -4.84 24.85
CA PRO D 64 -30.48 -3.91 24.95
C PRO D 64 -31.17 -3.56 23.63
N GLY D 65 -31.23 -2.26 23.33
CA GLY D 65 -31.93 -1.74 22.15
C GLY D 65 -32.30 -2.67 20.99
N ALA D 66 -31.46 -3.67 20.73
CA ALA D 66 -31.61 -4.58 19.60
C ALA D 66 -33.05 -4.79 19.19
N SER D 67 -33.54 -3.89 18.36
CA SER D 67 -34.82 -4.06 17.73
C SER D 67 -34.47 -4.30 16.25
N VAL D 68 -35.42 -4.75 15.45
CA VAL D 68 -35.16 -4.68 14.02
C VAL D 68 -35.34 -3.22 13.71
N GLY D 69 -36.35 -2.63 14.35
CA GLY D 69 -36.60 -1.20 14.19
C GLY D 69 -35.39 -0.34 14.52
N ARG D 70 -34.75 -0.56 15.66
CA ARG D 70 -33.54 0.16 16.01
C ARG D 70 -32.53 0.09 14.85
N LEU D 71 -32.25 -1.13 14.43
CA LEU D 71 -31.35 -1.32 13.30
C LEU D 71 -31.75 -0.45 12.15
N LEU D 72 -33.03 -0.34 11.85
CA LEU D 72 -33.46 0.51 10.74
C LEU D 72 -33.41 2.03 10.99
N GLU D 73 -33.88 2.50 12.12
CA GLU D 73 -33.88 3.93 12.35
C GLU D 73 -32.45 4.41 12.44
N LEU D 74 -31.59 3.50 12.87
CA LEU D 74 -30.13 3.69 12.89
C LEU D 74 -29.52 3.87 11.47
N LEU D 75 -29.85 2.93 10.58
CA LEU D 75 -29.42 2.95 9.20
C LEU D 75 -29.80 4.22 8.50
N THR D 76 -30.87 4.88 8.97
CA THR D 76 -31.36 6.10 8.31
C THR D 76 -30.79 7.32 8.95
N LYS D 77 -30.60 7.26 10.26
CA LYS D 77 -29.89 8.29 10.96
C LYS D 77 -28.49 8.37 10.36
N LEU D 78 -27.97 7.21 9.94
CA LEU D 78 -26.64 7.17 9.33
C LEU D 78 -26.72 7.34 7.81
N GLY D 79 -27.88 7.70 7.30
CA GLY D 79 -28.04 8.08 5.91
C GLY D 79 -27.60 7.05 4.89
N ARG D 80 -27.56 5.78 5.27
CA ARG D 80 -27.28 4.73 4.32
C ARG D 80 -28.52 4.42 3.52
N ASP D 81 -29.20 5.46 3.07
CA ASP D 81 -30.44 5.30 2.33
C ASP D 81 -30.32 4.29 1.19
N ASP D 82 -29.11 3.86 0.87
CA ASP D 82 -28.97 2.88 -0.19
C ASP D 82 -29.43 1.54 0.35
N VAL D 83 -28.89 1.16 1.50
CA VAL D 83 -29.21 -0.12 2.14
C VAL D 83 -30.68 -0.26 2.36
N LEU D 84 -31.30 0.82 2.87
CA LEU D 84 -32.75 0.82 3.13
C LEU D 84 -33.58 0.50 1.87
N LEU D 85 -33.60 1.37 0.88
CA LEU D 85 -34.30 1.06 -0.39
C LEU D 85 -34.18 -0.39 -0.86
N GLU D 86 -32.96 -0.92 -0.83
CA GLU D 86 -32.68 -2.20 -1.43
C GLU D 86 -33.05 -3.39 -0.56
N LEU D 87 -32.92 -3.23 0.75
CA LEU D 87 -33.31 -4.31 1.66
C LEU D 87 -34.69 -4.09 2.30
N GLY D 88 -35.30 -2.95 2.00
CA GLY D 88 -36.60 -2.56 2.54
C GLY D 88 -37.58 -3.70 2.52
N PRO D 89 -38.05 -4.08 1.33
CA PRO D 89 -38.97 -5.20 1.17
C PRO D 89 -38.47 -6.47 1.86
N SER D 90 -37.26 -6.89 1.52
CA SER D 90 -36.71 -8.08 2.12
C SER D 90 -36.73 -8.10 3.67
N ILE D 91 -36.71 -6.96 4.33
CA ILE D 91 -36.82 -6.99 5.79
C ILE D 91 -38.28 -7.06 6.19
N GLU D 92 -39.12 -6.14 5.74
CA GLU D 92 -40.53 -6.23 6.08
C GLU D 92 -41.01 -7.68 5.87
N GLU D 93 -40.72 -8.27 4.70
CA GLU D 93 -40.93 -9.69 4.46
C GLU D 93 -40.46 -10.58 5.63
N ASP D 94 -39.14 -10.72 5.88
CA ASP D 94 -38.59 -11.56 7.00
C ASP D 94 -39.26 -11.38 8.38
N CYS D 95 -40.08 -10.32 8.50
CA CYS D 95 -40.85 -9.99 9.71
C CYS D 95 -42.29 -10.59 9.69
N GLN D 96 -42.96 -10.42 8.54
CA GLN D 96 -44.24 -11.06 8.24
C GLN D 96 -44.01 -12.55 8.01
N LYS D 97 -43.02 -13.10 8.69
CA LYS D 97 -42.63 -14.47 8.49
C LYS D 97 -42.19 -14.97 9.83
N TYR D 98 -41.88 -14.04 10.72
CA TYR D 98 -41.56 -14.36 12.11
C TYR D 98 -42.84 -14.18 12.88
N ILE D 99 -43.32 -12.95 12.92
CA ILE D 99 -44.63 -12.74 13.49
C ILE D 99 -45.60 -13.70 12.82
N ALA D 100 -45.57 -13.77 11.49
CA ALA D 100 -46.38 -14.75 10.78
C ALA D 100 -46.51 -16.04 11.59
N ALA D 101 -45.48 -16.88 11.52
CA ALA D 101 -45.37 -18.01 12.43
C ALA D 101 -45.00 -17.45 13.79
N ALA D 102 -44.21 -18.19 14.56
CA ALA D 102 -44.18 -17.93 15.99
C ALA D 102 -45.57 -17.51 16.54
N LEU D 103 -46.62 -18.04 15.91
CA LEU D 103 -48.02 -17.95 16.38
C LEU D 103 -48.82 -19.18 15.95
N GLU D 104 -49.22 -19.94 16.97
CA GLU D 104 -50.19 -21.03 16.84
C GLU D 104 -50.77 -21.23 18.23
N HIS D 105 -50.38 -20.33 19.13
CA HIS D 105 -50.56 -20.48 20.56
C HIS D 105 -50.38 -19.15 21.30
N MET E 1 -19.75 -29.83 -19.40
CA MET E 1 -18.75 -30.72 -18.83
C MET E 1 -18.48 -30.47 -17.34
N LEU E 2 -17.27 -30.85 -16.91
CA LEU E 2 -16.92 -30.99 -15.49
C LEU E 2 -16.81 -29.66 -14.85
N PRO E 3 -17.20 -29.60 -13.59
CA PRO E 3 -17.41 -28.44 -12.72
C PRO E 3 -16.10 -28.05 -12.17
N LEU E 4 -16.11 -26.99 -11.38
CA LEU E 4 -14.86 -26.52 -10.83
C LEU E 4 -14.28 -27.52 -9.84
N ALA E 5 -15.13 -28.29 -9.14
CA ALA E 5 -14.61 -29.16 -8.09
C ALA E 5 -13.46 -30.02 -8.63
N ALA E 6 -13.40 -30.05 -9.96
CA ALA E 6 -12.55 -30.93 -10.71
C ALA E 6 -11.11 -30.71 -10.39
N LEU E 7 -10.75 -29.44 -10.18
CA LEU E 7 -9.35 -28.99 -10.12
C LEU E 7 -9.03 -28.37 -8.77
N ASN E 8 -7.91 -28.73 -8.18
CA ASN E 8 -7.74 -28.30 -6.80
C ASN E 8 -6.32 -27.95 -6.32
N MET E 9 -6.27 -27.39 -5.10
CA MET E 9 -5.09 -26.77 -4.49
C MET E 9 -4.00 -26.48 -5.48
N ARG E 10 -2.94 -27.28 -5.52
CA ARG E 10 -1.94 -27.15 -6.60
C ARG E 10 -2.38 -26.09 -7.67
N VAL E 11 -3.30 -26.47 -8.57
CA VAL E 11 -3.79 -25.56 -9.62
C VAL E 11 -4.52 -24.31 -9.12
N ARG E 12 -5.50 -24.50 -8.27
CA ARG E 12 -6.13 -23.35 -7.64
C ARG E 12 -5.10 -22.35 -7.00
N ARG E 13 -3.93 -22.86 -6.60
CA ARG E 13 -2.89 -22.02 -6.01
C ARG E 13 -2.17 -21.28 -7.13
N ARG E 14 -1.53 -22.04 -8.03
CA ARG E 14 -0.91 -21.49 -9.24
C ARG E 14 -1.83 -20.50 -9.98
N LEU E 15 -3.13 -20.74 -9.94
CA LEU E 15 -4.09 -19.84 -10.59
C LEU E 15 -4.16 -18.51 -9.86
N SER E 16 -3.77 -18.57 -8.61
CA SER E 16 -3.94 -17.44 -7.75
C SER E 16 -2.77 -16.56 -7.99
N LEU E 17 -1.57 -17.04 -7.67
CA LEU E 17 -0.34 -16.39 -8.15
C LEU E 17 -0.46 -15.58 -9.45
N PHE E 18 -1.16 -16.08 -10.47
CA PHE E 18 -1.32 -15.29 -11.70
C PHE E 18 -2.38 -14.19 -11.63
N LEU E 19 -3.58 -14.46 -11.10
CA LEU E 19 -4.61 -13.45 -11.25
C LEU E 19 -4.85 -12.61 -10.04
N ASN E 20 -4.10 -12.87 -8.98
CA ASN E 20 -4.29 -12.13 -7.76
C ASN E 20 -3.56 -10.79 -7.75
N VAL E 21 -2.48 -10.70 -8.50
CA VAL E 21 -1.74 -9.44 -8.56
C VAL E 21 -2.40 -8.51 -9.55
N ARG E 22 -2.91 -7.39 -9.05
CA ARG E 22 -3.65 -6.45 -9.89
C ARG E 22 -2.71 -5.79 -10.90
N THR E 23 -3.17 -5.71 -12.16
CA THR E 23 -2.37 -5.08 -13.19
C THR E 23 -3.12 -3.98 -13.94
N GLN E 24 -2.35 -3.22 -14.74
CA GLN E 24 -2.74 -1.92 -15.32
C GLN E 24 -3.63 -2.10 -16.50
N VAL E 25 -3.20 -2.95 -17.40
CA VAL E 25 -3.94 -3.13 -18.62
C VAL E 25 -4.31 -4.59 -18.91
N ALA E 26 -3.51 -5.54 -18.44
CA ALA E 26 -3.90 -6.93 -18.61
C ALA E 26 -4.94 -7.19 -17.58
N ALA E 27 -5.64 -8.31 -17.74
CA ALA E 27 -6.77 -8.68 -16.91
C ALA E 27 -6.38 -9.42 -15.64
N ASP E 28 -6.80 -8.86 -14.51
CA ASP E 28 -6.54 -9.48 -13.24
C ASP E 28 -7.84 -10.14 -12.83
N TRP E 29 -7.83 -10.81 -11.68
CA TRP E 29 -9.02 -11.55 -11.26
C TRP E 29 -10.35 -10.77 -11.31
N THR E 30 -10.29 -9.46 -11.09
CA THR E 30 -11.52 -8.65 -11.09
C THR E 30 -12.17 -8.68 -12.45
N ALA E 31 -11.29 -8.60 -13.43
CA ALA E 31 -11.67 -8.47 -14.81
C ALA E 31 -12.31 -9.77 -15.15
N LEU E 32 -11.79 -10.81 -14.52
CA LEU E 32 -12.33 -12.16 -14.64
C LEU E 32 -13.67 -12.20 -13.91
N ALA E 33 -13.62 -12.06 -12.58
CA ALA E 33 -14.81 -12.08 -11.72
C ALA E 33 -16.04 -11.40 -12.34
N GLU E 34 -15.76 -10.36 -13.09
CA GLU E 34 -16.76 -9.63 -13.84
C GLU E 34 -17.22 -10.45 -15.03
N GLU E 35 -16.27 -11.09 -15.66
CA GLU E 35 -16.55 -11.93 -16.82
C GLU E 35 -17.38 -13.15 -16.42
N MET E 36 -17.37 -13.44 -15.12
CA MET E 36 -18.13 -14.54 -14.54
C MET E 36 -19.45 -14.04 -14.01
N ASP E 37 -19.80 -12.82 -14.39
CA ASP E 37 -21.11 -12.23 -14.18
C ASP E 37 -21.36 -11.95 -12.69
N PHE E 38 -20.43 -11.22 -12.05
CA PHE E 38 -20.50 -10.83 -10.63
C PHE E 38 -20.80 -9.39 -10.53
N GLU E 39 -21.46 -8.92 -9.47
CA GLU E 39 -21.80 -7.50 -9.41
C GLU E 39 -20.70 -6.61 -8.81
N TYR E 40 -20.67 -5.33 -9.19
CA TYR E 40 -19.73 -4.40 -8.57
C TYR E 40 -19.70 -4.58 -7.03
N LEU E 41 -20.81 -4.90 -6.40
CA LEU E 41 -20.76 -4.97 -4.94
C LEU E 41 -20.19 -6.30 -4.41
N GLU E 42 -20.45 -7.36 -5.16
CA GLU E 42 -19.97 -8.67 -4.78
C GLU E 42 -18.49 -8.66 -4.94
N ILE E 43 -18.04 -8.01 -5.99
CA ILE E 43 -16.61 -8.01 -6.26
C ILE E 43 -15.87 -7.36 -5.14
N ARG E 44 -16.38 -6.25 -4.63
CA ARG E 44 -15.61 -5.60 -3.61
C ARG E 44 -15.51 -6.55 -2.42
N GLN E 45 -16.65 -7.02 -1.92
CA GLN E 45 -16.61 -7.91 -0.77
C GLN E 45 -15.89 -9.22 -1.10
N LEU E 46 -15.14 -9.22 -2.19
CA LEU E 46 -14.18 -10.31 -2.49
C LEU E 46 -12.74 -9.84 -2.24
N GLU E 47 -12.32 -8.79 -2.96
CA GLU E 47 -11.08 -8.04 -2.74
C GLU E 47 -10.76 -7.85 -1.28
N THR E 48 -10.99 -8.85 -0.46
CA THR E 48 -10.99 -8.62 0.95
C THR E 48 -10.17 -9.64 1.72
N GLN E 49 -10.44 -10.94 1.57
CA GLN E 49 -9.51 -11.95 2.10
C GLN E 49 -8.48 -12.26 1.04
N ALA E 50 -7.27 -12.65 1.44
CA ALA E 50 -6.24 -13.00 0.47
C ALA E 50 -6.76 -14.08 -0.44
N ASP E 51 -6.10 -14.29 -1.58
CA ASP E 51 -6.49 -15.30 -2.57
C ASP E 51 -7.86 -15.03 -3.15
N PRO E 52 -8.08 -13.83 -3.68
CA PRO E 52 -9.48 -13.82 -4.05
C PRO E 52 -9.63 -14.53 -5.35
N THR E 53 -8.61 -14.80 -6.14
CA THR E 53 -9.00 -15.64 -7.26
C THR E 53 -9.56 -16.98 -6.78
N GLY E 54 -8.93 -17.55 -5.75
CA GLY E 54 -9.39 -18.81 -5.16
C GLY E 54 -10.77 -18.71 -4.56
N ARG E 55 -11.08 -17.61 -3.87
CA ARG E 55 -12.40 -17.33 -3.33
C ARG E 55 -13.40 -17.15 -4.47
N LEU E 56 -13.05 -16.33 -5.44
CA LEU E 56 -13.81 -16.21 -6.68
C LEU E 56 -14.27 -17.57 -7.28
N LEU E 57 -13.39 -18.57 -7.29
CA LEU E 57 -13.78 -19.89 -7.79
C LEU E 57 -14.79 -20.57 -6.89
N ASP E 58 -14.46 -20.72 -5.60
CA ASP E 58 -15.41 -21.28 -4.66
C ASP E 58 -16.77 -20.63 -4.77
N ALA E 59 -16.77 -19.36 -5.15
CA ALA E 59 -18.01 -18.65 -5.17
C ALA E 59 -18.71 -18.68 -6.52
N TRP E 60 -18.01 -19.12 -7.54
CA TRP E 60 -18.60 -19.23 -8.87
C TRP E 60 -18.89 -20.68 -9.26
N GLN E 61 -18.76 -21.63 -8.32
CA GLN E 61 -18.95 -23.06 -8.66
C GLN E 61 -20.38 -23.42 -8.35
N GLY E 62 -20.86 -23.02 -7.18
CA GLY E 62 -22.26 -23.18 -6.82
C GLY E 62 -23.13 -22.16 -7.52
N ARG E 63 -22.89 -22.01 -8.82
CA ARG E 63 -23.60 -21.06 -9.63
C ARG E 63 -23.77 -21.75 -10.98
N PRO E 64 -24.30 -21.07 -11.99
CA PRO E 64 -24.53 -21.58 -13.35
C PRO E 64 -23.26 -21.87 -14.10
N GLY E 65 -23.04 -21.20 -15.23
CA GLY E 65 -21.93 -21.52 -16.13
C GLY E 65 -20.75 -22.34 -15.65
N ALA E 66 -20.38 -22.16 -14.38
CA ALA E 66 -19.23 -22.81 -13.79
C ALA E 66 -18.86 -24.11 -14.47
N SER E 67 -18.12 -24.02 -15.55
CA SER E 67 -17.52 -25.20 -16.14
C SER E 67 -16.04 -25.09 -15.84
N VAL E 68 -15.23 -26.12 -16.04
CA VAL E 68 -13.78 -25.87 -16.08
C VAL E 68 -13.57 -25.19 -17.42
N GLY E 69 -14.27 -25.69 -18.43
CA GLY E 69 -14.21 -25.11 -19.75
C GLY E 69 -14.54 -23.63 -19.76
N ARG E 70 -15.67 -23.23 -19.17
CA ARG E 70 -15.97 -21.81 -19.16
C ARG E 70 -14.78 -21.03 -18.56
N LEU E 71 -14.27 -21.50 -17.42
CA LEU E 71 -13.10 -20.90 -16.79
C LEU E 71 -11.98 -20.74 -17.79
N LEU E 72 -11.73 -21.75 -18.60
CA LEU E 72 -10.71 -21.60 -19.65
C LEU E 72 -11.05 -20.67 -20.83
N GLU E 73 -12.25 -20.78 -21.38
CA GLU E 73 -12.53 -20.00 -22.58
C GLU E 73 -12.57 -18.52 -22.21
N LEU E 74 -12.90 -18.29 -20.95
CA LEU E 74 -12.85 -16.96 -20.34
C LEU E 74 -11.43 -16.44 -20.21
N LEU E 75 -10.55 -17.26 -19.64
CA LEU E 75 -9.13 -16.91 -19.49
C LEU E 75 -8.48 -16.49 -20.80
N THR E 76 -9.06 -16.96 -21.89
CA THR E 76 -8.52 -16.82 -23.21
C THR E 76 -9.17 -15.66 -23.95
N LYS E 77 -10.46 -15.49 -23.74
CA LYS E 77 -11.13 -14.25 -24.17
C LYS E 77 -10.51 -13.04 -23.44
N LEU E 78 -9.98 -13.27 -22.23
CA LEU E 78 -9.32 -12.23 -21.43
C LEU E 78 -7.84 -12.11 -21.78
N GLY E 79 -7.41 -12.90 -22.74
CA GLY E 79 -6.05 -12.87 -23.25
C GLY E 79 -4.96 -13.09 -22.23
N ARG E 80 -5.27 -13.71 -21.12
CA ARG E 80 -4.21 -14.04 -20.18
C ARG E 80 -3.49 -15.30 -20.65
N ASP E 81 -3.08 -15.29 -21.91
CA ASP E 81 -2.44 -16.46 -22.53
C ASP E 81 -1.25 -16.94 -21.73
N ASP E 82 -0.81 -16.17 -20.76
CA ASP E 82 0.27 -16.66 -19.96
C ASP E 82 -0.24 -17.77 -19.05
N VAL E 83 -1.33 -17.51 -18.32
CA VAL E 83 -1.86 -18.49 -17.37
C VAL E 83 -2.25 -19.80 -18.04
N LEU E 84 -2.86 -19.69 -19.22
CA LEU E 84 -3.12 -20.86 -20.07
C LEU E 84 -1.89 -21.74 -20.27
N LEU E 85 -0.93 -21.32 -21.11
CA LEU E 85 0.28 -22.11 -21.35
C LEU E 85 0.86 -22.79 -20.09
N GLU E 86 0.92 -22.07 -18.97
CA GLU E 86 1.62 -22.61 -17.82
C GLU E 86 0.77 -23.54 -16.98
N LEU E 87 -0.54 -23.29 -16.92
CA LEU E 87 -1.42 -24.19 -16.19
C LEU E 87 -2.09 -25.24 -17.09
N GLY E 88 -1.94 -25.08 -18.40
CA GLY E 88 -2.52 -25.96 -19.42
C GLY E 88 -2.49 -27.42 -19.02
N PRO E 89 -1.31 -28.02 -18.93
CA PRO E 89 -1.15 -29.42 -18.59
C PRO E 89 -1.71 -29.70 -17.19
N SER E 90 -1.28 -28.93 -16.20
CA SER E 90 -1.79 -29.10 -14.84
C SER E 90 -3.35 -29.15 -14.75
N ILE E 91 -4.06 -28.50 -15.66
CA ILE E 91 -5.51 -28.58 -15.63
C ILE E 91 -5.97 -29.87 -16.34
N GLU E 92 -5.65 -30.03 -17.62
CA GLU E 92 -6.02 -31.26 -18.29
C GLU E 92 -5.72 -32.43 -17.35
N GLU E 93 -4.54 -32.48 -16.74
CA GLU E 93 -4.22 -33.51 -15.74
C GLU E 93 -5.27 -33.65 -14.62
N ASP E 94 -5.48 -32.64 -13.79
CA ASP E 94 -6.52 -32.68 -12.72
C ASP E 94 -7.96 -33.04 -13.15
N CYS E 95 -8.21 -33.13 -14.46
CA CYS E 95 -9.50 -33.61 -15.00
C CYS E 95 -9.47 -35.12 -15.35
N GLN E 96 -8.39 -35.56 -15.98
CA GLN E 96 -8.05 -36.97 -16.17
C GLN E 96 -7.76 -37.61 -14.81
N LYS E 97 -8.38 -37.08 -13.78
CA LYS E 97 -8.07 -37.52 -12.44
C LYS E 97 -9.38 -37.44 -11.68
N TYR E 98 -10.31 -36.65 -12.20
CA TYR E 98 -11.65 -36.56 -11.61
C TYR E 98 -12.45 -37.54 -12.42
N ILE E 99 -12.61 -37.24 -13.70
CA ILE E 99 -13.21 -38.20 -14.61
C ILE E 99 -12.54 -39.55 -14.41
N ALA E 100 -11.21 -39.60 -14.42
CA ALA E 100 -10.51 -40.83 -14.12
C ALA E 100 -11.25 -41.62 -13.05
N ALA E 101 -11.11 -41.21 -11.81
CA ALA E 101 -11.94 -41.73 -10.73
C ALA E 101 -13.31 -41.15 -10.87
N ALA E 102 -13.98 -40.93 -9.76
CA ALA E 102 -15.41 -40.72 -9.84
C ALA E 102 -16.02 -41.61 -10.95
N LEU E 103 -15.43 -42.80 -11.13
CA LEU E 103 -15.96 -43.88 -11.97
C LEU E 103 -15.54 -45.26 -11.42
N GLU E 104 -16.50 -46.02 -10.91
CA GLU E 104 -16.38 -47.46 -10.66
C GLU E 104 -17.79 -48.02 -10.67
N HIS E 105 -18.70 -47.18 -11.15
CA HIS E 105 -20.14 -47.38 -11.02
C HIS E 105 -20.92 -46.49 -12.00
N MET F 1 21.82 -26.00 10.66
CA MET F 1 21.47 -26.33 12.03
C MET F 1 19.97 -26.73 12.15
N LEU F 2 19.26 -26.00 13.00
CA LEU F 2 17.85 -26.20 13.29
C LEU F 2 16.96 -25.33 12.40
N PRO F 3 15.64 -25.57 12.41
CA PRO F 3 14.71 -24.88 11.52
C PRO F 3 14.26 -23.59 12.13
N LEU F 4 13.64 -22.75 11.32
CA LEU F 4 13.28 -21.43 11.79
C LEU F 4 12.38 -21.56 13.03
N ALA F 5 11.66 -22.69 13.08
CA ALA F 5 10.69 -22.99 14.15
C ALA F 5 11.32 -22.67 15.49
N ALA F 6 12.64 -22.62 15.48
CA ALA F 6 13.44 -22.33 16.64
C ALA F 6 13.19 -20.92 17.11
N LEU F 7 13.47 -19.96 16.23
CA LEU F 7 13.32 -18.56 16.59
C LEU F 7 11.89 -18.17 16.42
N ASN F 8 11.30 -17.58 17.46
CA ASN F 8 9.88 -17.21 17.36
C ASN F 8 9.50 -15.82 17.82
N MET F 9 8.32 -15.38 17.39
CA MET F 9 7.80 -14.04 17.64
C MET F 9 8.84 -12.98 17.97
N ARG F 10 9.32 -12.94 19.22
CA ARG F 10 10.29 -11.92 19.64
C ARG F 10 11.15 -11.39 18.49
N VAL F 11 11.94 -12.27 17.88
CA VAL F 11 12.85 -11.85 16.82
C VAL F 11 12.17 -11.75 15.47
N ARG F 12 11.36 -12.73 15.11
CA ARG F 12 10.61 -12.61 13.86
C ARG F 12 10.05 -11.19 13.70
N ARG F 13 9.71 -10.54 14.82
CA ARG F 13 9.14 -9.17 14.85
C ARG F 13 10.18 -8.11 14.53
N ARG F 14 11.25 -8.07 15.33
CA ARG F 14 12.45 -7.26 15.06
C ARG F 14 12.97 -7.42 13.61
N LEU F 15 13.57 -8.58 13.35
CA LEU F 15 13.85 -9.07 12.00
C LEU F 15 12.93 -8.51 10.92
N SER F 16 11.62 -8.59 11.16
CA SER F 16 10.66 -8.03 10.22
C SER F 16 10.92 -6.56 9.95
N LEU F 17 10.71 -5.71 10.98
CA LEU F 17 10.90 -4.24 10.83
C LEU F 17 12.32 -3.77 10.53
N PHE F 18 13.12 -4.68 10.00
CA PHE F 18 14.39 -4.36 9.39
C PHE F 18 14.17 -4.53 7.90
N LEU F 19 13.73 -5.71 7.54
CA LEU F 19 13.76 -6.08 6.15
C LEU F 19 12.44 -5.80 5.50
N ASN F 20 11.46 -5.36 6.27
CA ASN F 20 10.17 -5.06 5.69
C ASN F 20 10.25 -3.78 4.94
N VAL F 21 11.24 -2.99 5.34
CA VAL F 21 11.42 -1.60 4.87
C VAL F 21 12.27 -1.54 3.63
N ARG F 22 11.63 -1.13 2.54
CA ARG F 22 12.22 -1.24 1.23
C ARG F 22 13.31 -0.19 1.07
N THR F 23 14.51 -0.63 0.71
CA THR F 23 15.61 0.29 0.52
C THR F 23 16.16 0.24 -0.90
N GLN F 24 17.06 1.20 -1.21
CA GLN F 24 17.49 1.48 -2.59
C GLN F 24 18.83 0.88 -2.94
N VAL F 25 19.65 0.66 -1.93
CA VAL F 25 20.96 0.05 -2.13
C VAL F 25 21.06 -1.19 -1.28
N ALA F 26 20.43 -1.12 -0.12
CA ALA F 26 20.49 -2.20 0.85
C ALA F 26 19.59 -3.34 0.45
N ALA F 27 19.56 -4.34 1.32
CA ALA F 27 18.72 -5.50 1.14
C ALA F 27 17.44 -5.37 1.95
N ASP F 28 16.31 -5.19 1.28
CA ASP F 28 15.04 -5.34 1.94
C ASP F 28 14.71 -6.81 1.75
N TRP F 29 13.60 -7.25 2.32
CA TRP F 29 13.27 -8.67 2.31
C TRP F 29 13.38 -9.21 0.89
N THR F 30 12.91 -8.46 -0.09
CA THR F 30 12.90 -8.93 -1.47
C THR F 30 14.26 -9.45 -1.92
N ALA F 31 15.31 -8.79 -1.46
CA ALA F 31 16.68 -9.21 -1.74
C ALA F 31 16.90 -10.58 -1.12
N LEU F 32 16.57 -10.67 0.16
CA LEU F 32 16.61 -11.93 0.87
C LEU F 32 15.77 -12.97 0.15
N ALA F 33 14.46 -12.75 0.08
CA ALA F 33 13.57 -13.65 -0.64
C ALA F 33 14.26 -14.23 -1.84
N GLU F 34 14.80 -13.35 -2.69
CA GLU F 34 15.53 -13.78 -3.87
C GLU F 34 16.53 -14.89 -3.55
N GLU F 35 17.42 -14.63 -2.59
CA GLU F 35 18.48 -15.58 -2.26
C GLU F 35 17.94 -16.93 -1.78
N MET F 36 16.84 -16.92 -1.00
CA MET F 36 16.23 -18.18 -0.59
C MET F 36 15.51 -18.79 -1.78
N ASP F 37 16.07 -18.59 -2.97
CA ASP F 37 15.52 -19.18 -4.22
C ASP F 37 13.98 -19.19 -4.34
N PHE F 38 13.40 -18.00 -4.49
CA PHE F 38 11.96 -17.88 -4.66
C PHE F 38 11.71 -17.32 -6.06
N GLU F 39 10.72 -17.85 -6.78
CA GLU F 39 10.38 -17.39 -8.14
C GLU F 39 9.95 -15.91 -8.17
N TYR F 40 9.61 -15.37 -9.35
CA TYR F 40 9.24 -13.96 -9.44
C TYR F 40 7.93 -13.78 -8.72
N LEU F 41 6.89 -14.30 -9.32
CA LEU F 41 5.52 -14.31 -8.82
C LEU F 41 5.36 -14.64 -7.37
N GLU F 42 6.10 -15.65 -6.93
CA GLU F 42 6.08 -16.04 -5.54
C GLU F 42 6.40 -14.81 -4.75
N ILE F 43 7.41 -14.02 -5.16
CA ILE F 43 7.84 -12.86 -4.35
C ILE F 43 6.76 -11.82 -4.35
N ARG F 44 6.21 -11.56 -5.53
CA ARG F 44 5.20 -10.53 -5.64
C ARG F 44 3.93 -10.82 -4.88
N GLN F 45 3.42 -12.04 -4.98
CA GLN F 45 2.21 -12.42 -4.23
C GLN F 45 2.54 -12.76 -2.76
N LEU F 46 3.51 -12.00 -2.28
CA LEU F 46 4.08 -12.12 -0.95
C LEU F 46 4.29 -10.68 -0.53
N GLU F 47 4.43 -9.81 -1.54
CA GLU F 47 4.57 -8.36 -1.37
C GLU F 47 3.19 -7.83 -1.05
N THR F 48 2.41 -8.61 -0.34
CA THR F 48 1.03 -8.25 -0.18
C THR F 48 0.68 -8.16 1.26
N GLN F 49 0.70 -9.29 1.97
CA GLN F 49 0.38 -9.22 3.39
C GLN F 49 1.39 -8.33 4.05
N ALA F 50 0.94 -7.53 4.99
CA ALA F 50 1.89 -6.82 5.79
C ALA F 50 2.71 -7.88 6.54
N ASP F 51 3.96 -7.51 6.81
CA ASP F 51 4.98 -8.38 7.40
C ASP F 51 5.48 -9.51 6.51
N PRO F 52 5.69 -9.22 5.21
CA PRO F 52 6.23 -10.25 4.32
C PRO F 52 7.56 -10.88 4.80
N THR F 53 8.41 -10.17 5.52
CA THR F 53 9.57 -10.88 6.02
C THR F 53 9.17 -12.12 6.81
N GLY F 54 8.20 -12.00 7.71
CA GLY F 54 7.67 -13.17 8.40
C GLY F 54 7.06 -14.19 7.43
N ARG F 55 6.12 -13.72 6.61
CA ARG F 55 5.51 -14.49 5.56
C ARG F 55 6.57 -15.03 4.59
N LEU F 56 7.81 -14.62 4.75
CA LEU F 56 8.86 -15.14 3.90
C LEU F 56 9.48 -16.29 4.65
N LEU F 57 9.87 -16.02 5.87
CA LEU F 57 10.41 -17.05 6.72
C LEU F 57 9.47 -18.26 6.71
N ASP F 58 8.18 -18.03 6.92
CA ASP F 58 7.31 -19.19 7.01
C ASP F 58 7.00 -19.91 5.72
N ALA F 59 7.33 -19.28 4.60
CA ALA F 59 7.19 -19.94 3.31
C ALA F 59 8.47 -20.70 3.00
N TRP F 60 9.58 -20.29 3.59
CA TRP F 60 10.88 -20.89 3.28
C TRP F 60 11.30 -21.69 4.46
N GLN F 61 10.35 -22.34 5.10
CA GLN F 61 10.73 -23.15 6.23
C GLN F 61 10.45 -24.61 6.00
N GLY F 62 9.23 -24.93 5.55
CA GLY F 62 8.90 -26.26 5.10
C GLY F 62 9.53 -26.44 3.74
N ARG F 63 10.73 -25.87 3.61
CA ARG F 63 11.48 -25.85 2.38
C ARG F 63 12.91 -26.35 2.59
N PRO F 64 13.56 -26.78 1.52
CA PRO F 64 14.94 -27.28 1.51
C PRO F 64 15.90 -26.52 2.43
N GLY F 65 16.65 -25.56 1.91
CA GLY F 65 17.68 -24.88 2.67
C GLY F 65 17.35 -24.58 4.12
N ALA F 66 16.05 -24.53 4.42
CA ALA F 66 15.54 -24.15 5.72
C ALA F 66 16.47 -24.52 6.87
N SER F 67 17.45 -23.66 7.11
CA SER F 67 18.18 -23.71 8.35
C SER F 67 17.95 -22.38 9.06
N VAL F 68 18.60 -22.19 10.18
CA VAL F 68 18.59 -20.90 10.84
C VAL F 68 19.94 -20.22 10.54
N GLY F 69 21.01 -20.99 10.67
CA GLY F 69 22.31 -20.50 10.27
C GLY F 69 22.28 -20.23 8.78
N ARG F 70 21.36 -20.88 8.08
CA ARG F 70 21.29 -20.69 6.65
C ARG F 70 20.82 -19.27 6.37
N LEU F 71 19.74 -18.87 7.02
CA LEU F 71 19.27 -17.49 6.89
C LEU F 71 20.34 -16.57 7.42
N LEU F 72 20.94 -16.98 8.53
CA LEU F 72 21.98 -16.23 9.19
C LEU F 72 23.13 -15.90 8.26
N GLU F 73 23.59 -16.91 7.53
CA GLU F 73 24.76 -16.74 6.69
C GLU F 73 24.37 -15.91 5.47
N LEU F 74 23.09 -15.98 5.12
CA LEU F 74 22.54 -15.17 4.05
C LEU F 74 22.59 -13.69 4.39
N LEU F 75 21.88 -13.30 5.43
CA LEU F 75 21.96 -11.93 5.98
C LEU F 75 23.38 -11.35 5.98
N THR F 76 24.35 -12.16 6.41
CA THR F 76 25.75 -11.79 6.46
C THR F 76 26.26 -11.53 5.06
N LYS F 77 25.86 -12.44 4.17
CA LYS F 77 26.20 -12.41 2.76
C LYS F 77 25.53 -11.26 1.95
N LEU F 78 24.38 -10.77 2.42
CA LEU F 78 23.68 -9.70 1.69
C LEU F 78 24.08 -8.36 2.25
N GLY F 79 25.07 -8.40 3.14
CA GLY F 79 25.63 -7.19 3.70
C GLY F 79 24.59 -6.44 4.52
N ARG F 80 23.91 -7.17 5.39
CA ARG F 80 23.02 -6.51 6.33
C ARG F 80 23.54 -6.61 7.76
N ASP F 81 24.81 -6.24 7.89
CA ASP F 81 25.58 -6.39 9.12
C ASP F 81 24.87 -5.74 10.28
N ASP F 82 23.89 -4.89 9.97
CA ASP F 82 23.21 -4.18 11.04
C ASP F 82 22.27 -5.10 11.76
N VAL F 83 21.67 -6.03 11.03
CA VAL F 83 20.66 -6.89 11.56
C VAL F 83 21.30 -7.92 12.52
N LEU F 84 22.35 -8.59 12.05
CA LEU F 84 23.08 -9.52 12.89
C LEU F 84 23.92 -8.81 13.94
N LEU F 85 23.31 -7.94 14.74
CA LEU F 85 24.09 -7.22 15.72
C LEU F 85 23.16 -6.66 16.76
N GLU F 86 22.04 -6.12 16.30
CA GLU F 86 20.98 -5.80 17.23
C GLU F 86 20.08 -7.02 17.33
N LEU F 87 20.49 -8.11 16.69
CA LEU F 87 19.70 -9.33 16.71
C LEU F 87 20.50 -10.60 16.97
N GLY F 88 21.75 -10.64 16.56
CA GLY F 88 22.61 -11.82 16.73
C GLY F 88 22.51 -12.55 18.06
N PRO F 89 22.79 -11.85 19.17
CA PRO F 89 22.59 -12.43 20.49
C PRO F 89 21.21 -13.03 20.63
N SER F 90 20.17 -12.25 20.33
CA SER F 90 18.77 -12.67 20.51
C SER F 90 18.38 -13.96 19.77
N ILE F 91 19.24 -14.40 18.86
CA ILE F 91 18.96 -15.59 18.05
C ILE F 91 19.74 -16.83 18.55
N GLU F 92 21.04 -16.70 18.79
CA GLU F 92 21.76 -17.83 19.39
C GLU F 92 21.20 -18.09 20.78
N GLU F 93 20.22 -17.27 21.16
CA GLU F 93 19.45 -17.45 22.40
C GLU F 93 18.17 -18.26 22.12
N ASP F 94 17.29 -17.77 21.24
CA ASP F 94 16.09 -18.54 20.86
C ASP F 94 16.44 -19.89 20.22
N CYS F 95 17.73 -20.15 20.05
CA CYS F 95 18.21 -21.44 19.58
C CYS F 95 18.53 -22.32 20.77
N GLN F 96 18.78 -21.68 21.92
CA GLN F 96 19.06 -22.38 23.18
C GLN F 96 17.77 -22.87 23.82
N LYS F 97 16.81 -21.95 23.95
CA LYS F 97 15.48 -22.24 24.47
C LYS F 97 14.85 -23.42 23.74
N TYR F 98 15.43 -23.80 22.61
CA TYR F 98 14.87 -24.85 21.78
C TYR F 98 15.75 -26.10 21.82
N ILE F 99 17.05 -25.88 21.97
CA ILE F 99 18.01 -26.98 22.08
C ILE F 99 17.90 -27.63 23.44
N ALA F 100 18.07 -26.83 24.49
CA ALA F 100 17.93 -27.33 25.87
C ALA F 100 16.55 -27.94 26.04
N ALA F 101 15.52 -27.14 25.83
CA ALA F 101 14.15 -27.63 25.87
C ALA F 101 13.84 -28.48 24.64
N ALA F 102 12.62 -29.00 24.55
CA ALA F 102 12.24 -29.95 23.50
C ALA F 102 13.29 -31.06 23.37
N LEU F 103 14.14 -31.18 24.39
CA LEU F 103 15.15 -32.23 24.47
C LEU F 103 15.21 -32.76 25.90
N GLU F 104 14.04 -33.07 26.46
CA GLU F 104 13.93 -33.67 27.79
C GLU F 104 13.64 -35.16 27.67
N HIS F 105 14.12 -35.77 26.60
CA HIS F 105 13.71 -37.13 26.28
C HIS F 105 14.75 -37.85 25.44
N MET G 1 -15.42 8.09 28.11
CA MET G 1 -16.88 8.06 27.98
C MET G 1 -17.41 9.34 27.32
N GLY G 2 -18.33 10.03 27.97
CA GLY G 2 -18.97 11.19 27.37
C GLY G 2 -18.28 12.52 27.63
N PRO G 3 -18.13 12.89 28.92
CA PRO G 3 -17.46 14.14 29.30
C PRO G 3 -15.93 14.02 29.29
N ILE G 4 -15.35 14.02 28.09
CA ILE G 4 -13.90 13.91 27.90
C ILE G 4 -13.16 14.99 28.73
N THR G 5 -12.28 14.56 29.63
CA THR G 5 -11.52 15.51 30.44
C THR G 5 -10.06 15.06 30.61
N PRO G 6 -9.16 15.99 30.98
CA PRO G 6 -7.72 15.73 31.09
C PRO G 6 -7.32 14.68 32.15
N SER G 7 -8.28 13.89 32.61
CA SER G 7 -8.02 12.83 33.57
C SER G 7 -8.38 11.45 33.00
N THR G 8 -9.18 11.43 31.93
CA THR G 8 -9.61 10.18 31.32
C THR G 8 -8.48 9.51 30.54
N TYR G 9 -8.76 8.30 30.09
CA TYR G 9 -7.76 7.47 29.47
C TYR G 9 -7.83 7.58 27.95
N VAL G 10 -6.68 7.69 27.31
CA VAL G 10 -6.62 7.70 25.85
C VAL G 10 -7.31 6.50 25.19
N ARG G 11 -6.83 5.29 25.46
CA ARG G 11 -7.42 4.08 24.86
C ARG G 11 -8.92 3.82 25.20
N CYS G 12 -9.55 4.75 25.92
CA CYS G 12 -11.00 4.68 26.18
C CYS G 12 -11.80 5.59 25.25
N LEU G 13 -11.17 6.07 24.17
CA LEU G 13 -11.78 7.11 23.34
C LEU G 13 -12.62 6.58 22.18
N ASN G 14 -13.83 7.10 22.07
CA ASN G 14 -14.77 6.69 21.03
C ASN G 14 -14.06 6.49 19.68
N VAL G 15 -14.33 5.36 19.03
CA VAL G 15 -13.78 5.06 17.69
C VAL G 15 -14.28 5.98 16.56
N GLY G 16 -15.36 6.70 16.81
CA GLY G 16 -15.80 7.72 15.88
C GLY G 16 -14.86 8.93 15.98
N LEU G 17 -14.63 9.41 17.20
CA LEU G 17 -13.79 10.60 17.41
C LEU G 17 -12.33 10.40 17.02
N ILE G 18 -11.80 9.21 17.22
CA ILE G 18 -10.40 9.05 16.82
C ILE G 18 -10.24 9.18 15.30
N ARG G 19 -11.05 8.48 14.51
CA ARG G 19 -11.02 8.63 13.05
C ARG G 19 -11.29 10.09 12.65
N LYS G 20 -11.45 10.97 13.64
CA LYS G 20 -11.74 12.39 13.39
C LYS G 20 -10.56 13.31 13.72
N LEU G 21 -9.99 13.14 14.92
CA LEU G 21 -8.74 13.82 15.24
C LEU G 21 -7.60 13.06 14.56
N SER G 22 -7.98 12.03 13.83
CA SER G 22 -7.09 11.38 12.89
C SER G 22 -6.78 12.39 11.78
N ASP G 23 -7.82 12.97 11.25
CA ASP G 23 -7.71 13.84 10.11
C ASP G 23 -6.95 15.14 10.39
N PHE G 24 -6.75 15.46 11.65
CA PHE G 24 -5.80 16.53 11.92
C PHE G 24 -4.37 16.00 11.84
N ILE G 25 -4.05 15.05 12.70
CA ILE G 25 -2.68 14.57 12.82
C ILE G 25 -2.20 13.83 11.58
N ASP G 26 -3.13 13.23 10.86
CA ASP G 26 -2.81 12.29 9.78
C ASP G 26 -2.03 12.85 8.56
N PRO G 27 -2.40 14.04 8.02
CA PRO G 27 -1.72 14.46 6.81
C PRO G 27 -0.54 15.36 7.15
N GLN G 28 0.36 15.52 6.17
CA GLN G 28 1.60 16.30 6.30
C GLN G 28 2.49 15.70 7.38
N GLU G 29 2.56 14.37 7.38
CA GLU G 29 3.36 13.64 8.38
C GLU G 29 3.15 14.14 9.81
N GLY G 30 1.97 14.69 10.09
CA GLY G 30 1.66 15.25 11.39
C GLY G 30 1.90 14.31 12.56
N TRP G 31 1.60 13.04 12.33
CA TRP G 31 1.78 12.04 13.38
C TRP G 31 3.26 11.71 13.59
N LYS G 32 4.08 11.90 12.55
CA LYS G 32 5.51 11.64 12.68
C LYS G 32 6.00 12.58 13.75
N LYS G 33 5.51 13.82 13.66
CA LYS G 33 5.88 14.87 14.60
C LYS G 33 5.45 14.43 15.99
N LEU G 34 4.26 13.82 16.07
CA LEU G 34 3.76 13.34 17.36
C LEU G 34 4.52 12.13 17.86
N ALA G 35 4.70 11.14 16.99
CA ALA G 35 5.37 9.91 17.37
C ALA G 35 6.68 10.14 18.14
N VAL G 36 7.56 11.00 17.63
CA VAL G 36 8.84 11.21 18.34
C VAL G 36 8.68 12.11 19.53
N ALA G 37 7.55 12.81 19.61
CA ALA G 37 7.26 13.65 20.76
C ALA G 37 6.85 12.80 21.95
N ILE G 38 6.45 11.57 21.64
CA ILE G 38 6.04 10.61 22.65
C ILE G 38 7.27 10.01 23.26
N LYS G 39 7.49 10.29 24.55
CA LYS G 39 8.68 9.85 25.27
C LYS G 39 8.31 9.07 26.53
N LYS G 40 9.04 7.97 26.78
CA LYS G 40 8.90 7.16 28.00
C LYS G 40 9.19 8.03 29.23
N PRO G 41 9.08 7.47 30.46
CA PRO G 41 9.31 8.31 31.63
C PRO G 41 10.80 8.59 31.78
N SER G 42 11.61 7.62 31.38
CA SER G 42 13.06 7.73 31.43
C SER G 42 13.52 9.00 30.72
N GLY G 43 12.81 9.35 29.66
CA GLY G 43 13.17 10.50 28.85
C GLY G 43 13.47 10.05 27.44
N ASP G 44 13.96 8.81 27.31
CA ASP G 44 14.33 8.24 26.02
C ASP G 44 13.14 8.23 25.04
N ASP G 45 13.43 8.34 23.75
CA ASP G 45 12.40 8.24 22.71
C ASP G 45 11.53 7.01 22.94
N ARG G 46 10.20 7.16 22.87
CA ARG G 46 9.30 6.00 22.95
C ARG G 46 9.54 5.14 21.73
N TYR G 47 9.03 5.60 20.59
CA TYR G 47 9.23 4.93 19.33
C TYR G 47 10.52 5.39 18.65
N ASN G 48 11.31 4.47 18.12
CA ASN G 48 12.53 4.94 17.45
C ASN G 48 12.56 4.69 15.96
N GLN G 49 13.64 5.13 15.32
CA GLN G 49 13.76 5.13 13.86
C GLN G 49 13.04 3.95 13.21
N PHE G 50 13.07 2.77 13.84
CA PHE G 50 12.51 1.53 13.27
C PHE G 50 11.01 1.37 13.48
N HIS G 51 10.54 1.63 14.70
CA HIS G 51 9.12 1.63 15.01
C HIS G 51 8.41 2.52 14.03
N ILE G 52 8.91 3.74 13.87
CA ILE G 52 8.23 4.69 13.01
C ILE G 52 8.11 4.19 11.58
N ARG G 53 9.14 3.52 11.05
CA ARG G 53 9.01 3.04 9.69
C ARG G 53 7.90 1.99 9.63
N ARG G 54 7.70 1.21 10.70
CA ARG G 54 6.56 0.30 10.76
C ARG G 54 5.25 1.00 10.46
N PHE G 55 4.94 2.06 11.21
CA PHE G 55 3.72 2.82 10.95
C PHE G 55 3.59 3.36 9.54
N GLU G 56 4.68 3.90 9.02
CA GLU G 56 4.69 4.43 7.66
C GLU G 56 4.10 3.39 6.70
N ALA G 57 4.33 2.11 7.02
CA ALA G 57 3.98 0.97 6.16
C ALA G 57 2.52 0.80 6.08
N LEU G 58 1.82 1.42 7.02
CA LEU G 58 0.39 1.24 7.14
C LEU G 58 -0.37 2.25 6.29
N LEU G 59 0.34 2.88 5.36
CA LEU G 59 -0.37 3.69 4.39
C LEU G 59 -0.65 2.87 3.16
N GLN G 60 0.21 1.90 2.87
CA GLN G 60 -0.04 0.94 1.79
C GLN G 60 -1.27 0.07 2.09
N THR G 61 -1.72 0.07 3.36
CA THR G 61 -2.93 -0.68 3.74
C THR G 61 -4.15 0.24 3.92
N GLY G 62 -3.89 1.54 4.07
CA GLY G 62 -4.93 2.54 4.21
C GLY G 62 -5.41 2.68 5.64
N LYS G 63 -4.46 2.75 6.57
CA LYS G 63 -4.81 2.80 7.98
C LYS G 63 -4.30 4.07 8.70
N SER G 64 -5.22 4.82 9.29
CA SER G 64 -4.85 6.01 10.05
C SER G 64 -3.72 5.68 10.99
N PRO G 65 -2.49 6.00 10.61
CA PRO G 65 -1.45 5.64 11.56
C PRO G 65 -1.48 6.64 12.69
N THR G 66 -2.32 7.66 12.60
CA THR G 66 -2.59 8.46 13.79
C THR G 66 -3.22 7.54 14.83
N SER G 67 -4.20 6.76 14.37
CA SER G 67 -4.91 5.79 15.19
C SER G 67 -4.01 4.63 15.63
N GLU G 68 -3.46 3.91 14.65
CA GLU G 68 -2.65 2.75 14.94
C GLU G 68 -1.55 3.07 15.96
N LEU G 69 -1.21 4.36 16.07
CA LEU G 69 -0.19 4.84 17.01
C LEU G 69 -0.89 5.25 18.26
N LEU G 70 -2.07 5.84 18.09
CA LEU G 70 -2.89 6.30 19.19
C LEU G 70 -3.26 5.16 20.09
N PHE G 71 -3.92 4.16 19.51
CA PHE G 71 -4.23 2.96 20.26
C PHE G 71 -2.98 2.44 20.91
N ASP G 72 -1.95 2.26 20.09
CA ASP G 72 -0.73 1.63 20.53
C ASP G 72 0.05 2.32 21.65
N TRP G 73 -0.10 3.61 21.78
CA TRP G 73 0.55 4.27 22.90
C TRP G 73 -0.47 4.44 23.98
N GLY G 74 -1.62 3.77 23.79
CA GLY G 74 -2.72 3.75 24.75
C GLY G 74 -2.47 2.70 25.80
N THR G 75 -1.66 1.72 25.42
CA THR G 75 -1.24 0.67 26.32
C THR G 75 -0.18 1.12 27.32
N THR G 76 -0.20 2.39 27.68
CA THR G 76 0.50 2.87 28.89
C THR G 76 -0.34 3.99 29.47
N ASN G 77 -1.65 3.85 29.32
CA ASN G 77 -2.60 4.62 30.09
C ASN G 77 -2.67 6.08 29.67
N CYS G 78 -1.50 6.68 29.51
CA CYS G 78 -1.39 8.11 29.21
C CYS G 78 -2.74 8.84 29.13
N THR G 79 -2.87 9.86 29.97
CA THR G 79 -4.10 10.62 30.07
C THR G 79 -4.34 11.43 28.81
N VAL G 80 -5.61 11.62 28.49
CA VAL G 80 -6.04 12.57 27.46
C VAL G 80 -5.33 13.93 27.64
N GLY G 81 -4.90 14.20 28.85
CA GLY G 81 -4.03 15.33 29.13
C GLY G 81 -2.74 15.15 28.37
N ASP G 82 -1.92 14.17 28.77
CA ASP G 82 -0.64 13.87 28.07
C ASP G 82 -0.74 14.01 26.54
N LEU G 83 -1.95 13.82 26.03
CA LEU G 83 -2.27 13.92 24.63
C LEU G 83 -2.19 15.37 24.15
N VAL G 84 -3.06 16.22 24.69
CA VAL G 84 -3.08 17.64 24.31
C VAL G 84 -1.83 18.37 24.80
N ASP G 85 -1.43 18.09 26.02
CA ASP G 85 -0.19 18.62 26.57
C ASP G 85 0.94 18.38 25.57
N LEU G 86 0.79 17.33 24.77
CA LEU G 86 1.80 16.98 23.77
C LEU G 86 1.34 17.46 22.37
N LEU G 87 0.04 17.73 22.25
CA LEU G 87 -0.55 18.31 21.06
C LEU G 87 -0.25 19.81 21.02
N ILE G 88 -0.62 20.51 22.10
CA ILE G 88 -0.28 21.91 22.22
C ILE G 88 1.21 22.06 22.05
N GLN G 89 1.98 21.43 22.95
CA GLN G 89 3.43 21.63 22.97
C GLN G 89 4.12 21.35 21.62
N ASN G 90 3.39 20.72 20.71
CA ASN G 90 3.90 20.43 19.37
C ASN G 90 3.16 21.27 18.32
N GLU G 91 2.35 22.21 18.80
CA GLU G 91 1.63 23.17 17.95
C GLU G 91 0.44 22.57 17.19
N PHE G 92 -0.10 21.46 17.70
CA PHE G 92 -1.30 20.92 17.07
C PHE G 92 -2.52 21.38 17.87
N PHE G 93 -2.83 22.67 17.73
CA PHE G 93 -3.88 23.32 18.51
C PHE G 93 -5.28 22.96 18.04
N ALA G 94 -5.46 22.80 16.73
CA ALA G 94 -6.75 22.48 16.17
C ALA G 94 -7.32 21.15 16.68
N PRO G 95 -6.47 20.10 16.75
CA PRO G 95 -6.94 18.81 17.29
C PRO G 95 -7.13 18.89 18.80
N ALA G 96 -6.15 19.44 19.49
CA ALA G 96 -6.23 19.54 20.95
C ALA G 96 -7.40 20.42 21.39
N SER G 97 -7.88 21.28 20.49
CA SER G 97 -9.06 22.07 20.78
C SER G 97 -10.28 21.17 20.76
N LEU G 98 -10.28 20.19 19.85
CA LEU G 98 -11.44 19.31 19.75
C LEU G 98 -11.53 18.38 20.98
N LEU G 99 -10.37 17.96 21.47
CA LEU G 99 -10.24 17.23 22.73
C LEU G 99 -10.90 18.02 23.87
N LEU G 100 -10.18 19.03 24.33
CA LEU G 100 -10.59 19.87 25.45
C LEU G 100 -10.27 21.35 25.17
N PRO G 101 -11.29 22.16 24.84
CA PRO G 101 -11.07 23.59 24.54
C PRO G 101 -10.56 24.39 25.74
N ASP G 102 -9.80 23.76 26.62
CA ASP G 102 -9.17 24.44 27.75
C ASP G 102 -7.94 25.20 27.25
N ALA G 103 -6.78 24.57 27.42
CA ALA G 103 -5.49 25.18 27.08
C ALA G 103 -5.20 25.21 25.59
N VAL G 104 -5.96 26.03 24.85
CA VAL G 104 -5.70 26.21 23.43
C VAL G 104 -5.61 27.71 23.08
N PRO G 105 -4.45 28.33 23.38
CA PRO G 105 -4.28 29.79 23.18
C PRO G 105 -4.55 30.24 21.74
N LEU G 106 -4.34 31.53 21.49
CA LEU G 106 -4.74 32.17 20.23
C LEU G 106 -3.63 32.98 19.53
N GLU G 107 -2.67 32.28 18.90
CA GLU G 107 -1.56 32.92 18.16
C GLU G 107 -0.86 34.11 18.83
N MET H 1 -27.19 -2.10 -14.70
CA MET H 1 -27.33 -3.27 -15.55
C MET H 1 -26.66 -3.03 -16.92
N GLY H 2 -27.34 -3.38 -18.00
CA GLY H 2 -26.81 -3.27 -19.34
C GLY H 2 -27.12 -1.95 -20.02
N PRO H 3 -28.42 -1.62 -20.14
CA PRO H 3 -28.86 -0.36 -20.75
C PRO H 3 -28.75 0.85 -19.82
N ILE H 4 -27.53 1.33 -19.57
CA ILE H 4 -27.33 2.48 -18.68
C ILE H 4 -28.19 3.68 -19.09
N THR H 5 -29.00 4.18 -18.16
CA THR H 5 -29.88 5.30 -18.42
C THR H 5 -29.88 6.26 -17.25
N PRO H 6 -30.25 7.52 -17.50
CA PRO H 6 -30.25 8.57 -16.46
C PRO H 6 -31.24 8.33 -15.33
N SER H 7 -31.70 7.08 -15.21
CA SER H 7 -32.62 6.69 -14.16
C SER H 7 -31.98 5.64 -13.25
N THR H 8 -30.96 4.96 -13.75
CA THR H 8 -30.31 3.91 -12.99
C THR H 8 -29.46 4.45 -11.85
N TYR H 9 -28.97 3.54 -11.02
CA TYR H 9 -28.28 3.89 -9.80
C TYR H 9 -26.77 3.89 -10.03
N VAL H 10 -26.07 4.87 -9.47
CA VAL H 10 -24.63 4.90 -9.68
C VAL H 10 -23.98 3.65 -9.07
N ARG H 11 -24.20 3.43 -7.79
CA ARG H 11 -23.59 2.30 -7.10
C ARG H 11 -23.92 0.91 -7.74
N CYS H 12 -24.69 0.92 -8.82
CA CYS H 12 -25.01 -0.29 -9.54
C CYS H 12 -24.17 -0.45 -10.81
N LEU H 13 -23.04 0.27 -10.88
CA LEU H 13 -22.24 0.36 -12.13
C LEU H 13 -21.13 -0.65 -12.26
N ASN H 14 -21.13 -1.33 -13.39
CA ASN H 14 -20.12 -2.35 -13.69
C ASN H 14 -18.73 -1.94 -13.21
N VAL H 15 -18.06 -2.82 -12.49
CA VAL H 15 -16.70 -2.58 -12.00
C VAL H 15 -15.63 -2.47 -13.10
N GLY H 16 -15.94 -2.97 -14.28
CA GLY H 16 -15.08 -2.70 -15.39
C GLY H 16 -15.20 -1.23 -15.80
N LEU H 17 -16.42 -0.77 -16.03
CA LEU H 17 -16.62 0.58 -16.50
C LEU H 17 -16.09 1.60 -15.54
N ILE H 18 -16.25 1.36 -14.26
CA ILE H 18 -15.80 2.35 -13.29
C ILE H 18 -14.32 2.62 -13.50
N ARG H 19 -13.50 1.58 -13.44
CA ARG H 19 -12.06 1.70 -13.66
C ARG H 19 -11.73 2.33 -15.01
N LYS H 20 -12.78 2.67 -15.78
CA LYS H 20 -12.65 3.26 -17.12
C LYS H 20 -12.99 4.73 -17.20
N LEU H 21 -14.14 5.14 -16.68
CA LEU H 21 -14.39 6.57 -16.50
C LEU H 21 -13.64 7.06 -15.25
N SER H 22 -12.83 6.16 -14.72
CA SER H 22 -11.90 6.55 -13.72
C SER H 22 -10.79 7.30 -14.43
N ASP H 23 -10.32 6.75 -15.56
CA ASP H 23 -9.22 7.36 -16.33
C ASP H 23 -9.49 8.74 -16.85
N PHE H 24 -10.76 9.09 -17.02
CA PHE H 24 -11.08 10.48 -17.29
C PHE H 24 -10.94 11.34 -16.04
N ILE H 25 -11.81 11.13 -15.08
CA ILE H 25 -11.83 11.94 -13.85
C ILE H 25 -10.52 11.87 -13.01
N ASP H 26 -9.78 10.77 -13.12
CA ASP H 26 -8.64 10.50 -12.23
C ASP H 26 -7.42 11.49 -12.32
N PRO H 27 -6.98 11.84 -13.54
CA PRO H 27 -5.78 12.67 -13.73
C PRO H 27 -6.13 14.13 -13.70
N GLN H 28 -5.11 14.95 -13.40
CA GLN H 28 -5.22 16.40 -13.32
C GLN H 28 -6.16 16.77 -12.22
N GLU H 29 -6.05 16.06 -11.10
CA GLU H 29 -6.95 16.27 -9.97
C GLU H 29 -8.42 16.46 -10.41
N GLY H 30 -8.80 15.83 -11.52
CA GLY H 30 -10.17 15.92 -12.05
C GLY H 30 -11.27 15.63 -11.04
N TRP H 31 -11.00 14.66 -10.19
CA TRP H 31 -11.95 14.19 -9.22
C TRP H 31 -12.09 15.18 -8.04
N LYS H 32 -11.07 15.98 -7.80
CA LYS H 32 -11.17 16.99 -6.75
C LYS H 32 -12.25 17.97 -7.21
N LYS H 33 -12.28 18.24 -8.51
CA LYS H 33 -13.19 19.22 -9.07
C LYS H 33 -14.58 18.63 -8.99
N LEU H 34 -14.66 17.32 -9.16
CA LEU H 34 -15.93 16.65 -8.95
C LEU H 34 -16.35 16.52 -7.47
N ALA H 35 -15.45 16.06 -6.60
CA ALA H 35 -15.75 15.95 -5.19
C ALA H 35 -16.45 17.18 -4.58
N VAL H 36 -15.95 18.38 -4.86
CA VAL H 36 -16.54 19.59 -4.29
C VAL H 36 -17.81 20.00 -5.02
N ALA H 37 -18.00 19.47 -6.21
CA ALA H 37 -19.21 19.73 -6.98
C ALA H 37 -20.36 18.90 -6.43
N ILE H 38 -20.04 17.86 -5.67
CA ILE H 38 -21.09 17.04 -5.09
C ILE H 38 -21.58 17.70 -3.83
N LYS H 39 -22.86 18.00 -3.84
CA LYS H 39 -23.48 18.73 -2.75
C LYS H 39 -24.73 18.00 -2.26
N LYS H 40 -24.90 17.96 -0.93
CA LYS H 40 -26.09 17.40 -0.30
C LYS H 40 -27.33 18.15 -0.78
N PRO H 41 -28.53 17.75 -0.33
CA PRO H 41 -29.73 18.46 -0.78
C PRO H 41 -29.83 19.84 -0.16
N SER H 42 -29.38 19.95 1.08
CA SER H 42 -29.36 21.21 1.80
C SER H 42 -28.70 22.30 0.97
N GLY H 43 -27.68 21.91 0.22
CA GLY H 43 -26.89 22.84 -0.56
C GLY H 43 -25.45 22.81 -0.10
N ASP H 44 -25.25 22.53 1.19
CA ASP H 44 -23.92 22.49 1.79
C ASP H 44 -22.99 21.51 1.05
N ASP H 45 -21.69 21.81 1.05
CA ASP H 45 -20.71 20.89 0.46
C ASP H 45 -20.92 19.48 1.00
N ARG H 46 -20.94 18.48 0.12
CA ARG H 46 -20.97 17.11 0.58
C ARG H 46 -19.69 16.80 1.34
N TYR H 47 -18.59 16.64 0.60
CA TYR H 47 -17.30 16.41 1.22
C TYR H 47 -16.60 17.71 1.49
N ASN H 48 -15.99 17.83 2.67
CA ASN H 48 -15.32 19.08 3.03
C ASN H 48 -13.81 18.96 3.06
N GLN H 49 -13.13 20.08 3.24
CA GLN H 49 -11.67 20.12 3.16
C GLN H 49 -10.98 18.88 3.76
N PHE H 50 -11.58 18.26 4.79
CA PHE H 50 -11.00 17.11 5.49
C PHE H 50 -11.23 15.77 4.81
N HIS H 51 -12.48 15.54 4.40
CA HIS H 51 -12.84 14.37 3.60
C HIS H 51 -11.91 14.30 2.42
N ILE H 52 -11.83 15.40 1.67
CA ILE H 52 -11.02 15.43 0.45
C ILE H 52 -9.60 14.96 0.72
N ARG H 53 -9.03 15.40 1.82
CA ARG H 53 -7.69 14.98 2.18
C ARG H 53 -7.61 13.47 2.32
N ARG H 54 -8.63 12.87 2.92
CA ARG H 54 -8.69 11.41 2.98
C ARG H 54 -8.49 10.77 1.60
N PHE H 55 -9.34 11.10 0.64
CA PHE H 55 -9.16 10.58 -0.69
C PHE H 55 -7.74 10.74 -1.23
N GLU H 56 -7.18 11.94 -1.12
CA GLU H 56 -5.86 12.25 -1.66
C GLU H 56 -4.86 11.22 -1.18
N ALA H 57 -5.08 10.71 0.02
CA ALA H 57 -4.15 9.77 0.65
C ALA H 57 -4.18 8.41 0.01
N LEU H 58 -5.17 8.18 -0.83
CA LEU H 58 -5.33 6.89 -1.46
C LEU H 58 -4.56 6.86 -2.76
N LEU H 59 -3.61 7.76 -2.92
CA LEU H 59 -2.74 7.65 -4.06
C LEU H 59 -1.49 6.92 -3.63
N GLN H 60 -1.13 7.06 -2.37
CA GLN H 60 -0.01 6.29 -1.90
C GLN H 60 -0.34 4.81 -1.82
N THR H 61 -1.61 4.45 -1.97
CA THR H 61 -2.03 3.03 -2.02
C THR H 61 -2.30 2.53 -3.43
N GLY H 62 -2.48 3.47 -4.35
CA GLY H 62 -2.77 3.17 -5.74
C GLY H 62 -4.21 2.84 -6.03
N LYS H 63 -5.12 3.60 -5.43
CA LYS H 63 -6.55 3.41 -5.64
C LYS H 63 -7.24 4.58 -6.38
N SER H 64 -7.87 4.28 -7.51
CA SER H 64 -8.71 5.25 -8.22
C SER H 64 -9.58 6.02 -7.23
N PRO H 65 -9.17 7.22 -6.85
CA PRO H 65 -10.03 7.90 -5.91
C PRO H 65 -11.22 8.47 -6.66
N THR H 66 -11.23 8.39 -7.98
CA THR H 66 -12.49 8.58 -8.71
C THR H 66 -13.49 7.56 -8.22
N SER H 67 -13.07 6.28 -8.18
CA SER H 67 -13.87 5.16 -7.70
C SER H 67 -14.19 5.27 -6.21
N GLU H 68 -13.16 5.33 -5.39
CA GLU H 68 -13.37 5.33 -3.96
C GLU H 68 -14.35 6.40 -3.53
N LEU H 69 -14.54 7.38 -4.40
CA LEU H 69 -15.45 8.48 -4.12
C LEU H 69 -16.75 8.19 -4.85
N LEU H 70 -16.63 7.55 -5.99
CA LEU H 70 -17.79 7.18 -6.76
C LEU H 70 -18.62 6.24 -5.96
N PHE H 71 -18.03 5.11 -5.58
CA PHE H 71 -18.70 4.17 -4.68
C PHE H 71 -19.32 4.90 -3.51
N ASP H 72 -18.45 5.56 -2.78
CA ASP H 72 -18.81 6.26 -1.60
C ASP H 72 -19.91 7.32 -1.72
N TRP H 73 -20.09 7.96 -2.85
CA TRP H 73 -21.20 8.86 -2.88
C TRP H 73 -22.33 8.11 -3.53
N GLY H 74 -22.15 6.79 -3.64
CA GLY H 74 -23.16 5.87 -4.19
C GLY H 74 -24.15 5.52 -3.11
N THR H 75 -23.69 5.61 -1.88
CA THR H 75 -24.50 5.38 -0.73
C THR H 75 -25.50 6.49 -0.46
N THR H 76 -25.96 7.16 -1.52
CA THR H 76 -27.13 8.02 -1.41
C THR H 76 -27.80 7.97 -2.75
N ASN H 77 -27.70 6.81 -3.36
CA ASN H 77 -28.51 6.45 -4.51
C ASN H 77 -28.22 7.25 -5.79
N CYS H 78 -28.08 8.56 -5.67
CA CYS H 78 -27.73 9.45 -6.78
C CYS H 78 -27.79 8.77 -8.15
N THR H 79 -28.67 9.28 -9.01
CA THR H 79 -28.87 8.67 -10.32
C THR H 79 -27.68 8.92 -11.19
N VAL H 80 -27.42 8.00 -12.12
CA VAL H 80 -26.39 8.20 -13.14
C VAL H 80 -26.63 9.51 -13.84
N GLY H 81 -27.87 10.01 -13.76
CA GLY H 81 -28.17 11.37 -14.19
C GLY H 81 -27.31 12.32 -13.37
N ASP H 82 -27.66 12.46 -12.10
CA ASP H 82 -26.90 13.31 -11.19
C ASP H 82 -25.39 13.31 -11.47
N LEU H 83 -24.90 12.20 -12.01
CA LEU H 83 -23.49 12.08 -12.31
C LEU H 83 -23.11 12.88 -13.54
N VAL H 84 -23.75 12.61 -14.68
CA VAL H 84 -23.51 13.37 -15.91
C VAL H 84 -23.89 14.84 -15.76
N ASP H 85 -25.09 15.08 -15.24
CA ASP H 85 -25.55 16.44 -15.00
C ASP H 85 -24.56 17.21 -14.12
N LEU H 86 -23.70 16.48 -13.42
CA LEU H 86 -22.63 17.05 -12.62
C LEU H 86 -21.29 16.98 -13.39
N LEU H 87 -21.21 16.04 -14.32
CA LEU H 87 -20.05 15.92 -15.18
C LEU H 87 -20.09 16.99 -16.24
N ILE H 88 -21.21 17.07 -16.95
CA ILE H 88 -21.37 18.12 -17.93
C ILE H 88 -21.17 19.46 -17.22
N GLN H 89 -21.99 19.74 -16.21
CA GLN H 89 -21.98 21.04 -15.55
C GLN H 89 -20.59 21.44 -15.07
N ASN H 90 -19.68 20.48 -14.98
CA ASN H 90 -18.32 20.79 -14.58
C ASN H 90 -17.32 20.59 -15.72
N GLU H 91 -17.85 20.47 -16.94
CA GLU H 91 -17.04 20.40 -18.16
C GLU H 91 -16.35 19.05 -18.42
N PHE H 92 -16.81 17.97 -17.77
CA PHE H 92 -16.22 16.68 -18.08
C PHE H 92 -17.09 15.94 -19.07
N PHE H 93 -17.04 16.42 -20.31
CA PHE H 93 -17.87 15.94 -21.40
C PHE H 93 -17.47 14.57 -21.91
N ALA H 94 -16.16 14.35 -21.97
CA ALA H 94 -15.62 13.08 -22.45
C ALA H 94 -16.11 11.87 -21.66
N PRO H 95 -16.09 12.00 -20.32
CA PRO H 95 -16.59 10.92 -19.46
C PRO H 95 -18.13 10.79 -19.54
N ALA H 96 -18.83 11.92 -19.40
CA ALA H 96 -20.29 11.90 -19.43
C ALA H 96 -20.83 11.40 -20.76
N SER H 97 -20.02 11.49 -21.81
CA SER H 97 -20.38 10.96 -23.13
C SER H 97 -20.36 9.44 -23.07
N LEU H 98 -19.39 8.90 -22.34
CA LEU H 98 -19.24 7.48 -22.16
C LEU H 98 -20.44 6.87 -21.43
N LEU H 99 -20.88 7.57 -20.40
CA LEU H 99 -22.09 7.20 -19.69
C LEU H 99 -23.30 7.17 -20.64
N LEU H 100 -23.77 8.37 -21.02
CA LEU H 100 -24.95 8.49 -21.87
C LEU H 100 -24.73 9.58 -22.89
N PRO H 101 -24.49 9.21 -24.16
CA PRO H 101 -24.25 10.15 -25.26
C PRO H 101 -25.45 11.06 -25.56
N ASP H 102 -26.25 11.36 -24.55
CA ASP H 102 -27.37 12.26 -24.69
C ASP H 102 -26.88 13.70 -24.64
N ALA H 103 -26.99 14.31 -23.46
CA ALA H 103 -26.63 15.73 -23.28
C ALA H 103 -25.11 15.98 -23.23
N VAL H 104 -24.45 15.81 -24.38
CA VAL H 104 -23.02 16.07 -24.52
C VAL H 104 -22.75 17.02 -25.70
N PRO H 105 -23.04 18.34 -25.53
CA PRO H 105 -22.89 19.30 -26.63
C PRO H 105 -21.47 19.31 -27.26
N LEU H 106 -21.26 20.17 -28.26
CA LEU H 106 -19.95 20.20 -28.95
C LEU H 106 -19.33 21.61 -29.11
N GLU H 107 -18.65 22.03 -28.05
CA GLU H 107 -17.88 23.28 -28.02
C GLU H 107 -18.63 24.51 -28.55
N MET I 1 15.22 -18.47 -16.01
CA MET I 1 16.12 -19.21 -15.13
C MET I 1 17.49 -18.55 -15.06
N GLY I 2 18.54 -19.34 -15.24
CA GLY I 2 19.91 -18.84 -15.12
C GLY I 2 20.51 -18.37 -16.42
N PRO I 3 20.55 -19.26 -17.43
CA PRO I 3 21.08 -18.93 -18.77
C PRO I 3 20.09 -18.14 -19.63
N ILE I 4 19.86 -16.85 -19.34
CA ILE I 4 18.87 -16.09 -20.10
C ILE I 4 19.22 -16.05 -21.58
N THR I 5 18.24 -16.39 -22.41
CA THR I 5 18.43 -16.49 -23.83
C THR I 5 17.22 -15.93 -24.58
N PRO I 6 17.41 -15.58 -25.86
CA PRO I 6 16.34 -14.97 -26.68
C PRO I 6 15.14 -15.89 -26.90
N SER I 7 15.03 -16.95 -26.10
CA SER I 7 13.95 -17.91 -26.25
C SER I 7 13.11 -17.97 -24.98
N THR I 8 13.67 -17.52 -23.87
CA THR I 8 12.96 -17.60 -22.61
C THR I 8 11.89 -16.54 -22.48
N TYR I 9 11.13 -16.63 -21.40
CA TYR I 9 9.95 -15.78 -21.16
C TYR I 9 10.29 -14.56 -20.35
N VAL I 10 9.72 -13.43 -20.74
CA VAL I 10 10.00 -12.24 -19.97
C VAL I 10 9.49 -12.42 -18.54
N ARG I 11 8.22 -12.74 -18.38
CA ARG I 11 7.60 -12.88 -17.06
C ARG I 11 8.32 -13.90 -16.15
N CYS I 12 9.34 -14.56 -16.70
CA CYS I 12 10.17 -15.56 -16.02
C CYS I 12 11.40 -14.93 -15.33
N LEU I 13 11.49 -13.60 -15.33
CA LEU I 13 12.76 -12.90 -15.06
C LEU I 13 13.00 -12.59 -13.61
N ASN I 14 14.16 -12.97 -13.10
CA ASN I 14 14.47 -12.74 -11.69
C ASN I 14 14.09 -11.32 -11.25
N VAL I 15 13.45 -11.22 -10.10
CA VAL I 15 13.03 -9.90 -9.59
C VAL I 15 14.19 -9.00 -9.14
N GLY I 16 15.37 -9.58 -8.97
CA GLY I 16 16.55 -8.78 -8.74
C GLY I 16 16.95 -8.07 -10.02
N LEU I 17 17.09 -8.81 -11.10
CA LEU I 17 17.50 -8.24 -12.36
C LEU I 17 16.51 -7.22 -12.92
N ILE I 18 15.23 -7.43 -12.71
CA ILE I 18 14.25 -6.48 -13.23
C ILE I 18 14.48 -5.09 -12.62
N ARG I 19 14.51 -5.02 -11.28
CA ARG I 19 14.82 -3.79 -10.52
C ARG I 19 16.12 -3.15 -10.96
N LYS I 20 16.81 -3.81 -11.89
CA LYS I 20 18.14 -3.45 -12.39
C LYS I 20 18.12 -2.89 -13.81
N LEU I 21 17.53 -3.62 -14.76
CA LEU I 21 17.26 -3.02 -16.06
C LEU I 21 16.05 -2.10 -15.94
N SER I 22 15.55 -1.96 -14.73
CA SER I 22 14.60 -0.91 -14.44
C SER I 22 15.34 0.41 -14.52
N ASP I 23 16.52 0.47 -13.88
CA ASP I 23 17.33 1.70 -13.78
C ASP I 23 17.74 2.23 -15.11
N PHE I 24 17.79 1.38 -16.11
CA PHE I 24 18.03 1.90 -17.42
C PHE I 24 16.77 2.55 -17.96
N ILE I 25 15.74 1.75 -18.19
CA ILE I 25 14.55 2.28 -18.86
C ILE I 25 13.78 3.33 -18.03
N ASP I 26 13.94 3.32 -16.71
CA ASP I 26 13.10 4.11 -15.80
C ASP I 26 13.24 5.63 -15.90
N PRO I 27 14.48 6.14 -15.98
CA PRO I 27 14.64 7.60 -16.00
C PRO I 27 14.56 8.18 -17.40
N GLN I 28 14.23 9.47 -17.47
CA GLN I 28 14.09 10.19 -18.73
C GLN I 28 12.92 9.64 -19.50
N GLU I 29 11.85 9.33 -18.79
CA GLU I 29 10.67 8.78 -19.45
C GLU I 29 11.02 7.63 -20.43
N GLY I 30 12.09 6.90 -20.14
CA GLY I 30 12.56 5.83 -21.02
C GLY I 30 11.54 4.76 -21.32
N TRP I 31 10.76 4.45 -20.30
CA TRP I 31 9.72 3.46 -20.41
C TRP I 31 8.55 3.95 -21.28
N LYS I 32 8.34 5.27 -21.35
CA LYS I 32 7.26 5.80 -22.19
C LYS I 32 7.60 5.46 -23.63
N LYS I 33 8.89 5.58 -23.96
CA LYS I 33 9.31 5.31 -25.32
C LYS I 33 9.19 3.81 -25.60
N LEU I 34 9.43 2.99 -24.60
CA LEU I 34 9.19 1.56 -24.73
C LEU I 34 7.68 1.13 -24.76
N ALA I 35 6.89 1.63 -23.81
CA ALA I 35 5.43 1.48 -23.81
C ALA I 35 4.77 1.55 -25.17
N VAL I 36 5.01 2.63 -25.88
CA VAL I 36 4.36 2.87 -27.17
C VAL I 36 5.02 2.02 -28.27
N ALA I 37 6.20 1.51 -27.99
CA ALA I 37 6.90 0.64 -28.93
C ALA I 37 6.34 -0.79 -28.88
N ILE I 38 5.65 -1.11 -27.79
CA ILE I 38 5.03 -2.43 -27.67
C ILE I 38 3.73 -2.43 -28.40
N LYS I 39 3.66 -3.29 -29.39
CA LYS I 39 2.51 -3.33 -30.25
C LYS I 39 1.98 -4.75 -30.37
N LYS I 40 0.66 -4.91 -30.35
CA LYS I 40 0.00 -6.21 -30.48
C LYS I 40 0.33 -6.85 -31.85
N PRO I 41 -0.17 -8.06 -32.12
CA PRO I 41 0.19 -8.67 -33.41
C PRO I 41 -0.48 -7.93 -34.57
N SER I 42 -1.69 -7.44 -34.30
CA SER I 42 -2.47 -6.68 -35.26
C SER I 42 -1.63 -5.59 -35.87
N GLY I 43 -0.81 -4.99 -35.03
CA GLY I 43 -0.05 -3.83 -35.41
C GLY I 43 -0.44 -2.66 -34.54
N ASP I 44 -1.69 -2.64 -34.11
CA ASP I 44 -2.20 -1.53 -33.29
C ASP I 44 -1.39 -1.36 -32.01
N ASP I 45 -1.29 -0.11 -31.53
CA ASP I 45 -0.67 0.20 -30.24
C ASP I 45 -1.13 -0.80 -29.18
N ARG I 46 -0.21 -1.37 -28.40
CA ARG I 46 -0.69 -2.17 -27.28
C ARG I 46 -1.33 -1.26 -26.26
N TYR I 47 -0.52 -0.51 -25.51
CA TYR I 47 -1.03 0.48 -24.56
C TYR I 47 -1.36 1.80 -25.26
N ASN I 48 -2.49 2.38 -24.88
CA ASN I 48 -2.92 3.64 -25.49
C ASN I 48 -2.86 4.83 -24.54
N GLN I 49 -3.04 6.02 -25.10
CA GLN I 49 -2.98 7.28 -24.36
C GLN I 49 -3.35 7.14 -22.90
N PHE I 50 -4.37 6.31 -22.65
CA PHE I 50 -5.02 6.10 -21.32
C PHE I 50 -4.27 5.18 -20.37
N HIS I 51 -3.92 4.02 -20.91
CA HIS I 51 -3.06 3.08 -20.22
C HIS I 51 -1.81 3.78 -19.74
N ILE I 52 -1.12 4.44 -20.67
CA ILE I 52 0.12 5.13 -20.34
C ILE I 52 -0.07 5.99 -19.09
N ARG I 53 -1.16 6.75 -19.08
CA ARG I 53 -1.51 7.61 -17.98
C ARG I 53 -1.47 6.83 -16.69
N ARG I 54 -2.10 5.65 -16.71
CA ARG I 54 -2.12 4.76 -15.55
C ARG I 54 -0.73 4.62 -14.94
N PHE I 55 0.21 4.15 -15.77
CA PHE I 55 1.56 3.95 -15.33
C PHE I 55 2.19 5.18 -14.71
N GLU I 56 2.04 6.32 -15.39
CA GLU I 56 2.54 7.62 -14.93
C GLU I 56 2.24 7.78 -13.45
N ALA I 57 1.06 7.34 -13.07
CA ALA I 57 0.55 7.59 -11.72
C ALA I 57 1.21 6.74 -10.66
N LEU I 58 2.00 5.76 -11.11
CA LEU I 58 2.73 4.91 -10.19
C LEU I 58 4.05 5.53 -9.79
N LEU I 59 4.21 6.82 -10.02
CA LEU I 59 5.42 7.47 -9.54
C LEU I 59 5.11 8.11 -8.21
N GLN I 60 3.88 8.55 -8.07
CA GLN I 60 3.32 8.94 -6.79
C GLN I 60 3.38 7.83 -5.70
N THR I 61 3.52 6.57 -6.12
CA THR I 61 3.61 5.44 -5.18
C THR I 61 5.04 4.92 -5.03
N GLY I 62 5.90 5.30 -5.97
CA GLY I 62 7.29 4.89 -5.96
C GLY I 62 7.51 3.49 -6.52
N LYS I 63 6.88 3.20 -7.67
CA LYS I 63 7.04 1.90 -8.30
C LYS I 63 7.67 1.98 -9.69
N SER I 64 8.76 1.25 -9.88
CA SER I 64 9.34 1.06 -11.18
C SER I 64 8.27 0.83 -12.26
N PRO I 65 7.86 1.88 -12.97
CA PRO I 65 6.88 1.59 -14.01
C PRO I 65 7.53 0.84 -15.16
N THR I 66 8.85 0.74 -15.16
CA THR I 66 9.47 -0.15 -16.11
C THR I 66 9.02 -1.57 -15.77
N SER I 67 9.10 -1.92 -14.49
CA SER I 67 8.62 -3.21 -13.99
C SER I 67 7.12 -3.38 -14.18
N GLU I 68 6.34 -2.47 -13.60
CA GLU I 68 4.89 -2.51 -13.65
C GLU I 68 4.37 -2.75 -15.07
N LEU I 69 5.17 -2.37 -16.04
CA LEU I 69 4.80 -2.50 -17.43
C LEU I 69 5.41 -3.78 -17.93
N LEU I 70 6.61 -4.05 -17.46
CA LEU I 70 7.31 -5.24 -17.86
C LEU I 70 6.55 -6.51 -17.44
N PHE I 71 6.26 -6.64 -16.16
CA PHE I 71 5.39 -7.69 -15.67
C PHE I 71 4.15 -7.75 -16.53
N ASP I 72 3.46 -6.62 -16.58
CA ASP I 72 2.21 -6.49 -17.31
C ASP I 72 2.19 -6.83 -18.80
N TRP I 73 3.30 -6.66 -19.49
CA TRP I 73 3.36 -7.08 -20.90
C TRP I 73 3.91 -8.49 -20.96
N GLY I 74 4.12 -9.07 -19.79
CA GLY I 74 4.63 -10.43 -19.67
C GLY I 74 3.48 -11.41 -19.82
N THR I 75 2.28 -10.95 -19.50
CA THR I 75 1.05 -11.71 -19.67
C THR I 75 0.68 -11.92 -21.15
N THR I 76 1.70 -11.97 -22.00
CA THR I 76 1.54 -12.32 -23.40
C THR I 76 2.78 -13.06 -23.80
N ASN I 77 3.44 -13.67 -22.84
CA ASN I 77 4.58 -14.52 -23.10
C ASN I 77 5.83 -13.84 -23.67
N CYS I 78 5.63 -12.98 -24.66
CA CYS I 78 6.71 -12.22 -25.27
C CYS I 78 8.11 -12.63 -24.81
N THR I 79 8.90 -13.13 -25.76
CA THR I 79 10.22 -13.66 -25.42
C THR I 79 11.17 -12.52 -25.04
N VAL I 80 12.14 -12.83 -24.20
CA VAL I 80 13.22 -11.90 -23.88
C VAL I 80 13.82 -11.32 -25.18
N GLY I 81 13.65 -12.06 -26.28
CA GLY I 81 14.01 -11.55 -27.59
C GLY I 81 13.19 -10.31 -27.86
N ASP I 82 11.90 -10.51 -28.07
CA ASP I 82 10.97 -9.40 -28.26
C ASP I 82 11.32 -8.16 -27.44
N LEU I 83 11.95 -8.37 -26.29
CA LEU I 83 12.33 -7.24 -25.44
C LEU I 83 13.56 -6.49 -25.96
N VAL I 84 14.69 -7.18 -26.17
CA VAL I 84 15.88 -6.53 -26.75
C VAL I 84 15.61 -6.07 -28.15
N ASP I 85 15.03 -6.94 -28.97
CA ASP I 85 14.70 -6.58 -30.34
C ASP I 85 13.89 -5.29 -30.35
N LEU I 86 13.31 -4.95 -29.21
CA LEU I 86 12.49 -3.76 -29.06
C LEU I 86 13.29 -2.73 -28.28
N LEU I 87 14.28 -3.22 -27.55
CA LEU I 87 15.22 -2.37 -26.85
C LEU I 87 16.25 -1.79 -27.84
N ILE I 88 16.92 -2.67 -28.58
CA ILE I 88 17.83 -2.19 -29.60
C ILE I 88 17.06 -1.28 -30.54
N GLN I 89 16.05 -1.80 -31.21
CA GLN I 89 15.32 -1.03 -32.21
C GLN I 89 14.84 0.33 -31.69
N ASN I 90 14.89 0.54 -30.38
CA ASN I 90 14.48 1.82 -29.80
C ASN I 90 15.69 2.52 -29.16
N GLU I 91 16.87 1.99 -29.45
CA GLU I 91 18.13 2.58 -29.04
C GLU I 91 18.43 2.39 -27.54
N PHE I 92 17.84 1.42 -26.90
CA PHE I 92 18.26 1.17 -25.52
C PHE I 92 19.27 0.04 -25.49
N PHE I 93 20.47 0.36 -25.94
CA PHE I 93 21.50 -0.64 -26.08
C PHE I 93 22.09 -1.07 -24.75
N ALA I 94 22.26 -0.12 -23.84
CA ALA I 94 22.82 -0.44 -22.53
C ALA I 94 22.03 -1.50 -21.73
N PRO I 95 20.67 -1.42 -21.69
CA PRO I 95 19.90 -2.45 -20.99
C PRO I 95 19.89 -3.74 -21.81
N ALA I 96 19.67 -3.62 -23.11
CA ALA I 96 19.68 -4.75 -24.03
C ALA I 96 20.98 -5.56 -23.95
N SER I 97 22.08 -4.88 -23.64
CA SER I 97 23.37 -5.55 -23.51
C SER I 97 23.38 -6.40 -22.23
N LEU I 98 22.69 -5.90 -21.21
CA LEU I 98 22.56 -6.58 -19.91
C LEU I 98 21.84 -7.91 -20.05
N LEU I 99 20.76 -7.90 -20.84
CA LEU I 99 19.99 -9.12 -21.16
C LEU I 99 20.87 -10.12 -21.89
N LEU I 100 21.16 -9.85 -23.15
CA LEU I 100 22.02 -10.73 -23.93
C LEU I 100 22.97 -9.93 -24.80
N PRO I 101 24.26 -9.92 -24.43
CA PRO I 101 25.30 -9.20 -25.18
C PRO I 101 25.51 -9.72 -26.61
N ASP I 102 24.46 -10.22 -27.24
CA ASP I 102 24.59 -10.60 -28.63
C ASP I 102 24.43 -9.39 -29.53
N ALA I 103 23.20 -9.12 -29.96
CA ALA I 103 22.92 -8.04 -30.91
C ALA I 103 22.97 -6.64 -30.31
N VAL I 104 24.16 -6.21 -29.90
CA VAL I 104 24.29 -4.86 -29.38
C VAL I 104 25.48 -4.12 -29.99
N PRO I 105 25.28 -3.63 -31.23
CA PRO I 105 26.30 -2.95 -32.03
C PRO I 105 27.01 -1.81 -31.28
N LEU I 106 27.94 -1.13 -31.96
CA LEU I 106 28.80 -0.16 -31.32
C LEU I 106 28.89 1.19 -32.07
N GLU I 107 27.84 2.01 -31.91
CA GLU I 107 27.70 3.34 -32.54
C GLU I 107 28.20 3.47 -33.99
N MET J 1 20.12 7.12 21.34
CA MET J 1 19.31 7.45 22.50
C MET J 1 19.30 8.96 22.77
N GLY J 2 19.61 9.36 24.00
CA GLY J 2 19.55 10.76 24.41
C GLY J 2 20.85 11.52 24.23
N PRO J 3 21.92 11.10 24.93
CA PRO J 3 23.26 11.70 24.80
C PRO J 3 24.02 11.31 23.52
N ILE J 4 23.61 11.87 22.38
CA ILE J 4 24.24 11.61 21.08
C ILE J 4 25.76 11.80 21.15
N THR J 5 26.51 10.75 20.82
CA THR J 5 27.97 10.79 20.91
C THR J 5 28.59 10.16 19.66
N PRO J 6 29.84 10.52 19.34
CA PRO J 6 30.57 9.97 18.18
C PRO J 6 30.81 8.45 18.24
N SER J 7 30.10 7.75 19.13
CA SER J 7 30.23 6.31 19.25
C SER J 7 28.92 5.59 18.98
N THR J 8 27.81 6.33 19.04
CA THR J 8 26.51 5.72 18.83
C THR J 8 26.26 5.42 17.36
N TYR J 9 25.15 4.74 17.09
CA TYR J 9 24.83 4.25 15.76
C TYR J 9 23.92 5.19 15.02
N VAL J 10 24.20 5.38 13.72
CA VAL J 10 23.35 6.23 12.90
C VAL J 10 21.90 5.76 12.95
N ARG J 11 21.66 4.54 12.49
CA ARG J 11 20.30 4.03 12.40
C ARG J 11 19.56 4.03 13.73
N CYS J 12 20.23 4.51 14.77
CA CYS J 12 19.62 4.62 16.10
C CYS J 12 19.09 6.02 16.37
N LEU J 13 19.00 6.85 15.33
CA LEU J 13 18.72 8.28 15.53
C LEU J 13 17.25 8.67 15.48
N ASN J 14 16.82 9.41 16.50
CA ASN J 14 15.42 9.83 16.63
C ASN J 14 14.84 10.29 15.31
N VAL J 15 13.64 9.83 14.98
CA VAL J 15 13.07 10.19 13.69
C VAL J 15 12.54 11.63 13.64
N GLY J 16 12.56 12.31 14.79
CA GLY J 16 12.31 13.75 14.81
C GLY J 16 13.54 14.50 14.33
N LEU J 17 14.69 14.17 14.89
CA LEU J 17 15.91 14.85 14.51
C LEU J 17 16.35 14.59 13.08
N ILE J 18 16.10 13.40 12.56
CA ILE J 18 16.51 13.14 11.18
C ILE J 18 15.80 14.11 10.23
N ARG J 19 14.47 14.17 10.33
CA ARG J 19 13.67 15.10 9.54
C ARG J 19 14.09 16.56 9.77
N LYS J 20 15.11 16.74 10.62
CA LYS J 20 15.63 18.05 10.97
C LYS J 20 17.00 18.33 10.37
N LEU J 21 17.93 17.40 10.55
CA LEU J 21 19.20 17.52 9.88
C LEU J 21 18.98 17.05 8.44
N SER J 22 17.73 16.75 8.13
CA SER J 22 17.33 16.57 6.75
C SER J 22 17.35 17.91 6.07
N ASP J 23 16.74 18.91 6.72
CA ASP J 23 16.60 20.24 6.10
C ASP J 23 17.93 20.95 5.84
N PHE J 24 18.99 20.47 6.45
CA PHE J 24 20.28 20.97 6.10
C PHE J 24 20.73 20.27 4.81
N ILE J 25 20.90 18.96 4.85
CA ILE J 25 21.44 18.24 3.70
C ILE J 25 20.52 18.21 2.48
N ASP J 26 19.23 18.39 2.71
CA ASP J 26 18.21 18.18 1.68
C ASP J 26 18.25 19.14 0.49
N PRO J 27 18.34 20.46 0.75
CA PRO J 27 18.30 21.39 -0.39
C PRO J 27 19.66 21.63 -1.02
N GLN J 28 19.62 22.09 -2.27
CA GLN J 28 20.84 22.37 -3.01
C GLN J 28 21.60 21.10 -3.32
N GLU J 29 20.88 20.01 -3.59
CA GLU J 29 21.53 18.75 -3.88
C GLU J 29 22.55 18.36 -2.82
N GLY J 30 22.37 18.87 -1.60
CA GLY J 30 23.33 18.66 -0.53
C GLY J 30 23.66 17.20 -0.26
N TRP J 31 22.64 16.36 -0.34
CA TRP J 31 22.80 14.93 -0.12
C TRP J 31 23.55 14.23 -1.26
N LYS J 32 23.49 14.80 -2.47
CA LYS J 32 24.23 14.24 -3.61
C LYS J 32 25.68 14.28 -3.24
N LYS J 33 26.09 15.41 -2.68
CA LYS J 33 27.49 15.62 -2.32
C LYS J 33 27.85 14.66 -1.18
N LEU J 34 26.89 14.43 -0.29
CA LEU J 34 27.01 13.42 0.75
C LEU J 34 27.07 11.99 0.19
N ALA J 35 26.07 11.62 -0.60
CA ALA J 35 25.97 10.29 -1.19
C ALA J 35 27.29 9.76 -1.76
N VAL J 36 27.96 10.58 -2.55
CA VAL J 36 29.17 10.13 -3.22
C VAL J 36 30.35 10.15 -2.26
N ALA J 37 30.20 10.88 -1.17
CA ALA J 37 31.24 10.95 -0.18
C ALA J 37 31.24 9.71 0.70
N ILE J 38 30.13 8.98 0.65
CA ILE J 38 29.99 7.72 1.39
C ILE J 38 30.71 6.64 0.61
N LYS J 39 31.73 6.06 1.23
CA LYS J 39 32.55 5.07 0.56
C LYS J 39 32.70 3.83 1.43
N LYS J 40 32.62 2.65 0.82
CA LYS J 40 32.81 1.42 1.59
C LYS J 40 34.25 1.30 2.06
N PRO J 41 34.59 0.22 2.80
CA PRO J 41 35.95 0.18 3.34
C PRO J 41 37.03 -0.01 2.26
N SER J 42 36.66 -0.74 1.20
CA SER J 42 37.55 -0.98 0.09
C SER J 42 38.10 0.33 -0.46
N GLY J 43 37.26 1.35 -0.42
CA GLY J 43 37.60 2.65 -0.97
C GLY J 43 36.64 3.02 -2.08
N ASP J 44 36.14 2.01 -2.78
CA ASP J 44 35.24 2.24 -3.90
C ASP J 44 33.99 3.02 -3.47
N ASP J 45 33.42 3.78 -4.40
CA ASP J 45 32.16 4.48 -4.17
C ASP J 45 31.14 3.54 -3.54
N ARG J 46 30.45 3.96 -2.48
CA ARG J 46 29.34 3.14 -1.96
C ARG J 46 28.22 3.13 -2.99
N TYR J 47 27.51 4.24 -3.10
CA TYR J 47 26.45 4.39 -4.10
C TYR J 47 27.04 4.86 -5.42
N ASN J 48 26.61 4.25 -6.51
CA ASN J 48 27.11 4.63 -7.82
C ASN J 48 26.07 5.34 -8.69
N GLN J 49 26.53 5.85 -9.84
CA GLN J 49 25.73 6.64 -10.75
C GLN J 49 24.26 6.23 -10.74
N PHE J 50 24.03 4.92 -10.64
CA PHE J 50 22.71 4.25 -10.69
C PHE J 50 21.87 4.39 -9.42
N HIS J 51 22.44 3.97 -8.31
CA HIS J 51 21.81 4.15 -7.02
C HIS J 51 21.40 5.61 -6.83
N ILE J 52 22.32 6.53 -7.09
CA ILE J 52 22.02 7.95 -6.96
C ILE J 52 20.69 8.29 -7.63
N ARG J 53 20.52 7.80 -8.85
CA ARG J 53 19.35 8.14 -9.63
C ARG J 53 18.10 7.70 -8.89
N ARG J 54 18.19 6.54 -8.25
CA ARG J 54 17.10 5.98 -7.44
C ARG J 54 16.60 7.02 -6.44
N PHE J 55 17.49 7.48 -5.58
CA PHE J 55 17.15 8.53 -4.62
C PHE J 55 16.52 9.78 -5.23
N GLU J 56 17.12 10.28 -6.32
CA GLU J 56 16.59 11.43 -7.05
C GLU J 56 15.08 11.29 -7.29
N ALA J 57 14.65 10.06 -7.59
CA ALA J 57 13.27 9.85 -7.99
C ALA J 57 12.30 9.89 -6.81
N LEU J 58 12.85 10.00 -5.61
CA LEU J 58 12.03 10.10 -4.41
C LEU J 58 11.72 11.54 -4.13
N LEU J 59 11.86 12.40 -5.12
CA LEU J 59 11.41 13.78 -5.00
C LEU J 59 9.99 13.85 -5.52
N GLN J 60 9.72 13.06 -6.53
CA GLN J 60 8.37 12.89 -7.05
C GLN J 60 7.39 12.32 -6.00
N THR J 61 7.91 11.71 -4.93
CA THR J 61 7.07 11.14 -3.85
C THR J 61 6.99 12.03 -2.65
N GLY J 62 7.96 12.94 -2.53
CA GLY J 62 8.07 13.86 -1.41
C GLY J 62 8.74 13.26 -0.18
N LYS J 63 9.85 12.56 -0.38
CA LYS J 63 10.57 12.01 0.77
C LYS J 63 12.02 12.50 0.89
N SER J 64 12.35 12.96 2.09
CA SER J 64 13.71 13.41 2.35
C SER J 64 14.72 12.37 1.90
N PRO J 65 15.35 12.60 0.75
CA PRO J 65 16.33 11.58 0.34
C PRO J 65 17.56 11.69 1.24
N THR J 66 17.61 12.74 2.06
CA THR J 66 18.60 12.75 3.15
C THR J 66 18.36 11.52 3.99
N SER J 67 17.11 11.38 4.43
CA SER J 67 16.63 10.26 5.26
C SER J 67 16.79 8.93 4.56
N GLU J 68 16.14 8.81 3.41
CA GLU J 68 16.10 7.53 2.70
C GLU J 68 17.48 7.00 2.43
N LEU J 69 18.46 7.90 2.48
CA LEU J 69 19.88 7.59 2.27
C LEU J 69 20.51 7.36 3.61
N LEU J 70 20.12 8.19 4.56
CA LEU J 70 20.63 8.08 5.90
C LEU J 70 20.27 6.74 6.51
N PHE J 71 18.97 6.42 6.56
CA PHE J 71 18.53 5.11 7.01
C PHE J 71 19.32 4.05 6.27
N ASP J 72 19.28 4.15 4.95
CA ASP J 72 19.91 3.19 4.04
C ASP J 72 21.41 2.94 4.21
N TRP J 73 22.16 3.93 4.63
CA TRP J 73 23.58 3.71 4.85
C TRP J 73 23.72 3.37 6.32
N GLY J 74 22.60 3.23 7.00
CA GLY J 74 22.59 2.89 8.43
C GLY J 74 22.80 1.41 8.58
N THR J 75 22.42 0.68 7.54
CA THR J 75 22.57 -0.75 7.46
C THR J 75 24.03 -1.19 7.32
N THR J 76 24.94 -0.39 7.85
CA THR J 76 26.33 -0.79 7.96
C THR J 76 26.87 -0.11 9.18
N ASN J 77 25.98 0.11 10.14
CA ASN J 77 26.32 0.53 11.48
C ASN J 77 26.93 1.94 11.58
N CYS J 78 27.86 2.26 10.69
CA CYS J 78 28.48 3.57 10.62
C CYS J 78 28.14 4.47 11.81
N THR J 79 29.17 4.89 12.55
CA THR J 79 28.98 5.70 13.74
C THR J 79 28.54 7.11 13.37
N VAL J 80 27.76 7.71 14.27
CA VAL J 80 27.44 9.13 14.17
C VAL J 80 28.72 9.93 13.90
N GLY J 81 29.85 9.38 14.31
CA GLY J 81 31.14 9.95 14.00
C GLY J 81 31.27 9.97 12.49
N ASP J 82 31.40 8.78 11.91
CA ASP J 82 31.44 8.61 10.47
C ASP J 82 30.59 9.63 9.73
N LEU J 83 29.50 10.05 10.37
CA LEU J 83 28.59 11.01 9.75
C LEU J 83 29.13 12.44 9.76
N VAL J 84 29.44 12.99 10.95
CA VAL J 84 30.07 14.32 11.05
C VAL J 84 31.43 14.35 10.36
N ASP J 85 32.28 13.38 10.68
CA ASP J 85 33.58 13.30 10.06
C ASP J 85 33.46 13.35 8.53
N LEU J 86 32.28 13.04 8.03
CA LEU J 86 32.00 13.10 6.60
C LEU J 86 31.17 14.33 6.28
N LEU J 87 30.53 14.89 7.30
CA LEU J 87 29.83 16.17 7.20
C LEU J 87 30.82 17.32 7.22
N ILE J 88 31.67 17.38 8.24
CA ILE J 88 32.73 18.37 8.28
C ILE J 88 33.53 18.26 6.99
N GLN J 89 34.16 17.10 6.79
CA GLN J 89 35.05 16.89 5.66
C GLN J 89 34.46 17.30 4.31
N ASN J 90 33.13 17.46 4.25
CA ASN J 90 32.46 17.91 3.02
C ASN J 90 31.87 19.31 3.20
N GLU J 91 32.24 19.96 4.30
CA GLU J 91 31.86 21.34 4.56
C GLU J 91 30.41 21.51 5.01
N PHE J 92 29.79 20.47 5.55
CA PHE J 92 28.46 20.62 6.10
C PHE J 92 28.55 20.84 7.60
N PHE J 93 29.03 22.02 7.98
CA PHE J 93 29.31 22.33 9.39
C PHE J 93 28.04 22.58 10.20
N ALA J 94 27.06 23.23 9.60
CA ALA J 94 25.82 23.54 10.32
C ALA J 94 25.01 22.29 10.78
N PRO J 95 24.88 21.25 9.93
CA PRO J 95 24.27 20.00 10.40
C PRO J 95 25.14 19.26 11.41
N ALA J 96 26.43 19.11 11.09
CA ALA J 96 27.37 18.42 11.96
C ALA J 96 27.49 19.08 13.35
N SER J 97 27.16 20.36 13.41
CA SER J 97 27.12 21.09 14.68
C SER J 97 25.92 20.63 15.50
N LEU J 98 24.82 20.35 14.81
CA LEU J 98 23.59 19.89 15.48
C LEU J 98 23.79 18.52 16.08
N LEU J 99 24.48 17.65 15.35
CA LEU J 99 24.86 16.35 15.87
C LEU J 99 25.69 16.51 17.15
N LEU J 100 26.95 16.86 16.98
CA LEU J 100 27.83 17.05 18.14
C LEU J 100 28.71 18.28 17.94
N PRO J 101 28.42 19.33 18.70
CA PRO J 101 29.16 20.61 18.69
C PRO J 101 30.66 20.49 19.06
N ASP J 102 31.25 19.33 18.81
CA ASP J 102 32.69 19.16 19.05
C ASP J 102 33.49 19.74 17.90
N ALA J 103 33.85 18.89 16.95
CA ALA J 103 34.69 19.26 15.82
C ALA J 103 33.98 20.10 14.76
N VAL J 104 33.61 21.33 15.12
CA VAL J 104 32.96 22.25 14.19
C VAL J 104 33.67 23.62 14.15
N PRO J 105 34.82 23.70 13.44
CA PRO J 105 35.63 24.94 13.45
C PRO J 105 34.86 26.17 12.97
N LEU J 106 35.57 27.28 12.85
CA LEU J 106 34.96 28.60 12.66
C LEU J 106 35.58 29.40 11.48
N GLU J 107 35.28 29.00 10.25
CA GLU J 107 35.84 29.59 9.01
C GLU J 107 37.27 30.18 9.04
N ALA K 1 -18.41 29.85 8.03
CA ALA K 1 -16.95 29.82 8.21
C ALA K 1 -16.56 30.23 9.63
N CYS K 2 -15.26 30.27 9.87
CA CYS K 2 -14.67 30.82 11.10
C CYS K 2 -13.18 30.56 11.16
N TYR K 3 -12.77 29.31 10.96
CA TYR K 3 -11.34 28.97 10.91
C TYR K 3 -10.92 28.71 9.46
N ILE K 4 -9.63 28.85 9.19
CA ILE K 4 -9.11 28.58 7.86
C ILE K 4 -9.64 27.23 7.38
N TYR K 5 -9.34 26.18 8.15
CA TYR K 5 -9.65 24.81 7.78
C TYR K 5 -11.16 24.51 7.66
N GLN K 6 -11.96 25.51 8.00
CA GLN K 6 -13.41 25.43 7.83
C GLN K 6 -13.87 26.06 6.50
N LEU K 7 -12.94 26.35 5.60
CA LEU K 7 -13.34 26.89 4.31
C LEU K 7 -13.77 25.77 3.39
N PRO K 8 -14.97 25.90 2.81
CA PRO K 8 -15.52 25.01 1.80
C PRO K 8 -14.52 24.81 0.66
N SER K 9 -14.38 23.57 0.19
CA SER K 9 -13.17 23.23 -0.57
C SER K 9 -13.05 23.90 -1.95
N TRP K 10 -14.14 24.45 -2.48
CA TRP K 10 -14.06 25.18 -3.74
C TRP K 10 -13.53 26.60 -3.49
N VAL K 11 -14.03 27.22 -2.44
CA VAL K 11 -13.59 28.54 -1.99
C VAL K 11 -12.08 28.53 -1.71
N LEU K 12 -11.60 27.43 -1.17
CA LEU K 12 -10.17 27.22 -0.94
C LEU K 12 -9.52 26.91 -2.28
N ASP K 13 -10.27 26.24 -3.14
CA ASP K 13 -9.83 25.96 -4.50
C ASP K 13 -9.51 27.25 -5.27
N ASP K 14 -10.52 28.12 -5.43
CA ASP K 14 -10.39 29.42 -6.09
C ASP K 14 -9.29 30.26 -5.47
N LEU K 15 -9.08 30.10 -4.18
CA LEU K 15 -8.06 30.90 -3.51
C LEU K 15 -6.68 30.21 -3.54
N CYS K 16 -6.65 28.93 -3.88
CA CYS K 16 -5.38 28.25 -4.13
C CYS K 16 -5.04 28.33 -5.61
N ARG K 17 -5.86 29.07 -6.34
CA ARG K 17 -5.57 29.41 -7.72
C ARG K 17 -4.76 30.69 -7.73
N ASN K 18 -5.11 31.62 -6.85
CA ASN K 18 -4.30 32.81 -6.66
C ASN K 18 -2.95 32.47 -6.09
N MET K 19 -2.76 32.79 -4.81
CA MET K 19 -1.46 32.60 -4.14
C MET K 19 -0.56 31.51 -4.73
N ASP K 20 -1.14 30.37 -5.06
CA ASP K 20 -0.37 29.27 -5.68
C ASP K 20 0.44 29.82 -6.85
N ALA K 21 -0.15 29.78 -8.04
CA ALA K 21 0.48 30.36 -9.23
C ALA K 21 0.30 31.87 -9.18
N LEU K 22 1.20 32.55 -8.48
CA LEU K 22 1.15 33.99 -8.34
C LEU K 22 2.50 34.55 -7.88
N SER K 23 3.37 34.80 -8.85
CA SER K 23 4.63 35.51 -8.62
C SER K 23 5.43 34.93 -7.45
N GLU K 24 6.49 34.20 -7.76
CA GLU K 24 7.32 33.61 -6.72
C GLU K 24 7.68 34.59 -5.60
N TRP K 25 7.49 35.89 -5.87
CA TRP K 25 7.72 36.95 -4.88
C TRP K 25 6.44 37.37 -4.16
N ASP K 26 5.38 37.64 -4.93
CA ASP K 26 4.09 38.05 -4.37
C ASP K 26 3.54 36.99 -3.40
N TRP K 27 3.88 35.72 -3.64
CA TRP K 27 3.52 34.67 -2.67
C TRP K 27 4.51 34.62 -1.52
N MET K 28 5.79 34.43 -1.84
CA MET K 28 6.75 34.09 -0.78
C MET K 28 6.83 35.10 0.36
N GLU K 29 6.40 36.34 0.11
CA GLU K 29 6.37 37.39 1.13
C GLU K 29 5.08 37.35 1.93
N PHE K 30 4.10 36.58 1.44
CA PHE K 30 2.88 36.31 2.18
C PHE K 30 3.14 35.17 3.15
N ALA K 31 3.85 34.18 2.63
CA ALA K 31 4.27 33.04 3.41
C ALA K 31 5.13 33.51 4.58
N SER K 32 6.26 34.15 4.26
CA SER K 32 7.19 34.63 5.28
C SER K 32 6.47 35.49 6.30
N TYR K 33 5.32 36.01 5.93
CA TYR K 33 4.56 36.95 6.78
C TYR K 33 3.50 36.22 7.57
N VAL K 34 3.49 34.90 7.49
CA VAL K 34 2.47 34.14 8.18
C VAL K 34 2.94 33.68 9.57
N ILE K 35 3.88 34.45 10.12
CA ILE K 35 4.45 34.22 11.44
C ILE K 35 5.42 33.01 11.46
N THR K 36 5.82 32.58 10.26
CA THR K 36 6.72 31.43 10.11
C THR K 36 8.20 31.82 10.27
N ASP K 37 9.08 30.96 9.77
CA ASP K 37 10.52 31.12 9.96
C ASP K 37 11.31 30.53 8.78
N LEU K 38 12.60 30.85 8.70
CA LEU K 38 13.41 30.42 7.55
C LEU K 38 13.32 28.93 7.28
N THR K 39 13.65 28.10 8.25
CA THR K 39 13.71 26.65 8.01
C THR K 39 12.35 26.04 7.62
N GLN K 40 11.25 26.45 8.28
CA GLN K 40 9.92 25.89 7.97
C GLN K 40 9.55 26.06 6.51
N LEU K 41 9.59 27.31 6.06
CA LEU K 41 9.28 27.66 4.68
C LEU K 41 10.06 26.84 3.67
N ARG K 42 11.23 26.35 4.05
CA ARG K 42 11.98 25.54 3.10
C ARG K 42 11.21 24.26 2.78
N LYS K 43 10.65 23.61 3.81
CA LYS K 43 9.76 22.48 3.58
C LYS K 43 8.65 22.96 2.65
N ILE K 44 7.75 23.76 3.21
CA ILE K 44 6.52 24.17 2.54
C ILE K 44 6.72 24.67 1.10
N LYS K 45 7.96 24.96 0.72
CA LYS K 45 8.28 25.41 -0.63
C LYS K 45 8.54 24.21 -1.53
N SER K 46 9.34 23.27 -1.02
CA SER K 46 9.65 22.06 -1.75
C SER K 46 8.42 21.44 -2.37
N MET K 47 7.34 21.45 -1.61
CA MET K 47 6.12 20.76 -2.00
C MET K 47 5.57 21.25 -3.34
N GLU K 48 5.96 22.45 -3.76
CA GLU K 48 5.41 23.03 -4.99
C GLU K 48 5.69 22.14 -6.20
N TRP K 49 6.95 21.72 -6.32
CA TRP K 49 7.42 20.95 -7.48
C TRP K 49 7.14 19.44 -7.40
N VAL K 50 5.96 19.11 -6.88
CA VAL K 50 5.52 17.74 -6.80
C VAL K 50 4.06 17.67 -7.27
N GLN K 51 3.69 16.56 -7.94
CA GLN K 51 2.37 16.36 -8.54
C GLN K 51 1.29 17.33 -8.05
N GLY K 52 1.17 18.46 -8.75
CA GLY K 52 0.18 19.49 -8.44
C GLY K 52 -0.35 19.46 -7.03
N VAL K 53 0.36 20.10 -6.10
CA VAL K 53 -0.14 20.25 -4.74
C VAL K 53 -0.02 21.70 -4.30
N SER K 54 -1.17 22.33 -4.16
CA SER K 54 -1.25 23.75 -3.82
C SER K 54 -0.38 24.12 -2.62
N ILE K 55 0.76 24.72 -2.93
CA ILE K 55 1.63 25.35 -1.95
C ILE K 55 0.89 26.28 -0.96
N THR K 56 -0.19 26.92 -1.42
CA THR K 56 -1.02 27.69 -0.51
C THR K 56 -1.95 26.78 0.24
N ARG K 57 -2.39 25.69 -0.43
CA ARG K 57 -3.19 24.65 0.19
C ARG K 57 -2.45 24.25 1.42
N GLU K 58 -1.23 23.76 1.22
CA GLU K 58 -0.46 23.31 2.36
C GLU K 58 -0.07 24.44 3.32
N LEU K 59 0.15 25.66 2.82
CA LEU K 59 0.44 26.77 3.73
C LEU K 59 -0.80 27.11 4.53
N LEU K 60 -1.95 27.11 3.87
CA LEU K 60 -3.18 27.47 4.55
C LEU K 60 -3.64 26.40 5.55
N TRP K 61 -3.64 25.14 5.14
CA TRP K 61 -3.99 24.05 6.02
C TRP K 61 -3.05 24.04 7.23
N TRP K 62 -1.77 24.35 7.00
CA TRP K 62 -0.78 24.40 8.09
C TRP K 62 -0.96 25.59 8.99
N TRP K 63 -1.63 26.62 8.51
CA TRP K 63 -1.98 27.71 9.40
C TRP K 63 -3.27 27.31 10.08
N GLY K 64 -4.03 26.43 9.42
CA GLY K 64 -5.19 25.81 10.03
C GLY K 64 -4.79 25.08 11.32
N MET K 65 -3.92 24.08 11.20
CA MET K 65 -3.40 23.36 12.36
C MET K 65 -3.01 24.23 13.57
N ARG K 66 -2.83 25.53 13.32
CA ARG K 66 -2.32 26.55 14.24
C ARG K 66 -3.46 27.44 14.77
N GLN K 67 -4.69 26.97 14.58
CA GLN K 67 -5.91 27.66 15.03
C GLN K 67 -6.12 29.05 14.42
N ALA K 68 -5.63 29.23 13.20
CA ALA K 68 -5.82 30.49 12.51
C ALA K 68 -7.29 30.76 12.21
N THR K 69 -7.73 32.00 12.44
CA THR K 69 -9.09 32.40 12.11
C THR K 69 -9.24 32.45 10.59
N VAL K 70 -10.27 33.15 10.13
CA VAL K 70 -10.49 33.43 8.71
C VAL K 70 -10.36 34.94 8.51
N GLN K 71 -10.59 35.67 9.59
CA GLN K 71 -10.48 37.12 9.60
C GLN K 71 -9.00 37.51 9.58
N GLN K 72 -8.13 36.54 9.82
CA GLN K 72 -6.69 36.77 9.79
C GLN K 72 -6.11 36.48 8.41
N LEU K 73 -6.86 35.71 7.64
CA LEU K 73 -6.50 35.44 6.27
C LEU K 73 -6.91 36.66 5.48
N VAL K 74 -8.10 37.18 5.74
CA VAL K 74 -8.54 38.37 5.02
C VAL K 74 -7.67 39.55 5.39
N ASP K 75 -7.43 39.71 6.68
CA ASP K 75 -6.56 40.76 7.17
C ASP K 75 -5.31 40.81 6.32
N LEU K 76 -4.60 39.69 6.27
CA LEU K 76 -3.30 39.59 5.63
C LEU K 76 -3.41 39.46 4.10
N LEU K 77 -4.60 39.64 3.56
CA LEU K 77 -4.75 39.68 2.11
C LEU K 77 -5.00 41.11 1.67
N CYS K 78 -5.04 42.00 2.66
CA CYS K 78 -5.12 43.43 2.44
C CYS K 78 -3.78 44.06 2.82
N ARG K 79 -3.37 43.80 4.06
CA ARG K 79 -2.10 44.27 4.59
C ARG K 79 -0.93 43.72 3.80
N LEU K 80 -1.24 43.13 2.64
CA LEU K 80 -0.21 42.62 1.76
C LEU K 80 -0.57 42.92 0.33
N GLU K 81 -1.67 43.65 0.15
CA GLU K 81 -2.06 44.21 -1.14
C GLU K 81 -2.44 43.14 -2.17
N LEU K 82 -2.77 41.96 -1.66
CA LEU K 82 -3.25 40.86 -2.50
C LEU K 82 -4.76 40.81 -2.45
N TYR K 83 -5.41 41.92 -2.78
CA TYR K 83 -6.87 41.99 -2.76
C TYR K 83 -7.42 40.97 -3.72
N ARG K 84 -6.75 40.83 -4.85
CA ARG K 84 -7.16 39.93 -5.91
C ARG K 84 -7.69 38.59 -5.39
N ALA K 85 -7.24 38.20 -4.20
CA ALA K 85 -7.64 36.96 -3.55
C ALA K 85 -8.84 37.14 -2.64
N ALA K 86 -8.66 37.94 -1.59
CA ALA K 86 -9.71 38.24 -0.63
C ALA K 86 -11.05 38.62 -1.28
N GLN K 87 -10.98 38.97 -2.56
CA GLN K 87 -12.19 39.33 -3.31
C GLN K 87 -13.16 38.16 -3.33
N ILE K 88 -12.62 36.96 -3.24
CA ILE K 88 -13.44 35.76 -3.27
C ILE K 88 -13.90 35.37 -1.88
N ILE K 89 -13.04 35.57 -0.89
CA ILE K 89 -13.36 35.21 0.49
C ILE K 89 -14.12 36.33 1.20
N LEU K 90 -14.67 37.24 0.42
CA LEU K 90 -15.64 38.21 0.92
C LEU K 90 -16.97 37.89 0.25
N ASN K 91 -16.90 37.07 -0.78
CA ASN K 91 -18.08 36.50 -1.42
C ASN K 91 -18.61 35.34 -0.59
N TRP K 92 -18.46 35.46 0.73
CA TRP K 92 -18.90 34.43 1.68
C TRP K 92 -19.18 35.05 3.05
N LYS K 93 -18.26 35.92 3.50
CA LYS K 93 -18.32 36.60 4.80
C LYS K 93 -18.60 35.72 6.02
N ALA L 1 -8.61 7.17 -35.59
CA ALA L 1 -8.71 8.41 -34.83
C ALA L 1 -10.13 8.99 -34.83
N CYS L 2 -10.31 10.14 -34.20
CA CYS L 2 -11.62 10.80 -34.09
C CYS L 2 -11.48 11.97 -33.08
N TYR L 3 -11.14 11.62 -31.85
CA TYR L 3 -10.98 12.57 -30.75
C TYR L 3 -9.52 12.77 -30.40
N ILE L 4 -9.20 13.93 -29.81
CA ILE L 4 -7.83 14.18 -29.38
C ILE L 4 -7.34 12.98 -28.57
N TYR L 5 -8.02 12.69 -27.47
CA TYR L 5 -7.59 11.61 -26.56
C TYR L 5 -7.58 10.18 -27.16
N GLN L 6 -8.01 10.07 -28.42
CA GLN L 6 -7.88 8.81 -29.15
C GLN L 6 -6.67 8.82 -30.10
N LEU L 7 -5.73 9.73 -29.89
CA LEU L 7 -4.47 9.68 -30.63
C LEU L 7 -3.57 8.62 -30.00
N PRO L 8 -3.03 7.71 -30.83
CA PRO L 8 -1.97 6.73 -30.51
C PRO L 8 -0.80 7.38 -29.80
N SER L 9 -0.32 6.77 -28.72
CA SER L 9 0.52 7.51 -27.80
C SER L 9 1.87 8.00 -28.35
N TRP L 10 2.30 7.42 -29.46
CA TRP L 10 3.54 7.88 -30.09
C TRP L 10 3.28 9.11 -30.94
N VAL L 11 2.17 9.07 -31.68
CA VAL L 11 1.67 10.20 -32.47
C VAL L 11 1.54 11.44 -31.61
N LEU L 12 1.07 11.22 -30.38
CA LEU L 12 0.91 12.27 -29.42
C LEU L 12 2.30 12.61 -28.90
N ASP L 13 3.16 11.60 -28.84
CA ASP L 13 4.54 11.81 -28.40
C ASP L 13 5.27 12.74 -29.38
N ASP L 14 5.32 12.36 -30.66
CA ASP L 14 5.94 13.19 -31.72
C ASP L 14 5.37 14.60 -31.76
N LEU L 15 4.12 14.72 -31.35
CA LEU L 15 3.39 15.98 -31.40
C LEU L 15 3.53 16.75 -30.08
N CYS L 16 3.99 16.07 -29.04
CA CYS L 16 4.33 16.77 -27.81
C CYS L 16 5.84 17.03 -27.77
N ARG L 17 6.51 16.71 -28.88
CA ARG L 17 7.89 17.11 -29.08
C ARG L 17 7.89 18.51 -29.69
N ASN L 18 6.97 18.74 -30.65
CA ASN L 18 6.74 20.08 -31.17
C ASN L 18 6.22 21.01 -30.09
N MET L 19 4.97 21.44 -30.20
CA MET L 19 4.38 22.40 -29.26
C MET L 19 5.07 22.54 -27.89
N ASP L 20 5.40 21.43 -27.25
CA ASP L 20 6.12 21.45 -25.97
C ASP L 20 7.33 22.40 -26.05
N ALA L 21 8.48 21.85 -26.40
CA ALA L 21 9.68 22.64 -26.62
C ALA L 21 9.56 23.36 -27.97
N LEU L 22 8.93 24.53 -27.96
CA LEU L 22 8.63 25.26 -29.19
C LEU L 22 8.26 26.72 -28.91
N SER L 23 9.28 27.55 -28.67
CA SER L 23 9.13 29.01 -28.57
C SER L 23 8.05 29.46 -27.62
N GLU L 24 8.45 29.87 -26.42
CA GLU L 24 7.53 30.33 -25.38
C GLU L 24 6.36 31.16 -25.93
N TRP L 25 6.53 31.69 -27.14
CA TRP L 25 5.50 32.48 -27.81
C TRP L 25 4.70 31.63 -28.82
N ASP L 26 5.41 30.91 -29.67
CA ASP L 26 4.77 30.08 -30.70
C ASP L 26 3.77 29.09 -30.08
N TRP L 27 4.06 28.66 -28.85
CA TRP L 27 3.14 27.80 -28.13
C TRP L 27 2.04 28.61 -27.44
N MET L 28 2.46 29.56 -26.60
CA MET L 28 1.57 30.31 -25.72
C MET L 28 0.35 30.88 -26.43
N GLU L 29 0.49 31.18 -27.72
CA GLU L 29 -0.64 31.78 -28.42
C GLU L 29 -1.44 30.71 -29.16
N PHE L 30 -0.97 29.47 -29.10
CA PHE L 30 -1.77 28.31 -29.51
C PHE L 30 -2.69 27.93 -28.36
N ALA L 31 -2.10 27.92 -27.18
CA ALA L 31 -2.87 27.66 -25.97
C ALA L 31 -3.98 28.70 -25.79
N SER L 32 -3.60 29.98 -25.71
CA SER L 32 -4.57 31.04 -25.49
C SER L 32 -5.65 30.95 -26.55
N TYR L 33 -5.35 30.23 -27.63
CA TYR L 33 -6.24 30.15 -28.78
C TYR L 33 -7.12 28.91 -28.69
N VAL L 34 -6.97 28.14 -27.62
CA VAL L 34 -7.72 26.88 -27.48
C VAL L 34 -9.07 27.08 -26.80
N ILE L 35 -9.60 28.30 -26.89
CA ILE L 35 -10.89 28.65 -26.28
C ILE L 35 -10.76 28.84 -24.76
N THR L 36 -9.52 28.91 -24.28
CA THR L 36 -9.24 29.00 -22.84
C THR L 36 -9.37 30.43 -22.33
N ASP L 37 -8.80 30.67 -21.15
CA ASP L 37 -8.89 31.97 -20.47
C ASP L 37 -7.66 32.24 -19.59
N LEU L 38 -7.50 33.50 -19.19
CA LEU L 38 -6.43 33.97 -18.30
C LEU L 38 -6.03 32.97 -17.23
N THR L 39 -6.95 32.75 -16.29
CA THR L 39 -6.66 31.98 -15.09
C THR L 39 -6.30 30.53 -15.36
N GLN L 40 -7.02 29.88 -16.27
CA GLN L 40 -6.79 28.45 -16.56
C GLN L 40 -5.36 28.17 -17.03
N LEU L 41 -4.95 28.86 -18.08
CA LEU L 41 -3.59 28.71 -18.59
C LEU L 41 -2.50 28.94 -17.55
N ARG L 42 -2.79 29.66 -16.47
CA ARG L 42 -1.78 29.83 -15.44
C ARG L 42 -1.45 28.48 -14.79
N LYS L 43 -2.47 27.67 -14.53
CA LYS L 43 -2.21 26.31 -14.08
C LYS L 43 -1.42 25.59 -15.17
N ILE L 44 -2.06 25.31 -16.30
CA ILE L 44 -1.44 24.47 -17.31
C ILE L 44 -0.04 24.91 -17.75
N LYS L 45 0.40 26.12 -17.39
CA LYS L 45 1.78 26.50 -17.70
C LYS L 45 2.71 26.08 -16.57
N SER L 46 2.26 26.26 -15.33
CA SER L 46 3.05 25.84 -14.18
C SER L 46 3.62 24.45 -14.38
N MET L 47 2.81 23.58 -14.97
CA MET L 47 3.13 22.17 -15.13
C MET L 47 4.45 21.95 -15.89
N GLU L 48 4.84 22.93 -16.69
CA GLU L 48 6.03 22.80 -17.53
C GLU L 48 7.27 22.47 -16.71
N TRP L 49 7.50 23.26 -15.67
CA TRP L 49 8.74 23.15 -14.90
C TRP L 49 8.64 22.12 -13.78
N VAL L 50 8.02 20.99 -14.08
CA VAL L 50 8.01 19.82 -13.18
C VAL L 50 8.43 18.59 -13.98
N GLN L 51 9.12 17.66 -13.31
CA GLN L 51 9.67 16.45 -13.94
C GLN L 51 9.06 16.09 -15.30
N GLY L 52 9.70 16.59 -16.36
CA GLY L 52 9.29 16.34 -17.73
C GLY L 52 7.85 15.91 -17.93
N VAL L 53 6.96 16.89 -18.04
CA VAL L 53 5.56 16.61 -18.32
C VAL L 53 5.02 17.53 -19.43
N SER L 54 4.77 16.93 -20.60
CA SER L 54 4.41 17.67 -21.80
C SER L 54 3.27 18.64 -21.53
N ILE L 55 3.64 19.90 -21.40
CA ILE L 55 2.69 20.98 -21.32
C ILE L 55 1.64 20.89 -22.43
N THR L 56 2.00 20.32 -23.58
CA THR L 56 1.03 20.15 -24.65
C THR L 56 0.26 18.85 -24.45
N ARG L 57 0.91 17.86 -23.84
CA ARG L 57 0.22 16.64 -23.35
C ARG L 57 -0.95 17.14 -22.55
N GLU L 58 -0.65 17.83 -21.46
CA GLU L 58 -1.67 18.35 -20.58
C GLU L 58 -2.67 19.25 -21.26
N LEU L 59 -2.22 20.09 -22.17
CA LEU L 59 -3.14 20.98 -22.85
C LEU L 59 -4.04 20.17 -23.79
N LEU L 60 -3.43 19.18 -24.43
CA LEU L 60 -4.14 18.34 -25.38
C LEU L 60 -5.17 17.41 -24.69
N TRP L 61 -4.73 16.72 -23.65
CA TRP L 61 -5.63 15.83 -22.94
C TRP L 61 -6.76 16.63 -22.29
N TRP L 62 -6.44 17.82 -21.77
CA TRP L 62 -7.48 18.70 -21.21
C TRP L 62 -8.39 19.29 -22.29
N TRP L 63 -7.98 19.31 -23.53
CA TRP L 63 -8.93 19.69 -24.54
C TRP L 63 -9.68 18.38 -24.93
N GLY L 64 -9.03 17.25 -24.70
CA GLY L 64 -9.68 15.94 -24.81
C GLY L 64 -10.93 15.93 -23.94
N MET L 65 -10.74 16.09 -22.62
CA MET L 65 -11.81 16.19 -21.63
C MET L 65 -13.02 17.01 -22.07
N ARG L 66 -12.82 17.90 -23.02
CA ARG L 66 -13.87 18.82 -23.44
C ARG L 66 -14.40 18.44 -24.84
N GLN L 67 -14.22 17.17 -25.20
CA GLN L 67 -14.80 16.56 -26.40
C GLN L 67 -14.26 17.12 -27.73
N ALA L 68 -13.01 17.56 -27.69
CA ALA L 68 -12.37 18.11 -28.88
C ALA L 68 -12.18 17.05 -29.94
N THR L 69 -12.50 17.37 -31.18
CA THR L 69 -12.22 16.45 -32.29
C THR L 69 -10.71 16.35 -32.51
N VAL L 70 -10.32 15.86 -33.70
CA VAL L 70 -8.93 15.82 -34.13
C VAL L 70 -8.80 16.74 -35.34
N GLN L 71 -9.94 16.97 -35.99
CA GLN L 71 -10.07 17.90 -37.10
C GLN L 71 -9.92 19.31 -36.58
N GLN L 72 -10.08 19.47 -35.27
CA GLN L 72 -9.99 20.78 -34.64
C GLN L 72 -8.57 21.06 -34.20
N LEU L 73 -7.80 20.01 -34.02
CA LEU L 73 -6.38 20.11 -33.75
C LEU L 73 -5.64 20.42 -35.04
N VAL L 74 -6.00 19.69 -36.10
CA VAL L 74 -5.49 19.94 -37.44
C VAL L 74 -5.77 21.38 -37.87
N ASP L 75 -7.03 21.77 -37.82
CA ASP L 75 -7.46 23.11 -38.18
C ASP L 75 -6.57 24.18 -37.57
N LEU L 76 -6.45 24.16 -36.26
CA LEU L 76 -5.70 25.16 -35.51
C LEU L 76 -4.20 24.86 -35.49
N LEU L 77 -3.74 23.96 -36.35
CA LEU L 77 -2.31 23.79 -36.55
C LEU L 77 -1.91 24.41 -37.90
N CYS L 78 -2.91 24.92 -38.61
CA CYS L 78 -2.69 25.67 -39.84
C CYS L 78 -3.08 27.14 -39.64
N ARG L 79 -4.29 27.37 -39.11
CA ARG L 79 -4.74 28.71 -38.76
C ARG L 79 -3.86 29.33 -37.66
N LEU L 80 -2.72 28.70 -37.38
CA LEU L 80 -1.75 29.22 -36.42
C LEU L 80 -0.34 29.08 -37.00
N GLU L 81 -0.27 28.60 -38.23
CA GLU L 81 0.98 28.56 -38.98
C GLU L 81 2.00 27.60 -38.39
N LEU L 82 1.53 26.68 -37.54
CA LEU L 82 2.39 25.66 -36.97
C LEU L 82 2.25 24.34 -37.76
N TYR L 83 2.50 24.41 -39.06
CA TYR L 83 2.39 23.26 -39.93
C TYR L 83 3.38 22.19 -39.48
N ARG L 84 4.54 22.66 -39.03
CA ARG L 84 5.61 21.79 -38.54
C ARG L 84 5.07 20.60 -37.73
N ALA L 85 3.93 20.78 -37.07
CA ALA L 85 3.30 19.75 -36.23
C ALA L 85 2.28 18.90 -36.98
N ALA L 86 1.21 19.51 -37.48
CA ALA L 86 0.18 18.80 -38.26
C ALA L 86 0.75 17.91 -39.37
N GLN L 87 2.02 18.15 -39.73
CA GLN L 87 2.73 17.33 -40.71
C GLN L 87 2.71 15.86 -40.30
N ILE L 88 2.66 15.64 -38.99
CA ILE L 88 2.71 14.31 -38.41
C ILE L 88 1.31 13.71 -38.27
N ILE L 89 0.36 14.55 -37.87
CA ILE L 89 -1.01 14.07 -37.69
C ILE L 89 -1.81 14.12 -38.99
N LEU L 90 -1.09 14.15 -40.10
CA LEU L 90 -1.70 13.88 -41.38
C LEU L 90 -1.07 12.62 -41.95
N ASN L 91 0.02 12.21 -41.32
CA ASN L 91 0.60 10.90 -41.55
C ASN L 91 -0.22 9.87 -40.80
N TRP L 92 -1.54 10.08 -40.79
CA TRP L 92 -2.45 9.25 -40.02
C TRP L 92 -3.85 9.34 -40.64
N LYS L 93 -4.32 10.58 -40.85
CA LYS L 93 -5.63 10.86 -41.45
C LYS L 93 -6.84 10.28 -40.68
N ALA M 1 36.61 1.73 -14.49
CA ALA M 1 35.73 2.33 -15.48
C ALA M 1 35.65 1.50 -16.77
N CYS M 2 34.93 2.01 -17.77
CA CYS M 2 34.72 1.31 -19.06
C CYS M 2 33.68 2.09 -19.88
N TYR M 3 32.46 2.17 -19.33
CA TYR M 3 31.35 2.89 -19.95
C TYR M 3 31.06 4.19 -19.23
N ILE M 4 30.44 5.13 -19.95
CA ILE M 4 30.09 6.41 -19.36
C ILE M 4 29.38 6.15 -18.05
N TYR M 5 28.28 5.42 -18.12
CA TYR M 5 27.44 5.15 -16.96
C TYR M 5 28.12 4.38 -15.83
N GLN M 6 29.35 3.91 -16.06
CA GLN M 6 30.15 3.32 -14.99
C GLN M 6 31.14 4.28 -14.32
N LEU M 7 30.95 5.58 -14.52
CA LEU M 7 31.74 6.58 -13.79
C LEU M 7 31.20 6.73 -12.38
N PRO M 8 32.11 6.68 -11.41
CA PRO M 8 31.83 6.90 -9.99
C PRO M 8 31.18 8.28 -9.82
N SER M 9 30.16 8.36 -8.98
CA SER M 9 29.27 9.52 -8.98
C SER M 9 29.90 10.87 -8.68
N TRP M 10 31.05 10.91 -8.03
CA TRP M 10 31.70 12.20 -7.76
C TRP M 10 32.55 12.64 -8.96
N VAL M 11 33.19 11.68 -9.61
CA VAL M 11 33.92 11.87 -10.85
C VAL M 11 33.00 12.48 -11.91
N LEU M 12 31.76 12.01 -11.95
CA LEU M 12 30.77 12.57 -12.85
C LEU M 12 30.24 13.88 -12.27
N ASP M 13 30.29 14.00 -10.95
CA ASP M 13 29.96 15.25 -10.25
C ASP M 13 30.90 16.36 -10.71
N ASP M 14 32.19 16.18 -10.45
CA ASP M 14 33.19 17.19 -10.82
C ASP M 14 33.23 17.45 -12.33
N LEU M 15 32.79 16.48 -13.13
CA LEU M 15 32.72 16.64 -14.58
C LEU M 15 31.39 17.27 -15.03
N CYS M 16 30.39 17.24 -14.17
CA CYS M 16 29.17 17.96 -14.48
C CYS M 16 29.18 19.33 -13.81
N ARG M 17 30.33 19.69 -13.25
CA ARG M 17 30.58 21.05 -12.79
C ARG M 17 31.11 21.83 -13.99
N ASN M 18 31.98 21.17 -14.77
CA ASN M 18 32.46 21.70 -16.03
C ASN M 18 31.32 21.92 -17.00
N MET M 19 31.31 21.08 -18.05
CA MET M 19 30.34 21.19 -19.14
C MET M 19 29.01 21.86 -18.78
N ASP M 20 28.46 21.50 -17.61
CA ASP M 20 27.25 22.11 -17.10
C ASP M 20 27.32 23.64 -17.20
N ALA M 21 27.78 24.27 -16.12
CA ALA M 21 28.02 25.71 -16.11
C ALA M 21 29.32 26.00 -16.86
N LEU M 22 29.23 26.12 -18.19
CA LEU M 22 30.40 26.31 -19.03
C LEU M 22 30.03 26.84 -20.41
N SER M 23 29.80 28.15 -20.49
CA SER M 23 29.66 28.82 -21.78
C SER M 23 28.59 28.20 -22.69
N GLU M 24 27.42 28.82 -22.74
CA GLU M 24 26.30 28.38 -23.58
C GLU M 24 26.75 27.86 -24.94
N TRP M 25 27.94 28.28 -25.36
CA TRP M 25 28.52 27.86 -26.64
C TRP M 25 29.50 26.71 -26.48
N ASP M 26 30.44 26.83 -25.55
CA ASP M 26 31.46 25.81 -25.39
C ASP M 26 30.86 24.46 -24.99
N TRP M 27 29.66 24.50 -24.39
CA TRP M 27 28.89 23.28 -24.14
C TRP M 27 28.12 22.86 -25.40
N MET M 28 27.26 23.75 -25.88
CA MET M 28 26.31 23.45 -26.94
C MET M 28 26.92 22.77 -28.17
N GLU M 29 28.20 23.02 -28.42
CA GLU M 29 28.86 22.45 -29.58
C GLU M 29 29.54 21.12 -29.23
N PHE M 30 29.57 20.80 -27.93
CA PHE M 30 29.97 19.46 -27.46
C PHE M 30 28.78 18.53 -27.62
N ALA M 31 27.63 19.03 -27.18
CA ALA M 31 26.39 18.29 -27.29
C ALA M 31 26.09 17.99 -28.75
N SER M 32 26.00 19.04 -29.57
CA SER M 32 25.72 18.86 -30.99
C SER M 32 26.73 17.91 -31.64
N TYR M 33 27.85 17.72 -30.97
CA TYR M 33 28.92 16.87 -31.48
C TYR M 33 28.85 15.44 -30.95
N VAL M 34 27.82 15.14 -30.14
CA VAL M 34 27.64 13.80 -29.53
C VAL M 34 26.91 12.84 -30.45
N ILE M 35 26.93 13.14 -31.74
CA ILE M 35 26.24 12.33 -32.76
C ILE M 35 24.72 12.51 -32.70
N THR M 36 24.28 13.55 -31.97
CA THR M 36 22.85 13.83 -31.84
C THR M 36 22.28 14.61 -33.04
N ASP M 37 21.12 15.23 -32.85
CA ASP M 37 20.38 15.89 -33.91
C ASP M 37 19.59 17.08 -33.38
N LEU M 38 19.12 17.95 -34.28
CA LEU M 38 18.45 19.19 -33.87
C LEU M 38 17.31 18.96 -32.87
N THR M 39 16.36 18.09 -33.22
CA THR M 39 15.19 17.83 -32.37
C THR M 39 15.55 17.35 -30.95
N GLN M 40 16.45 16.36 -30.86
CA GLN M 40 16.77 15.76 -29.57
C GLN M 40 17.35 16.75 -28.56
N LEU M 41 18.38 17.46 -28.95
CA LEU M 41 18.99 18.42 -28.04
C LEU M 41 18.03 19.53 -27.58
N ARG M 42 16.88 19.70 -28.27
CA ARG M 42 15.86 20.64 -27.79
C ARG M 42 15.32 20.15 -26.44
N LYS M 43 15.03 18.86 -26.34
CA LYS M 43 14.65 18.31 -25.05
C LYS M 43 15.80 18.55 -24.08
N ILE M 44 16.91 17.85 -24.29
CA ILE M 44 17.96 17.83 -23.28
C ILE M 44 18.51 19.22 -22.92
N LYS M 45 18.11 20.28 -23.63
CA LYS M 45 18.47 21.62 -23.19
C LYS M 45 17.42 22.18 -22.24
N SER M 46 16.15 21.92 -22.54
CA SER M 46 15.05 22.36 -21.68
C SER M 46 15.34 22.05 -20.22
N MET M 47 15.90 20.86 -20.00
CA MET M 47 16.11 20.37 -18.64
C MET M 47 16.99 21.27 -17.79
N GLU M 48 17.81 22.12 -18.42
CA GLU M 48 18.73 22.91 -17.59
C GLU M 48 18.00 23.84 -16.63
N TRP M 49 16.94 24.47 -17.12
CA TRP M 49 16.24 25.47 -16.34
C TRP M 49 15.16 24.83 -15.44
N VAL M 50 15.49 23.68 -14.87
CA VAL M 50 14.64 23.03 -13.87
C VAL M 50 15.50 22.65 -12.65
N GLN M 51 14.90 22.66 -11.47
CA GLN M 51 15.63 22.46 -10.20
C GLN M 51 16.95 21.71 -10.35
N GLY M 52 18.03 22.49 -10.47
CA GLY M 52 19.38 21.98 -10.61
C GLY M 52 19.50 20.55 -11.09
N VAL M 53 19.52 20.36 -12.41
CA VAL M 53 19.72 19.03 -12.97
C VAL M 53 20.75 19.10 -14.09
N SER M 54 21.91 18.53 -13.81
CA SER M 54 23.06 18.65 -14.71
C SER M 54 22.69 18.31 -16.15
N ILE M 55 22.61 19.33 -16.99
CA ILE M 55 22.40 19.15 -18.41
C ILE M 55 23.46 18.23 -19.03
N THR M 56 24.63 18.17 -18.42
CA THR M 56 25.65 17.24 -18.87
C THR M 56 25.46 15.87 -18.26
N ARG M 57 24.94 15.85 -17.03
CA ARG M 57 24.46 14.64 -16.36
C ARG M 57 23.58 13.93 -17.36
N GLU M 58 22.53 14.62 -17.75
CA GLU M 58 21.53 14.10 -18.67
C GLU M 58 22.06 13.81 -20.06
N LEU M 59 23.00 14.64 -20.52
CA LEU M 59 23.62 14.38 -21.83
C LEU M 59 24.55 13.17 -21.74
N LEU M 60 25.24 13.06 -20.61
CA LEU M 60 26.14 11.94 -20.37
C LEU M 60 25.43 10.61 -20.16
N TRP M 61 24.47 10.58 -19.24
CA TRP M 61 23.73 9.35 -19.01
C TRP M 61 23.01 8.90 -20.30
N TRP M 62 22.48 9.86 -21.07
CA TRP M 62 21.83 9.54 -22.37
C TRP M 62 22.82 9.01 -23.40
N TRP M 63 24.09 9.37 -23.27
CA TRP M 63 25.07 8.79 -24.14
C TRP M 63 25.36 7.41 -23.56
N GLY M 64 25.14 7.29 -22.24
CA GLY M 64 25.30 6.04 -21.53
C GLY M 64 24.39 5.02 -22.16
N MET M 65 23.11 5.35 -22.18
CA MET M 65 22.08 4.48 -22.75
C MET M 65 22.42 3.95 -24.13
N ARG M 66 23.31 4.64 -24.84
CA ARG M 66 23.68 4.18 -26.18
C ARG M 66 25.06 3.53 -26.23
N GLN M 67 25.48 2.93 -25.13
CA GLN M 67 26.70 2.11 -25.11
C GLN M 67 27.99 2.89 -25.31
N ALA M 68 27.99 4.15 -24.94
CA ALA M 68 29.16 4.97 -25.12
C ALA M 68 30.27 4.50 -24.19
N THR M 69 31.50 4.42 -24.69
CA THR M 69 32.64 4.07 -23.85
C THR M 69 32.96 5.24 -22.95
N VAL M 70 34.17 5.24 -22.40
CA VAL M 70 34.65 6.41 -21.66
C VAL M 70 35.87 7.00 -22.38
N GLN M 71 36.47 6.18 -23.24
CA GLN M 71 37.54 6.63 -24.12
C GLN M 71 36.98 7.54 -25.21
N GLN M 72 35.65 7.58 -25.35
CA GLN M 72 35.00 8.41 -26.36
C GLN M 72 34.59 9.72 -25.74
N LEU M 73 34.52 9.71 -24.42
CA LEU M 73 34.30 10.91 -23.65
C LEU M 73 35.61 11.67 -23.59
N VAL M 74 36.70 10.97 -23.28
CA VAL M 74 38.03 11.60 -23.27
C VAL M 74 38.40 12.12 -24.64
N ASP M 75 38.25 11.26 -25.65
CA ASP M 75 38.52 11.64 -27.03
C ASP M 75 37.90 13.00 -27.35
N LEU M 76 36.59 13.11 -27.16
CA LEU M 76 35.86 14.33 -27.51
C LEU M 76 35.93 15.40 -26.44
N LEU M 77 36.87 15.24 -25.50
CA LEU M 77 37.19 16.27 -24.53
C LEU M 77 38.49 16.96 -24.93
N CYS M 78 39.11 16.42 -25.97
CA CYS M 78 40.32 16.98 -26.52
C CYS M 78 40.03 17.51 -27.93
N ARG M 79 39.43 16.67 -28.78
CA ARG M 79 39.00 17.06 -30.11
C ARG M 79 37.95 18.17 -30.07
N LEU M 80 37.76 18.75 -28.89
CA LEU M 80 36.86 19.89 -28.72
C LEU M 80 37.52 20.94 -27.82
N GLU M 81 38.77 20.68 -27.47
CA GLU M 81 39.60 21.65 -26.77
C GLU M 81 39.10 21.99 -25.35
N LEU M 82 38.28 21.09 -24.81
CA LEU M 82 37.79 21.20 -23.43
C LEU M 82 38.62 20.33 -22.49
N TYR M 83 39.93 20.54 -22.49
CA TYR M 83 40.84 19.76 -21.64
C TYR M 83 40.47 19.98 -20.19
N ARG M 84 40.06 21.21 -19.89
CA ARG M 84 39.67 21.61 -18.54
C ARG M 84 38.90 20.50 -17.82
N ALA M 85 38.16 19.70 -18.57
CA ALA M 85 37.34 18.63 -17.99
C ALA M 85 38.08 17.28 -17.94
N ALA M 86 38.51 16.78 -19.10
CA ALA M 86 39.23 15.52 -19.20
C ALA M 86 40.39 15.42 -18.21
N GLN M 87 40.83 16.56 -17.69
CA GLN M 87 41.93 16.52 -16.74
C GLN M 87 41.54 15.81 -15.45
N ILE M 88 40.23 15.70 -15.21
CA ILE M 88 39.70 14.99 -14.07
C ILE M 88 39.52 13.50 -14.36
N ILE M 89 39.05 13.22 -15.57
CA ILE M 89 38.77 11.85 -15.98
C ILE M 89 40.03 11.15 -16.52
N LEU M 90 41.19 11.73 -16.20
CA LEU M 90 42.46 11.08 -16.45
C LEU M 90 43.11 10.84 -15.10
N ASN M 91 42.56 11.50 -14.09
CA ASN M 91 42.87 11.21 -12.71
C ASN M 91 42.10 9.96 -12.24
N TRP M 92 41.98 9.01 -13.16
CA TRP M 92 41.24 7.78 -12.95
C TRP M 92 41.78 6.70 -13.88
N LYS M 93 41.90 7.06 -15.16
CA LYS M 93 42.30 6.17 -16.26
C LYS M 93 41.64 4.77 -16.34
N ALA N 1 18.18 36.53 16.91
CA ALA N 1 19.10 36.18 15.83
C ALA N 1 20.41 35.61 16.36
N CYS N 2 21.33 35.30 15.45
CA CYS N 2 22.66 34.75 15.77
C CYS N 2 23.37 34.28 14.50
N TYR N 3 22.75 33.31 13.82
CA TYR N 3 23.27 32.76 12.57
C TYR N 3 22.49 33.30 11.39
N ILE N 4 23.11 33.31 10.22
CA ILE N 4 22.43 33.68 8.98
C ILE N 4 21.07 33.00 8.89
N TYR N 5 21.09 31.67 8.89
CA TYR N 5 19.87 30.87 8.71
C TYR N 5 18.85 31.01 9.84
N GLN N 6 19.19 31.79 10.87
CA GLN N 6 18.21 32.13 11.90
C GLN N 6 17.58 33.51 11.70
N LEU N 7 17.72 34.05 10.49
CA LEU N 7 17.02 35.28 10.14
C LEU N 7 15.55 34.96 9.85
N PRO N 8 14.64 35.72 10.47
CA PRO N 8 13.20 35.64 10.22
C PRO N 8 12.93 35.88 8.74
N SER N 9 12.04 35.10 8.14
CA SER N 9 11.98 35.01 6.69
C SER N 9 11.61 36.30 5.94
N TRP N 10 11.02 37.27 6.64
CA TRP N 10 10.70 38.55 6.01
C TRP N 10 11.94 39.43 5.96
N VAL N 11 12.69 39.42 7.06
CA VAL N 11 13.96 40.12 7.16
C VAL N 11 14.93 39.68 6.08
N LEU N 12 14.91 38.37 5.82
CA LEU N 12 15.74 37.84 4.75
C LEU N 12 15.08 38.16 3.41
N ASP N 13 13.75 38.30 3.43
CA ASP N 13 13.04 38.70 2.23
C ASP N 13 13.42 40.13 1.82
N ASP N 14 13.24 41.09 2.72
CA ASP N 14 13.64 42.48 2.48
C ASP N 14 15.11 42.57 2.09
N LEU N 15 15.90 41.63 2.60
CA LEU N 15 17.34 41.60 2.34
C LEU N 15 17.67 40.85 1.04
N CYS N 16 16.74 40.05 0.56
CA CYS N 16 16.92 39.39 -0.73
C CYS N 16 16.28 40.24 -1.82
N ARG N 17 15.79 41.42 -1.43
CA ARG N 17 15.28 42.40 -2.40
C ARG N 17 16.43 43.27 -2.85
N ASN N 18 17.30 43.61 -1.90
CA ASN N 18 18.54 44.32 -2.18
C ASN N 18 19.47 43.45 -3.03
N MET N 19 20.53 42.92 -2.42
CA MET N 19 21.55 42.17 -3.15
C MET N 19 21.06 41.41 -4.40
N ASP N 20 19.89 40.77 -4.31
CA ASP N 20 19.30 40.10 -5.47
C ASP N 20 19.31 41.00 -6.70
N ALA N 21 18.23 41.75 -6.90
CA ALA N 21 18.17 42.75 -7.94
C ALA N 21 18.98 43.97 -7.50
N LEU N 22 20.29 43.93 -7.76
CA LEU N 22 21.19 44.98 -7.32
C LEU N 22 22.53 44.94 -8.07
N SER N 23 22.54 45.49 -9.28
CA SER N 23 23.76 45.69 -10.07
C SER N 23 24.63 44.44 -10.18
N GLU N 24 24.61 43.81 -11.35
CA GLU N 24 25.34 42.57 -11.55
C GLU N 24 26.78 42.66 -11.04
N TRP N 25 27.27 43.87 -10.79
CA TRP N 25 28.58 43.97 -10.17
C TRP N 25 28.56 44.26 -8.67
N ASP N 26 27.67 45.13 -8.21
CA ASP N 26 27.59 45.46 -6.77
C ASP N 26 27.28 44.18 -5.99
N TRP N 27 26.65 43.24 -6.68
CA TRP N 27 26.34 41.93 -6.15
C TRP N 27 27.59 41.05 -6.25
N MET N 28 28.01 40.82 -7.48
CA MET N 28 29.01 39.80 -7.81
C MET N 28 30.27 39.88 -6.97
N GLU N 29 30.61 41.06 -6.51
CA GLU N 29 31.84 41.16 -5.74
C GLU N 29 31.57 41.13 -4.24
N PHE N 30 30.30 41.04 -3.85
CA PHE N 30 30.01 40.64 -2.48
C PHE N 30 30.08 39.12 -2.41
N ALA N 31 29.54 38.47 -3.44
CA ALA N 31 29.59 37.03 -3.54
C ALA N 31 31.03 36.56 -3.54
N SER N 32 31.79 37.05 -4.52
CA SER N 32 33.19 36.68 -4.66
C SER N 32 33.92 36.91 -3.35
N TYR N 33 33.36 37.75 -2.50
CA TYR N 33 34.06 38.11 -1.27
C TYR N 33 33.49 37.39 -0.04
N VAL N 34 32.64 36.38 -0.30
CA VAL N 34 32.06 35.51 0.73
C VAL N 34 32.96 34.32 1.09
N ILE N 35 34.26 34.45 0.77
CA ILE N 35 35.25 33.41 1.02
C ILE N 35 35.11 32.27 0.00
N THR N 36 34.35 32.51 -1.07
CA THR N 36 34.08 31.53 -2.11
C THR N 36 35.22 31.40 -3.12
N ASP N 37 34.92 30.81 -4.28
CA ASP N 37 35.91 30.50 -5.32
C ASP N 37 35.27 30.53 -6.72
N LEU N 38 36.09 30.58 -7.77
CA LEU N 38 35.59 30.69 -9.14
C LEU N 38 34.51 29.66 -9.47
N THR N 39 34.82 28.38 -9.31
CA THR N 39 33.91 27.28 -9.67
C THR N 39 32.55 27.39 -9.00
N GLN N 40 32.59 27.60 -7.68
CA GLN N 40 31.39 27.60 -6.85
C GLN N 40 30.36 28.63 -7.32
N LEU N 41 30.78 29.88 -7.38
CA LEU N 41 29.87 30.94 -7.79
C LEU N 41 29.27 30.72 -9.19
N ARG N 42 29.89 29.85 -9.99
CA ARG N 42 29.32 29.48 -11.29
C ARG N 42 27.94 28.87 -11.09
N LYS N 43 27.86 27.91 -10.18
CA LYS N 43 26.57 27.32 -9.81
C LYS N 43 25.68 28.44 -9.31
N ILE N 44 25.99 28.96 -8.14
CA ILE N 44 25.09 29.91 -7.47
C ILE N 44 24.66 31.11 -8.32
N LYS N 45 25.30 31.35 -9.45
CA LYS N 45 24.82 32.43 -10.31
C LYS N 45 23.78 31.87 -11.30
N SER N 46 24.02 30.67 -11.84
CA SER N 46 23.08 30.03 -12.76
C SER N 46 21.65 30.09 -12.20
N MET N 47 21.52 29.92 -10.89
CA MET N 47 20.21 29.86 -10.23
C MET N 47 19.37 31.12 -10.45
N GLU N 48 20.01 32.25 -10.75
CA GLU N 48 19.27 33.50 -10.86
C GLU N 48 18.19 33.41 -11.92
N TRP N 49 18.55 32.90 -13.09
CA TRP N 49 17.61 32.93 -14.20
C TRP N 49 16.74 31.65 -14.28
N VAL N 50 16.23 31.27 -13.10
CA VAL N 50 15.20 30.24 -12.94
C VAL N 50 14.08 30.80 -12.07
N GLN N 51 12.86 30.37 -12.36
CA GLN N 51 11.66 30.77 -11.63
C GLN N 51 11.92 31.50 -10.31
N GLY N 52 12.08 32.83 -10.39
CA GLY N 52 12.32 33.67 -9.23
C GLY N 52 12.89 32.98 -8.00
N VAL N 53 14.21 32.85 -7.95
CA VAL N 53 14.87 32.29 -6.77
C VAL N 53 16.01 33.19 -6.33
N SER N 54 15.83 33.83 -5.17
CA SER N 54 16.79 34.81 -4.68
C SER N 54 18.20 34.24 -4.69
N ILE N 55 18.98 34.68 -5.67
CA ILE N 55 20.38 34.31 -5.74
C ILE N 55 21.13 34.75 -4.46
N THR N 56 20.59 35.72 -3.74
CA THR N 56 21.14 36.08 -2.45
C THR N 56 20.57 35.14 -1.37
N ARG N 57 19.31 34.72 -1.56
CA ARG N 57 18.70 33.66 -0.76
C ARG N 57 19.65 32.47 -0.71
N GLU N 58 19.95 31.93 -1.90
CA GLU N 58 20.84 30.78 -1.98
C GLU N 58 22.29 31.10 -1.59
N LEU N 59 22.77 32.30 -1.83
CA LEU N 59 24.12 32.66 -1.37
C LEU N 59 24.12 32.76 0.16
N LEU N 60 23.05 33.32 0.72
CA LEU N 60 22.88 33.47 2.17
C LEU N 60 22.74 32.13 2.90
N TRP N 61 21.77 31.34 2.45
CA TRP N 61 21.52 30.03 3.03
C TRP N 61 22.79 29.17 2.94
N TRP N 62 23.50 29.25 1.80
CA TRP N 62 24.76 28.51 1.60
C TRP N 62 25.88 28.98 2.51
N TRP N 63 25.84 30.23 2.94
CA TRP N 63 26.81 30.71 3.93
C TRP N 63 26.28 30.24 5.28
N GLY N 64 24.96 30.06 5.36
CA GLY N 64 24.33 29.49 6.53
C GLY N 64 24.94 28.12 6.79
N MET N 65 24.81 27.24 5.81
CA MET N 65 25.37 25.89 5.86
C MET N 65 26.81 25.83 6.40
N ARG N 66 27.55 26.93 6.30
CA ARG N 66 28.93 26.95 6.79
C ARG N 66 29.12 27.75 8.08
N GLN N 67 28.07 27.79 8.88
CA GLN N 67 28.12 28.32 10.25
C GLN N 67 28.40 29.83 10.30
N ALA N 68 28.00 30.55 9.26
CA ALA N 68 28.18 31.99 9.23
C ALA N 68 27.36 32.66 10.32
N THR N 69 27.96 33.61 11.02
CA THR N 69 27.20 34.37 12.00
C THR N 69 26.25 35.33 11.29
N VAL N 70 25.81 36.36 12.00
CA VAL N 70 24.99 37.41 11.42
C VAL N 70 25.79 38.71 11.50
N GLN N 71 26.74 38.74 12.42
CA GLN N 71 27.63 39.87 12.57
C GLN N 71 28.66 39.87 11.44
N GLN N 72 28.70 38.78 10.68
CA GLN N 72 29.62 38.65 9.55
C GLN N 72 28.91 39.08 8.28
N LEU N 73 27.59 39.06 8.33
CA LEU N 73 26.81 39.59 7.22
C LEU N 73 26.78 41.09 7.34
N VAL N 74 26.57 41.58 8.56
CA VAL N 74 26.57 43.02 8.78
C VAL N 74 27.96 43.60 8.49
N ASP N 75 28.98 42.96 9.03
CA ASP N 75 30.37 43.31 8.76
C ASP N 75 30.56 43.58 7.29
N LEU N 76 30.27 42.57 6.48
CA LEU N 76 30.54 42.63 5.05
C LEU N 76 29.45 43.34 4.26
N LEU N 77 28.59 44.06 4.98
CA LEU N 77 27.61 44.94 4.36
C LEU N 77 28.05 46.40 4.50
N CYS N 78 29.14 46.60 5.23
CA CYS N 78 29.75 47.91 5.39
C CYS N 78 31.08 47.91 4.67
N ARG N 79 31.91 46.91 4.97
CA ARG N 79 33.21 46.75 4.31
C ARG N 79 33.04 46.48 2.80
N LEU N 80 31.83 46.67 2.30
CA LEU N 80 31.52 46.53 0.88
C LEU N 80 30.66 47.69 0.43
N GLU N 81 30.38 48.61 1.35
CA GLU N 81 29.74 49.87 0.99
C GLU N 81 28.26 49.68 0.60
N LEU N 82 27.70 48.51 0.92
CA LEU N 82 26.29 48.25 0.67
C LEU N 82 25.45 48.44 1.93
N TYR N 83 25.53 49.64 2.49
CA TYR N 83 24.76 49.96 3.69
C TYR N 83 23.30 49.81 3.40
N ARG N 84 22.91 50.18 2.19
CA ARG N 84 21.51 50.10 1.74
C ARG N 84 20.79 48.87 2.29
N ALA N 85 21.54 47.79 2.50
CA ALA N 85 20.97 46.54 2.97
C ALA N 85 21.03 46.39 4.50
N ALA N 86 22.22 46.45 5.07
CA ALA N 86 22.37 46.28 6.52
C ALA N 86 21.50 47.26 7.31
N GLN N 87 20.97 48.27 6.62
CA GLN N 87 20.07 49.22 7.27
C GLN N 87 18.82 48.52 7.78
N ILE N 88 18.47 47.37 7.17
CA ILE N 88 17.33 46.58 7.63
C ILE N 88 17.73 45.60 8.73
N ILE N 89 18.92 45.01 8.59
CA ILE N 89 19.40 44.01 9.55
C ILE N 89 20.01 44.67 10.78
N LEU N 90 19.74 45.96 10.96
CA LEU N 90 20.09 46.64 12.19
C LEU N 90 18.79 47.08 12.84
N ASN N 91 17.72 47.00 12.05
CA ASN N 91 16.35 47.13 12.54
C ASN N 91 15.93 45.83 13.23
N TRP N 92 16.89 45.19 13.88
CA TRP N 92 16.67 43.91 14.53
C TRP N 92 17.71 43.71 15.64
N LYS N 93 18.98 43.95 15.31
CA LYS N 93 20.12 43.83 16.23
C LYS N 93 20.24 42.48 16.96
#